data_8D7W
#
_entry.id   8D7W
#
_cell.length_a   1.00
_cell.length_b   1.00
_cell.length_c   1.00
_cell.angle_alpha   90.00
_cell.angle_beta   90.00
_cell.angle_gamma   90.00
#
_symmetry.space_group_name_H-M   'P 1'
#
loop_
_entity.id
_entity.type
_entity.pdbx_description
1 polymer 'DNA damage-binding protein 1'
2 polymer 'Protein cereblon'
3 non-polymer 'ZINC ION'
4 non-polymer Mezigdomide
#
loop_
_entity_poly.entity_id
_entity_poly.type
_entity_poly.pdbx_seq_one_letter_code
_entity_poly.pdbx_strand_id
1 'polypeptide(L)'
;MSYNYVVTAQKPTAVNGCVTGHFTSAEDLNLLIAKNTRLEIYVVTAEGLRPVKEVGMYGKIAVMELFRPKGESKDLLFIL
TAKYNACILEYKQSGESIDIITRAHGNVQDRIGRPSETGIIGIIDPECRMIGLRLYDGLFKVIPLDRDNKELKAFNIRLE
ELHVIDVKFLYGCQAPTICFVYQDPQGRHVKTYEVSLREKEFNKGPWKQENVEAEASMVIAVPEPFGGAIIIGQESITYH
NGDKYLAIAPPIIKQSTIVCHNRVDPNGSRYLLGDMEGRLFMLLLEKEEQMDGTVTLKDLRVELLGETSIAECLTYLDNG
VVFVGSRLGDSQLVKLNVDSNEQGSYVVAMETFTNLGPIVDMCVVDLERQGQGQLVTCSGAFKEGSLRIIRNGIGIHEHA
SIDLPGIKGLWPLRSDPNRETDDTLVLSFVGQTRVLMLNGEEVEETELMGFVDDQQTFFCGNVAHQQLIQITSASVRLVS
QEPKALVSEWKEPQAKNISVASCNSSQVVVAVGRALYYLQIHPQELRQISHTEMEHEVACLDITPLGDSNGLSPLCAIGL
WTDISARILKLPSFELLHKEMLGGEIIPRSILMTTFESSHYLLCALGDGALFYFGLNIETGLLSDRKKVTLGTQPTVLRT
FRSLSTTNVFACSDRPTVIYSSNHKLVFSNVNLKEVNYMCPLNSDGYPDSLALANNSTLTIGTIDEIQKLHIRTVPLYES
PRKICYQEVSQCFGVLSSRIEVQDTSGGTTALRPSASTQALSSSVSSSKLFSSSTAPHETSFGEEVEVHNLLIIDQHTFE
VLHAHQFLQNEYALSLVSCKLGKDPNTYFIVGTAMVYPEEAEPKQGRIVVFQYSDGKLQTVAEKEVKGAVYSMVEFNGKL
LASINSTVRLYEWTTEKELRTECNHYNNIMALYLKTKGDFILVGDLMRSVLLLAYKPMEGNFEEIARDFNPNWMSAVEIL
DDDNFLGAENAFNLFVCQKDSAATTDEERQHLQEVGLFHLGEFVNVFCHGSLVMQNLGETSTPTQGSVLFGTVNGMIGLV
TSLSESWYNLLLDMQNRLNKVIKSVGKIEHSFWRSFHTERKTEPATGFIDGDLIESFLDISRPKMQEVVANLQYDDGSGM
KREATADDLIKVVEELTRIH
;
A
2 'polypeptide(L)'
;MAGEGDQQDAAHNMGNHLPLLPAESEEEDEMEVEDQDSKEAKKPNIINFDTSLPTSHTYLGADMEEFHGRTLHDDDSCQV
IPVLPQVMMILIPGQTLPLQLFHPQEVSMVRNLIQKDRTFAVLAYSNVQEREAQFGTTAEIYAYREEQDFGIEIVKVKAI
GRQRFKVLELRTQSDGIQQAKVQILPECVLPSTMSAVQLESLNKCQIFPSKPVSREDQCSYKWWQKYQKRKFHCANLTSW
PRWLYSLYDAETLMDRIKKQLREWDENLKDDSLPSNPIDFSYRVAACLPIDDVLRIQLLKIGSAIQRLRCELDIMNKCTS
LCCKQCQETEITTKNEIFSLSLCGPMAAYVNPHGYVHETLTVYKACNLNLIGRPSTEHSWFPGYAWTVAQCKICASHIGW
KFTATKKDMSPQKFWGLTRSALLPTIPDTEDEISPDKVILCL
;
B
#
loop_
_chem_comp.id
_chem_comp.type
_chem_comp.name
_chem_comp.formula
QFC non-polymer Mezigdomide 'C32 H30 F N5 O4'
ZN non-polymer 'ZINC ION' 'Zn 2'
#
# COMPACT_ATOMS: atom_id res chain seq x y z
N MET A 1 -9.53 -17.07 15.96
CA MET A 1 -10.29 -18.00 15.14
C MET A 1 -10.24 -17.60 13.67
N SER A 2 -9.15 -16.95 13.27
CA SER A 2 -8.95 -16.55 11.87
C SER A 2 -7.92 -17.42 11.17
N TYR A 3 -6.70 -17.47 11.69
CA TYR A 3 -5.65 -18.35 11.20
C TYR A 3 -5.35 -18.09 9.73
N ASN A 4 -4.86 -16.89 9.44
CA ASN A 4 -4.58 -16.49 8.08
C ASN A 4 -3.11 -16.72 7.73
N TYR A 5 -2.84 -16.77 6.44
CA TYR A 5 -1.51 -17.02 5.90
C TYR A 5 -1.26 -15.98 4.81
N VAL A 6 -0.29 -15.10 5.04
CA VAL A 6 0.00 -14.00 4.14
C VAL A 6 1.39 -14.20 3.53
N VAL A 7 1.47 -14.04 2.21
CA VAL A 7 2.70 -14.24 1.47
C VAL A 7 2.83 -13.14 0.42
N THR A 8 4.06 -12.90 -0.03
CA THR A 8 4.34 -11.93 -1.08
C THR A 8 4.55 -12.66 -2.39
N ALA A 9 3.68 -12.39 -3.37
CA ALA A 9 3.81 -12.99 -4.69
C ALA A 9 4.71 -12.20 -5.61
N GLN A 10 4.95 -10.92 -5.32
CA GLN A 10 5.84 -10.11 -6.14
C GLN A 10 6.44 -9.04 -5.23
N LYS A 11 7.77 -9.06 -5.10
CA LYS A 11 8.44 -8.17 -4.16
C LYS A 11 8.30 -6.72 -4.60
N PRO A 12 8.31 -5.77 -3.67
CA PRO A 12 8.12 -4.37 -4.04
C PRO A 12 9.18 -3.87 -5.00
N THR A 13 8.77 -2.94 -5.87
CA THR A 13 9.62 -2.45 -6.94
C THR A 13 9.99 -0.99 -6.82
N ALA A 14 9.17 -0.18 -6.15
CA ALA A 14 9.47 1.24 -6.03
C ALA A 14 10.73 1.47 -5.22
N VAL A 15 11.56 2.41 -5.67
CA VAL A 15 12.85 2.69 -5.06
C VAL A 15 12.71 3.94 -4.19
N ASN A 16 13.18 3.86 -2.95
CA ASN A 16 13.15 5.00 -2.04
C ASN A 16 14.53 5.25 -1.45
N GLY A 17 15.57 5.09 -2.26
CA GLY A 17 16.92 5.36 -1.80
C GLY A 17 17.98 4.54 -2.52
N CYS A 18 19.10 5.18 -2.86
CA CYS A 18 20.19 4.48 -3.51
C CYS A 18 21.50 5.20 -3.18
N VAL A 19 22.55 4.42 -2.93
CA VAL A 19 23.87 4.95 -2.66
C VAL A 19 24.88 4.22 -3.54
N THR A 20 26.05 4.83 -3.68
CA THR A 20 27.18 4.22 -4.39
C THR A 20 28.41 4.25 -3.51
N GLY A 21 29.26 3.25 -3.69
CA GLY A 21 30.50 3.22 -2.94
C GLY A 21 31.17 1.86 -2.99
N HIS A 22 32.32 1.79 -2.35
CA HIS A 22 33.11 0.58 -2.27
C HIS A 22 32.62 -0.22 -1.06
N PHE A 23 31.57 -1.01 -1.30
CA PHE A 23 30.91 -1.80 -0.26
C PHE A 23 31.36 -3.25 -0.24
N THR A 24 31.27 -3.94 -1.39
CA THR A 24 31.74 -5.31 -1.47
C THR A 24 33.26 -5.38 -1.37
N SER A 25 33.97 -4.47 -2.02
CA SER A 25 35.42 -4.43 -1.93
C SER A 25 35.90 -3.01 -2.23
N ALA A 26 37.12 -2.73 -1.78
CA ALA A 26 37.67 -1.39 -1.90
C ALA A 26 37.90 -0.95 -3.34
N GLU A 27 38.14 -1.90 -4.24
CA GLU A 27 38.38 -1.56 -5.64
C GLU A 27 37.11 -1.52 -6.47
N ASP A 28 36.11 -2.29 -6.10
CA ASP A 28 34.88 -2.37 -6.89
C ASP A 28 33.95 -1.22 -6.48
N LEU A 29 33.11 -0.81 -7.42
CA LEU A 29 32.13 0.26 -7.20
C LEU A 29 30.73 -0.34 -7.26
N ASN A 30 29.98 -0.19 -6.17
CA ASN A 30 28.67 -0.82 -6.04
C ASN A 30 27.58 0.22 -5.88
N LEU A 31 26.38 -0.19 -6.30
CA LEU A 31 25.17 0.60 -6.19
C LEU A 31 24.21 -0.17 -5.28
N LEU A 32 23.97 0.35 -4.09
CA LEU A 32 23.02 -0.24 -3.16
C LEU A 32 21.67 0.45 -3.32
N ILE A 33 20.64 -0.32 -3.64
CA ILE A 33 19.29 0.20 -3.86
C ILE A 33 18.37 -0.42 -2.82
N ALA A 34 17.66 0.43 -2.09
CA ALA A 34 16.67 -0.03 -1.13
C ALA A 34 15.29 0.25 -1.71
N LYS A 35 14.50 -0.81 -1.88
CA LYS A 35 13.17 -0.63 -2.42
C LYS A 35 12.11 -0.51 -1.35
N ASN A 36 12.25 -1.27 -0.26
CA ASN A 36 11.41 -1.12 0.93
C ASN A 36 11.99 -1.97 2.04
N THR A 37 11.63 -3.25 2.06
CA THR A 37 12.24 -4.23 2.95
C THR A 37 13.41 -4.95 2.30
N ARG A 38 13.68 -4.67 1.03
CA ARG A 38 14.71 -5.36 0.27
C ARG A 38 15.87 -4.43 -0.01
N LEU A 39 17.09 -4.95 0.17
CA LEU A 39 18.31 -4.23 -0.14
C LEU A 39 19.03 -5.00 -1.23
N GLU A 40 19.26 -4.35 -2.37
CA GLU A 40 19.92 -4.97 -3.51
C GLU A 40 21.28 -4.33 -3.71
N ILE A 41 22.31 -5.17 -3.80
CA ILE A 41 23.66 -4.71 -4.04
C ILE A 41 24.01 -5.11 -5.47
N TYR A 42 24.17 -4.10 -6.32
CA TYR A 42 24.60 -4.26 -7.70
C TYR A 42 26.04 -3.78 -7.83
N VAL A 43 26.64 -4.12 -8.97
CA VAL A 43 28.01 -3.71 -9.30
C VAL A 43 27.95 -2.89 -10.57
N VAL A 44 28.52 -1.69 -10.52
CA VAL A 44 28.52 -0.80 -11.68
C VAL A 44 29.68 -1.17 -12.58
N THR A 45 29.38 -1.46 -13.85
CA THR A 45 30.39 -1.79 -14.84
C THR A 45 30.14 -0.98 -16.10
N ALA A 46 31.00 -1.16 -17.10
CA ALA A 46 30.89 -0.40 -18.34
C ALA A 46 29.58 -0.73 -19.07
N GLU A 47 29.21 -2.01 -19.13
CA GLU A 47 28.00 -2.40 -19.83
C GLU A 47 26.75 -1.93 -19.07
N GLY A 48 26.75 -2.05 -17.75
CA GLY A 48 25.61 -1.63 -16.96
C GLY A 48 25.69 -2.10 -15.53
N LEU A 49 24.56 -2.60 -15.00
CA LEU A 49 24.48 -3.06 -13.62
C LEU A 49 24.47 -4.58 -13.58
N ARG A 50 25.37 -5.16 -12.81
CA ARG A 50 25.39 -6.60 -12.59
C ARG A 50 24.90 -6.89 -11.19
N PRO A 51 23.72 -7.48 -11.02
CA PRO A 51 23.24 -7.77 -9.66
C PRO A 51 24.16 -8.74 -8.95
N VAL A 52 24.32 -8.51 -7.65
CA VAL A 52 25.23 -9.30 -6.83
C VAL A 52 24.47 -9.96 -5.69
N LYS A 53 23.79 -9.16 -4.87
CA LYS A 53 23.16 -9.76 -3.69
C LYS A 53 21.79 -9.13 -3.47
N GLU A 54 20.85 -9.96 -3.04
CA GLU A 54 19.51 -9.53 -2.66
C GLU A 54 19.27 -9.95 -1.22
N VAL A 55 18.97 -8.99 -0.34
CA VAL A 55 18.82 -9.27 1.08
C VAL A 55 17.48 -8.73 1.55
N GLY A 56 16.75 -9.53 2.33
CA GLY A 56 15.50 -9.10 2.92
C GLY A 56 15.71 -8.75 4.39
N MET A 57 15.45 -7.50 4.72
CA MET A 57 15.60 -7.03 6.09
C MET A 57 14.24 -6.93 6.78
N TYR A 58 14.25 -7.14 8.10
CA TYR A 58 13.04 -7.13 8.90
C TYR A 58 12.65 -5.69 9.25
N GLY A 59 12.33 -4.92 8.22
CA GLY A 59 11.92 -3.55 8.43
C GLY A 59 11.90 -2.78 7.13
N LYS A 60 11.47 -1.53 7.22
CA LYS A 60 11.47 -0.60 6.10
C LYS A 60 12.68 0.32 6.22
N ILE A 61 13.48 0.38 5.16
CA ILE A 61 14.69 1.20 5.17
C ILE A 61 14.27 2.66 5.09
N ALA A 62 14.35 3.37 6.21
CA ALA A 62 14.08 4.80 6.19
C ALA A 62 15.33 5.63 5.95
N VAL A 63 16.47 5.18 6.47
CA VAL A 63 17.76 5.84 6.27
C VAL A 63 18.80 4.78 5.93
N MET A 64 19.57 5.02 4.87
CA MET A 64 20.71 4.18 4.56
C MET A 64 21.87 5.05 4.13
N GLU A 65 23.05 4.79 4.68
CA GLU A 65 24.25 5.54 4.33
C GLU A 65 25.46 4.62 4.34
N LEU A 66 26.45 4.97 3.54
CA LEU A 66 27.72 4.26 3.47
C LEU A 66 28.80 5.13 4.11
N PHE A 67 29.47 4.59 5.12
CA PHE A 67 30.54 5.32 5.80
C PHE A 67 31.72 4.39 6.00
N ARG A 68 32.93 4.96 5.87
CA ARG A 68 34.17 4.22 6.09
C ARG A 68 34.94 4.89 7.21
N PRO A 69 34.88 4.36 8.43
CA PRO A 69 35.68 4.92 9.53
C PRO A 69 37.15 4.57 9.38
N LYS A 70 37.96 5.14 10.26
CA LYS A 70 39.40 4.93 10.18
C LYS A 70 39.74 3.47 10.45
N GLY A 71 40.78 3.00 9.78
CA GLY A 71 41.21 1.62 9.94
C GLY A 71 40.34 0.59 9.27
N GLU A 72 39.58 0.98 8.24
CA GLU A 72 38.67 0.08 7.55
C GLU A 72 39.05 -0.01 6.08
N SER A 73 38.90 -1.19 5.50
CA SER A 73 39.28 -1.41 4.11
C SER A 73 38.18 -0.98 3.15
N LYS A 74 36.93 -1.30 3.46
CA LYS A 74 35.81 -0.95 2.60
C LYS A 74 34.68 -0.38 3.46
N ASP A 75 33.77 0.35 2.79
CA ASP A 75 32.73 1.07 3.50
C ASP A 75 31.76 0.11 4.18
N LEU A 76 31.26 0.54 5.34
CA LEU A 76 30.21 -0.15 6.06
C LEU A 76 28.87 0.54 5.79
N LEU A 77 27.78 -0.19 6.01
CA LEU A 77 26.45 0.30 5.69
C LEU A 77 25.65 0.51 6.97
N PHE A 78 25.14 1.71 7.16
CA PHE A 78 24.31 2.02 8.33
C PHE A 78 22.87 2.16 7.86
N ILE A 79 21.98 1.35 8.42
CA ILE A 79 20.58 1.30 8.01
C ILE A 79 19.71 1.55 9.23
N LEU A 80 18.74 2.45 9.08
CA LEU A 80 17.75 2.70 10.11
C LEU A 80 16.38 2.29 9.60
N THR A 81 15.62 1.60 10.45
CA THR A 81 14.29 1.13 10.12
C THR A 81 13.24 2.14 10.60
N ALA A 82 12.08 2.14 9.93
CA ALA A 82 10.98 3.01 10.35
C ALA A 82 10.53 2.73 11.78
N LYS A 83 10.81 1.53 12.30
CA LYS A 83 10.59 1.22 13.70
C LYS A 83 11.81 1.53 14.56
N TYR A 84 12.77 2.28 14.02
CA TYR A 84 13.94 2.75 14.76
C TYR A 84 14.86 1.60 15.17
N ASN A 85 15.05 0.65 14.26
CA ASN A 85 15.97 -0.46 14.46
C ASN A 85 17.28 -0.14 13.75
N ALA A 86 18.10 0.68 14.39
CA ALA A 86 19.36 1.07 13.78
C ALA A 86 20.32 -0.11 13.74
N CYS A 87 21.09 -0.20 12.67
CA CYS A 87 22.06 -1.29 12.55
C CYS A 87 23.19 -0.85 11.63
N ILE A 88 24.34 -1.48 11.84
CA ILE A 88 25.53 -1.28 11.02
C ILE A 88 25.97 -2.65 10.52
N LEU A 89 26.02 -2.80 9.19
CA LEU A 89 26.27 -4.05 8.50
C LEU A 89 27.55 -3.97 7.68
N GLU A 90 28.15 -5.15 7.48
CA GLU A 90 29.42 -5.28 6.75
C GLU A 90 29.29 -6.41 5.74
N TYR A 91 29.76 -6.16 4.52
CA TYR A 91 29.78 -7.18 3.48
C TYR A 91 30.98 -8.10 3.68
N LYS A 92 30.74 -9.42 3.62
CA LYS A 92 31.80 -10.40 3.80
C LYS A 92 31.55 -11.56 2.86
N GLN A 93 32.49 -11.81 1.94
CA GLN A 93 32.38 -12.89 0.97
C GLN A 93 33.65 -13.71 0.99
N SER A 94 33.50 -15.03 0.93
CA SER A 94 34.62 -15.97 0.93
C SER A 94 34.48 -16.89 -0.28
N GLY A 95 34.99 -16.43 -1.42
CA GLY A 95 34.98 -17.22 -2.63
C GLY A 95 33.61 -17.32 -3.28
N GLU A 96 32.70 -18.06 -2.66
CA GLU A 96 31.36 -18.27 -3.20
C GLU A 96 30.24 -17.92 -2.23
N SER A 97 30.49 -17.92 -0.92
CA SER A 97 29.46 -17.64 0.07
C SER A 97 29.37 -16.15 0.33
N ILE A 98 28.16 -15.61 0.19
CA ILE A 98 27.89 -14.19 0.42
C ILE A 98 27.05 -14.07 1.69
N ASP A 99 27.60 -13.37 2.68
CA ASP A 99 26.89 -13.12 3.93
C ASP A 99 27.16 -11.70 4.37
N ILE A 100 26.14 -11.03 4.89
CA ILE A 100 26.27 -9.69 5.43
C ILE A 100 26.24 -9.79 6.94
N ILE A 101 27.38 -9.55 7.56
CA ILE A 101 27.54 -9.64 9.01
C ILE A 101 27.11 -8.33 9.64
N THR A 102 26.41 -8.41 10.77
CA THR A 102 25.91 -7.24 11.47
C THR A 102 26.98 -6.75 12.44
N ARG A 103 27.60 -5.61 12.12
CA ARG A 103 28.60 -5.05 13.01
C ARG A 103 27.99 -4.55 14.31
N ALA A 104 26.84 -3.90 14.22
CA ALA A 104 26.17 -3.39 15.42
C ALA A 104 24.67 -3.34 15.20
N HIS A 105 23.92 -3.33 16.29
CA HIS A 105 22.47 -3.29 16.18
C HIS A 105 21.89 -2.71 17.46
N GLY A 106 20.72 -2.10 17.33
CA GLY A 106 20.05 -1.55 18.49
C GLY A 106 18.85 -0.68 18.15
N ASN A 107 17.81 -0.77 18.97
CA ASN A 107 16.68 0.15 18.87
C ASN A 107 17.05 1.50 19.45
N VAL A 108 16.72 2.57 18.73
CA VAL A 108 17.09 3.91 19.13
C VAL A 108 15.87 4.80 19.37
N GLN A 109 14.70 4.20 19.56
CA GLN A 109 13.51 4.98 19.82
C GLN A 109 13.53 5.52 21.26
N ASP A 110 12.70 6.54 21.48
CA ASP A 110 12.52 7.12 22.81
C ASP A 110 11.17 6.71 23.37
N ARG A 111 11.09 6.66 24.70
CA ARG A 111 9.85 6.28 25.36
C ARG A 111 8.75 7.29 25.04
N ILE A 112 9.06 8.57 25.14
CA ILE A 112 8.07 9.63 24.93
C ILE A 112 8.61 10.61 23.89
N GLY A 113 7.72 11.09 23.02
CA GLY A 113 8.10 12.04 22.01
C GLY A 113 7.31 11.92 20.72
N ARG A 114 6.88 13.05 20.18
CA ARG A 114 6.16 13.06 18.92
C ARG A 114 7.13 13.00 17.75
N PRO A 115 6.97 12.06 16.81
CA PRO A 115 7.87 12.01 15.66
C PRO A 115 7.77 13.28 14.83
N SER A 116 8.92 13.67 14.25
CA SER A 116 9.02 14.95 13.55
C SER A 116 8.10 14.99 12.35
N GLU A 117 7.53 16.17 12.09
CA GLU A 117 6.65 16.33 10.94
C GLU A 117 7.41 16.24 9.62
N THR A 118 8.65 16.72 9.59
CA THR A 118 9.45 16.61 8.39
C THR A 118 9.88 15.16 8.15
N GLY A 119 10.02 14.37 9.21
CA GLY A 119 10.35 12.96 9.06
C GLY A 119 11.75 12.66 9.55
N ILE A 120 12.12 11.40 9.38
CA ILE A 120 13.40 10.90 9.88
C ILE A 120 14.53 11.46 9.03
N ILE A 121 15.54 12.04 9.68
CA ILE A 121 16.73 12.53 9.03
C ILE A 121 17.94 11.84 9.65
N GLY A 122 18.73 11.17 8.82
CA GLY A 122 19.91 10.46 9.29
C GLY A 122 21.16 10.90 8.58
N ILE A 123 22.12 11.46 9.31
CA ILE A 123 23.32 12.03 8.72
C ILE A 123 24.54 11.50 9.46
N ILE A 124 25.67 11.44 8.74
CA ILE A 124 26.91 10.92 9.29
C ILE A 124 28.00 11.96 9.10
N ASP A 125 28.82 12.14 10.13
CA ASP A 125 29.93 13.07 10.07
C ASP A 125 30.90 12.64 8.97
N PRO A 126 31.31 13.54 8.08
CA PRO A 126 32.27 13.15 7.03
C PRO A 126 33.56 12.57 7.57
N GLU A 127 33.98 12.94 8.78
CA GLU A 127 35.15 12.32 9.39
C GLU A 127 34.82 11.02 10.12
N CYS A 128 33.55 10.60 10.09
CA CYS A 128 33.12 9.32 10.66
C CYS A 128 33.37 9.27 12.17
N ARG A 129 32.79 10.26 12.86
CA ARG A 129 32.90 10.35 14.31
C ARG A 129 31.57 10.22 15.03
N MET A 130 30.45 10.37 14.33
CA MET A 130 29.13 10.38 14.98
C MET A 130 28.07 10.09 13.94
N ILE A 131 26.90 9.68 14.42
CA ILE A 131 25.71 9.56 13.58
C ILE A 131 24.62 10.40 14.24
N GLY A 132 24.07 11.35 13.49
CA GLY A 132 23.05 12.24 13.98
C GLY A 132 21.70 11.89 13.37
N LEU A 133 20.71 11.70 14.24
CA LEU A 133 19.36 11.34 13.83
C LEU A 133 18.40 12.36 14.40
N ARG A 134 17.54 12.90 13.55
CA ARG A 134 16.51 13.83 13.98
C ARG A 134 15.20 13.05 13.87
N LEU A 135 14.86 12.34 14.93
CA LEU A 135 13.64 11.54 14.96
C LEU A 135 12.47 12.26 15.61
N TYR A 136 12.73 13.10 16.61
CA TYR A 136 11.69 13.71 17.41
C TYR A 136 11.90 15.22 17.47
N ASP A 137 10.81 15.96 17.60
CA ASP A 137 10.88 17.41 17.59
C ASP A 137 11.62 17.92 18.82
N GLY A 138 12.59 18.82 18.59
CA GLY A 138 13.34 19.40 19.68
C GLY A 138 14.36 18.49 20.32
N LEU A 139 14.65 17.34 19.74
CA LEU A 139 15.62 16.41 20.28
C LEU A 139 16.50 15.90 19.14
N PHE A 140 17.80 16.14 19.24
CA PHE A 140 18.76 15.63 18.27
C PHE A 140 19.48 14.44 18.91
N LYS A 141 19.36 13.26 18.30
CA LYS A 141 19.92 12.04 18.86
C LYS A 141 21.29 11.78 18.24
N VAL A 142 22.28 11.50 19.07
CA VAL A 142 23.64 11.30 18.62
C VAL A 142 24.11 9.92 19.06
N ILE A 143 24.62 9.15 18.10
CA ILE A 143 25.21 7.83 18.30
C ILE A 143 26.71 7.95 18.09
N PRO A 144 27.53 7.81 19.12
CA PRO A 144 28.98 7.79 18.91
C PRO A 144 29.42 6.58 18.11
N LEU A 145 30.49 6.74 17.34
CA LEU A 145 31.07 5.67 16.53
C LEU A 145 32.39 5.24 17.15
N ASP A 146 32.34 4.14 17.90
CA ASP A 146 33.54 3.51 18.44
C ASP A 146 33.41 2.01 18.25
N ARG A 147 34.55 1.33 18.15
CA ARG A 147 34.53 -0.11 17.96
C ARG A 147 33.87 -0.83 19.13
N ASP A 148 33.94 -0.26 20.33
CA ASP A 148 33.33 -0.87 21.51
C ASP A 148 31.84 -0.60 21.61
N ASN A 149 31.30 0.35 20.84
CA ASN A 149 29.87 0.68 20.89
C ASN A 149 29.12 -0.27 19.96
N LYS A 150 29.02 -1.52 20.41
CA LYS A 150 28.35 -2.57 19.64
C LYS A 150 26.86 -2.67 19.93
N GLU A 151 26.34 -1.87 20.87
CA GLU A 151 24.92 -1.85 21.17
C GLU A 151 24.25 -0.57 20.70
N LEU A 152 24.98 0.35 20.09
CA LEU A 152 24.45 1.60 19.58
C LEU A 152 23.73 2.39 20.68
N LYS A 153 24.51 2.78 21.69
CA LYS A 153 24.00 3.64 22.74
C LYS A 153 24.02 5.09 22.26
N ALA A 154 22.91 5.79 22.42
CA ALA A 154 22.75 7.13 21.90
C ALA A 154 22.32 8.08 23.01
N PHE A 155 22.68 9.35 22.85
CA PHE A 155 22.27 10.37 23.80
C PHE A 155 21.56 11.50 23.09
N ASN A 156 20.60 12.11 23.77
CA ASN A 156 19.79 13.17 23.20
C ASN A 156 20.34 14.54 23.57
N ILE A 157 20.21 15.50 22.66
CA ILE A 157 20.59 16.88 22.88
C ILE A 157 19.38 17.75 22.63
N ARG A 158 19.17 18.75 23.49
CA ARG A 158 18.03 19.64 23.37
C ARG A 158 18.27 20.66 22.27
N LEU A 159 17.29 20.82 21.38
CA LEU A 159 17.36 21.75 20.28
C LEU A 159 16.29 22.83 20.47
N GLU A 160 16.73 24.09 20.48
CA GLU A 160 15.81 25.17 20.80
C GLU A 160 14.84 25.49 19.67
N GLU A 161 15.21 25.20 18.42
CA GLU A 161 14.36 25.45 17.26
C GLU A 161 13.60 24.16 16.95
N LEU A 162 12.29 24.17 17.22
CA LEU A 162 11.51 22.94 17.13
C LEU A 162 11.40 22.46 15.70
N HIS A 163 11.18 23.37 14.75
CA HIS A 163 10.87 23.01 13.37
C HIS A 163 12.14 23.13 12.53
N VAL A 164 12.78 22.00 12.28
CA VAL A 164 13.98 21.94 11.45
C VAL A 164 13.61 21.31 10.12
N ILE A 165 13.84 22.05 9.04
CA ILE A 165 13.47 21.56 7.71
C ILE A 165 14.51 20.57 7.19
N ASP A 166 15.77 21.01 7.11
CA ASP A 166 16.85 20.15 6.64
C ASP A 166 18.11 20.44 7.43
N VAL A 167 18.83 19.37 7.78
CA VAL A 167 20.06 19.46 8.55
C VAL A 167 21.10 18.54 7.92
N LYS A 168 22.34 19.02 7.84
CA LYS A 168 23.43 18.21 7.30
C LYS A 168 24.74 18.62 7.96
N PHE A 169 25.71 17.72 7.91
CA PHE A 169 27.04 18.00 8.45
C PHE A 169 27.88 18.73 7.40
N LEU A 170 28.59 19.75 7.85
CA LEU A 170 29.46 20.50 6.97
C LEU A 170 30.81 19.80 6.81
N TYR A 171 31.46 20.09 5.69
CA TYR A 171 32.78 19.54 5.40
C TYR A 171 33.84 20.59 5.69
N GLY A 172 34.93 20.16 6.33
CA GLY A 172 36.05 21.04 6.57
C GLY A 172 35.97 21.77 7.90
N CYS A 173 35.55 21.06 8.94
CA CYS A 173 35.47 21.63 10.28
C CYS A 173 36.28 20.77 11.24
N GLN A 174 37.05 21.43 12.10
CA GLN A 174 37.87 20.71 13.08
C GLN A 174 37.01 19.95 14.08
N ALA A 175 35.84 20.48 14.40
CA ALA A 175 34.88 19.82 15.27
C ALA A 175 33.61 19.50 14.50
N PRO A 176 32.89 18.45 14.89
CA PRO A 176 31.64 18.12 14.17
C PRO A 176 30.66 19.27 14.15
N THR A 177 30.37 19.79 12.97
CA THR A 177 29.51 20.95 12.80
C THR A 177 28.29 20.57 11.99
N ILE A 178 27.11 20.90 12.50
CA ILE A 178 25.87 20.71 11.77
C ILE A 178 25.38 22.07 11.30
N CYS A 179 24.66 22.06 10.18
CA CYS A 179 24.08 23.24 9.58
C CYS A 179 22.67 22.89 9.15
N PHE A 180 21.70 23.72 9.54
CA PHE A 180 20.30 23.38 9.32
C PHE A 180 19.50 24.65 9.05
N VAL A 181 18.34 24.45 8.44
CA VAL A 181 17.37 25.52 8.21
C VAL A 181 16.17 25.26 9.09
N TYR A 182 15.74 26.29 9.83
CA TYR A 182 14.62 26.17 10.74
C TYR A 182 13.60 27.26 10.47
N GLN A 183 12.39 27.01 10.92
CA GLN A 183 11.26 27.92 10.74
C GLN A 183 10.95 28.62 12.06
N ASP A 184 10.68 29.92 11.98
CA ASP A 184 10.35 30.80 13.08
C ASP A 184 9.18 31.62 12.57
N PRO A 185 8.33 32.15 13.45
CA PRO A 185 7.31 33.10 12.96
C PRO A 185 7.90 34.32 12.28
N GLN A 186 9.16 34.66 12.56
CA GLN A 186 9.82 35.75 11.84
C GLN A 186 10.31 35.36 10.46
N GLY A 187 10.29 34.08 10.10
CA GLY A 187 10.68 33.62 8.79
C GLY A 187 11.53 32.37 8.88
N ARG A 188 12.31 32.11 7.84
CA ARG A 188 13.18 30.95 7.80
C ARG A 188 14.63 31.39 7.97
N HIS A 189 15.39 30.62 8.76
CA HIS A 189 16.76 30.99 9.07
C HIS A 189 17.65 29.76 8.95
N VAL A 190 18.94 30.00 8.69
CA VAL A 190 19.95 28.95 8.67
C VAL A 190 20.89 29.16 9.84
N LYS A 191 21.14 28.08 10.59
CA LYS A 191 21.97 28.16 11.79
C LYS A 191 22.91 26.96 11.82
N THR A 192 24.02 27.13 12.51
CA THR A 192 25.03 26.08 12.65
C THR A 192 25.35 25.84 14.11
N TYR A 193 25.69 24.61 14.42
CA TYR A 193 26.06 24.20 15.77
C TYR A 193 27.35 23.37 15.70
N GLU A 194 28.12 23.40 16.78
CA GLU A 194 29.35 22.64 16.88
C GLU A 194 29.12 21.57 17.94
N VAL A 195 28.72 20.38 17.49
CA VAL A 195 28.38 19.30 18.42
C VAL A 195 29.65 18.76 19.05
N SER A 196 29.68 18.69 20.37
CA SER A 196 30.82 18.19 21.13
C SER A 196 30.45 16.88 21.79
N LEU A 197 31.25 15.84 21.53
CA LEU A 197 30.96 14.52 22.09
C LEU A 197 31.35 14.41 23.56
N ARG A 198 32.35 15.18 23.99
CA ARG A 198 32.87 15.01 25.34
C ARG A 198 31.87 15.48 26.39
N GLU A 199 31.30 16.67 26.22
CA GLU A 199 30.36 17.22 27.19
C GLU A 199 28.90 17.04 26.76
N LYS A 200 28.67 16.52 25.56
CA LYS A 200 27.35 16.03 25.14
C LYS A 200 26.31 17.15 25.02
N GLU A 201 26.72 18.29 24.47
CA GLU A 201 25.79 19.38 24.17
C GLU A 201 26.30 20.16 22.97
N PHE A 202 25.48 21.11 22.53
CA PHE A 202 25.81 21.96 21.39
C PHE A 202 26.81 23.05 21.80
N ASN A 203 27.19 23.87 20.84
CA ASN A 203 28.06 25.02 21.07
C ASN A 203 27.68 26.11 20.09
N LYS A 204 28.53 27.14 19.99
CA LYS A 204 28.30 28.23 19.05
C LYS A 204 28.82 27.84 17.68
N GLY A 205 28.02 28.09 16.64
CA GLY A 205 28.37 27.72 15.30
C GLY A 205 29.49 28.57 14.72
N PRO A 206 30.18 28.04 13.71
CA PRO A 206 31.26 28.83 13.08
C PRO A 206 30.79 30.14 12.50
N TRP A 207 29.60 30.18 11.92
CA TRP A 207 29.05 31.40 11.34
C TRP A 207 27.60 31.56 11.76
N LYS A 208 27.24 32.80 12.10
CA LYS A 208 25.98 33.08 12.76
C LYS A 208 24.79 32.82 11.83
N GLN A 209 23.59 33.05 12.36
CA GLN A 209 22.38 32.86 11.59
C GLN A 209 22.29 33.91 10.49
N GLU A 210 21.89 33.46 9.29
CA GLU A 210 21.68 34.34 8.15
C GLU A 210 20.27 34.11 7.63
N ASN A 211 19.53 35.20 7.43
CA ASN A 211 18.20 35.10 6.87
C ASN A 211 18.28 34.59 5.43
N VAL A 212 17.40 33.64 5.10
CA VAL A 212 17.40 33.01 3.78
C VAL A 212 16.04 33.20 3.13
N GLU A 213 15.88 32.64 1.94
CA GLU A 213 14.63 32.75 1.21
C GLU A 213 13.47 32.17 2.02
N ALA A 214 12.27 32.69 1.76
CA ALA A 214 11.09 32.25 2.49
C ALA A 214 10.73 30.79 2.23
N GLU A 215 11.32 30.17 1.21
CA GLU A 215 11.04 28.78 0.87
C GLU A 215 12.33 27.99 0.78
N ALA A 216 13.29 28.29 1.63
CA ALA A 216 14.53 27.50 1.69
C ALA A 216 14.18 26.06 2.02
N SER A 217 14.39 25.15 1.07
CA SER A 217 13.91 23.79 1.19
C SER A 217 15.00 22.78 1.54
N MET A 218 16.10 22.78 0.81
CA MET A 218 17.07 21.71 0.94
C MET A 218 18.48 22.28 1.12
N VAL A 219 19.29 21.54 1.88
CA VAL A 219 20.65 21.94 2.22
C VAL A 219 21.60 20.90 1.65
N ILE A 220 22.61 21.33 0.92
CA ILE A 220 23.64 20.44 0.41
C ILE A 220 25.00 20.94 0.87
N ALA A 221 25.81 20.03 1.39
CA ALA A 221 27.11 20.40 1.94
C ALA A 221 28.17 20.29 0.86
N VAL A 222 28.74 21.42 0.47
CA VAL A 222 29.81 21.44 -0.53
C VAL A 222 31.10 20.96 0.12
N PRO A 223 31.74 19.92 -0.41
CA PRO A 223 32.95 19.40 0.23
C PRO A 223 34.16 20.27 0.00
N GLU A 224 35.32 19.80 0.46
CA GLU A 224 36.55 20.55 0.31
C GLU A 224 36.90 20.67 -1.19
N PRO A 225 37.59 21.75 -1.58
CA PRO A 225 38.11 22.81 -0.70
C PRO A 225 37.14 23.95 -0.49
N PHE A 226 35.96 23.88 -1.11
CA PHE A 226 35.05 25.01 -1.10
C PHE A 226 34.45 25.23 0.29
N GLY A 227 33.94 24.15 0.90
CA GLY A 227 33.32 24.25 2.21
C GLY A 227 31.97 24.93 2.16
N GLY A 228 31.43 25.19 3.34
CA GLY A 228 30.17 25.90 3.44
C GLY A 228 28.99 25.02 3.04
N ALA A 229 27.86 25.69 2.81
CA ALA A 229 26.63 24.99 2.48
C ALA A 229 25.88 25.75 1.39
N ILE A 230 25.14 25.00 0.58
CA ILE A 230 24.32 25.57 -0.48
C ILE A 230 22.86 25.31 -0.11
N ILE A 231 22.08 26.38 -0.08
CA ILE A 231 20.67 26.32 0.29
C ILE A 231 19.87 26.47 -1.00
N ILE A 232 18.99 25.52 -1.27
CA ILE A 232 18.16 25.53 -2.47
C ILE A 232 16.71 25.68 -2.06
N GLY A 233 16.06 26.72 -2.60
CA GLY A 233 14.65 26.94 -2.40
C GLY A 233 13.89 26.94 -3.70
N GLN A 234 12.70 27.54 -3.73
CA GLN A 234 11.89 27.51 -4.94
C GLN A 234 12.43 28.46 -6.01
N GLU A 235 12.96 29.61 -5.62
CA GLU A 235 13.31 30.66 -6.58
C GLU A 235 14.76 31.10 -6.49
N SER A 236 15.57 30.51 -5.63
CA SER A 236 16.95 30.95 -5.47
C SER A 236 17.83 29.78 -5.06
N ILE A 237 19.11 29.89 -5.40
CA ILE A 237 20.15 28.99 -4.93
C ILE A 237 21.23 29.85 -4.31
N THR A 238 21.52 29.62 -3.03
CA THR A 238 22.46 30.45 -2.29
C THR A 238 23.62 29.61 -1.78
N TYR A 239 24.75 30.26 -1.59
CA TYR A 239 25.93 29.64 -0.99
C TYR A 239 26.37 30.49 0.19
N HIS A 240 26.60 29.81 1.32
CA HIS A 240 26.95 30.43 2.60
C HIS A 240 28.22 29.78 3.12
N ASN A 241 29.21 30.60 3.50
CA ASN A 241 30.40 30.07 4.16
C ASN A 241 30.89 31.00 5.27
N GLY A 242 30.03 31.85 5.81
CA GLY A 242 30.45 32.83 6.78
C GLY A 242 30.57 34.21 6.16
N ASP A 243 31.80 34.65 5.93
CA ASP A 243 32.01 35.89 5.20
C ASP A 243 31.52 35.79 3.76
N LYS A 244 31.73 34.63 3.14
CA LYS A 244 31.28 34.42 1.76
C LYS A 244 29.77 34.26 1.71
N TYR A 245 29.17 34.83 0.67
CA TYR A 245 27.72 34.73 0.45
C TYR A 245 27.42 35.07 -1.00
N LEU A 246 26.67 34.21 -1.67
CA LEU A 246 26.18 34.55 -2.99
C LEU A 246 24.81 33.92 -3.21
N ALA A 247 24.05 34.49 -4.13
CA ALA A 247 22.74 33.96 -4.48
C ALA A 247 22.53 34.11 -5.97
N ILE A 248 21.69 33.24 -6.54
CA ILE A 248 21.29 33.32 -7.94
C ILE A 248 19.78 33.23 -8.03
N ALA A 249 19.25 33.72 -9.15
CA ALA A 249 17.81 33.67 -9.45
C ALA A 249 17.61 33.24 -10.89
N PRO A 250 17.92 31.99 -11.22
CA PRO A 250 17.74 31.53 -12.61
C PRO A 250 16.27 31.31 -12.91
N PRO A 251 15.83 31.58 -14.15
CA PRO A 251 14.42 31.43 -14.48
C PRO A 251 14.01 30.02 -14.87
N ILE A 252 14.96 29.13 -15.19
CA ILE A 252 14.59 27.78 -15.62
C ILE A 252 14.13 26.89 -14.50
N ILE A 253 14.38 27.26 -13.24
CA ILE A 253 14.00 26.44 -12.09
C ILE A 253 12.76 26.99 -11.38
N LYS A 254 12.16 28.06 -11.89
CA LYS A 254 10.96 28.59 -11.27
C LYS A 254 9.73 27.73 -11.57
N GLN A 255 9.78 26.89 -12.60
CA GLN A 255 8.61 26.09 -12.97
C GLN A 255 8.28 25.08 -11.88
N SER A 256 9.28 24.41 -11.32
CA SER A 256 9.05 23.41 -10.30
C SER A 256 10.21 23.41 -9.32
N THR A 257 9.94 22.88 -8.12
CA THR A 257 10.91 22.90 -7.04
C THR A 257 11.82 21.68 -7.10
N ILE A 258 13.08 21.88 -6.72
CA ILE A 258 14.06 20.80 -6.67
C ILE A 258 13.80 19.97 -5.42
N VAL A 259 13.72 18.65 -5.58
CA VAL A 259 13.41 17.76 -4.48
C VAL A 259 14.49 16.72 -4.22
N CYS A 260 15.56 16.69 -5.02
CA CYS A 260 16.60 15.69 -4.85
C CYS A 260 17.90 16.22 -5.41
N HIS A 261 19.00 15.60 -5.01
CA HIS A 261 20.33 16.03 -5.44
C HIS A 261 21.28 14.86 -5.33
N ASN A 262 22.43 14.99 -5.99
CA ASN A 262 23.50 14.02 -5.87
C ASN A 262 24.78 14.63 -6.43
N ARG A 263 25.85 14.62 -5.62
CA ARG A 263 27.13 15.12 -6.07
C ARG A 263 27.71 14.22 -7.15
N VAL A 264 28.35 14.83 -8.15
CA VAL A 264 28.92 14.07 -9.25
C VAL A 264 30.45 14.14 -9.27
N ASP A 265 31.06 15.05 -8.53
CA ASP A 265 32.51 15.18 -8.50
C ASP A 265 33.03 14.99 -7.07
N PRO A 266 34.18 14.35 -6.90
CA PRO A 266 34.75 14.24 -5.54
C PRO A 266 35.04 15.58 -4.90
N ASN A 267 35.37 16.60 -5.68
CA ASN A 267 35.66 17.93 -5.17
C ASN A 267 34.43 18.82 -5.15
N GLY A 268 33.26 18.31 -5.54
CA GLY A 268 32.04 19.10 -5.53
C GLY A 268 32.04 20.26 -6.51
N SER A 269 32.64 20.09 -7.68
CA SER A 269 32.64 21.14 -8.69
C SER A 269 31.29 21.25 -9.40
N ARG A 270 30.61 20.12 -9.60
CA ARG A 270 29.30 20.09 -10.24
C ARG A 270 28.32 19.32 -9.38
N TYR A 271 27.04 19.67 -9.49
CA TYR A 271 25.99 19.01 -8.73
C TYR A 271 24.82 18.70 -9.65
N LEU A 272 24.11 17.63 -9.31
CA LEU A 272 23.01 17.11 -10.11
C LEU A 272 21.72 17.33 -9.35
N LEU A 273 20.68 17.80 -10.04
CA LEU A 273 19.44 18.15 -9.39
C LEU A 273 18.26 17.58 -10.15
N GLY A 274 17.17 17.37 -9.44
CA GLY A 274 15.93 16.90 -10.05
C GLY A 274 14.75 17.54 -9.36
N ASP A 275 13.69 17.76 -10.13
CA ASP A 275 12.51 18.45 -9.63
C ASP A 275 11.30 17.52 -9.65
N MET A 276 10.14 18.09 -9.30
CA MET A 276 8.93 17.29 -9.15
C MET A 276 8.47 16.72 -10.48
N GLU A 277 8.53 17.50 -11.55
CA GLU A 277 8.03 17.04 -12.84
C GLU A 277 9.04 16.17 -13.57
N GLY A 278 10.26 16.07 -13.07
CA GLY A 278 11.22 15.13 -13.62
C GLY A 278 12.08 15.69 -14.74
N ARG A 279 12.85 16.73 -14.46
CA ARG A 279 13.86 17.20 -15.39
C ARG A 279 15.18 17.36 -14.66
N LEU A 280 16.26 16.98 -15.33
CA LEU A 280 17.60 17.00 -14.74
C LEU A 280 18.20 18.40 -14.86
N PHE A 281 18.69 18.93 -13.75
CA PHE A 281 19.42 20.18 -13.71
C PHE A 281 20.87 19.92 -13.32
N MET A 282 21.73 20.90 -13.64
CA MET A 282 23.17 20.76 -13.43
C MET A 282 23.68 22.05 -12.80
N LEU A 283 23.79 22.06 -11.48
CA LEU A 283 24.37 23.21 -10.79
C LEU A 283 25.87 23.21 -11.01
N LEU A 284 26.40 24.33 -11.47
CA LEU A 284 27.81 24.45 -11.82
C LEU A 284 28.49 25.44 -10.88
N LEU A 285 29.55 24.98 -10.23
CA LEU A 285 30.34 25.80 -9.33
C LEU A 285 31.65 26.14 -10.02
N GLU A 286 32.06 27.41 -9.92
CA GLU A 286 33.29 27.88 -10.53
C GLU A 286 34.34 28.11 -9.47
N LYS A 287 35.53 27.52 -9.68
CA LYS A 287 36.67 27.68 -8.79
C LYS A 287 37.70 28.66 -9.33
N GLU A 288 37.26 29.66 -10.10
CA GLU A 288 38.19 30.56 -10.77
C GLU A 288 38.94 31.47 -9.80
N GLU A 289 38.47 31.59 -8.56
CA GLU A 289 39.10 32.48 -7.59
C GLU A 289 40.20 31.73 -6.85
N GLN A 290 41.42 32.27 -6.91
CA GLN A 290 42.56 31.72 -6.17
C GLN A 290 43.50 32.88 -5.87
N MET A 291 43.38 33.43 -4.65
CA MET A 291 44.19 34.58 -4.28
C MET A 291 45.56 34.14 -3.75
N ASP A 292 45.58 33.38 -2.67
CA ASP A 292 46.82 32.91 -2.05
C ASP A 292 46.71 31.44 -1.68
N GLY A 293 46.16 30.63 -2.58
CA GLY A 293 45.95 29.23 -2.34
C GLY A 293 44.55 28.86 -1.94
N THR A 294 43.76 29.83 -1.47
CA THR A 294 42.37 29.57 -1.10
C THR A 294 41.51 29.48 -2.35
N VAL A 295 40.53 28.58 -2.30
CA VAL A 295 39.60 28.37 -3.40
C VAL A 295 38.21 28.78 -2.93
N THR A 296 37.60 29.71 -3.67
CA THR A 296 36.28 30.24 -3.35
C THR A 296 35.42 30.26 -4.60
N LEU A 297 34.11 30.36 -4.41
CA LEU A 297 33.17 30.40 -5.52
C LEU A 297 33.30 31.69 -6.32
N LYS A 298 32.80 31.65 -7.55
CA LYS A 298 32.64 32.82 -8.41
C LYS A 298 31.29 32.92 -9.09
N ASP A 299 30.61 31.80 -9.35
CA ASP A 299 29.32 31.82 -10.02
C ASP A 299 28.67 30.45 -9.83
N LEU A 300 27.35 30.43 -10.02
CA LEU A 300 26.52 29.23 -9.87
C LEU A 300 25.60 29.06 -11.06
N ARG A 301 26.16 29.11 -12.26
CA ARG A 301 25.40 28.86 -13.48
C ARG A 301 24.63 27.55 -13.38
N VAL A 302 23.35 27.59 -13.76
CA VAL A 302 22.46 26.43 -13.70
C VAL A 302 22.05 26.08 -15.12
N GLU A 303 22.24 24.82 -15.50
CA GLU A 303 21.97 24.35 -16.85
C GLU A 303 21.00 23.17 -16.81
N LEU A 304 20.01 23.19 -17.68
CA LEU A 304 19.02 22.13 -17.77
C LEU A 304 19.48 21.08 -18.76
N LEU A 305 19.58 19.84 -18.31
CA LEU A 305 20.12 18.76 -19.15
C LEU A 305 19.05 18.12 -20.02
N GLY A 306 17.91 17.78 -19.45
CA GLY A 306 16.85 17.14 -20.21
C GLY A 306 15.73 16.73 -19.30
N GLU A 307 14.87 15.86 -19.83
CA GLU A 307 13.71 15.36 -19.10
C GLU A 307 13.83 13.85 -18.92
N THR A 308 13.61 13.40 -17.69
CA THR A 308 13.68 11.98 -17.35
C THR A 308 12.41 11.56 -16.62
N SER A 309 12.43 10.37 -16.02
CA SER A 309 11.33 9.94 -15.18
C SER A 309 11.27 10.81 -13.92
N ILE A 310 10.10 10.80 -13.27
CA ILE A 310 9.96 11.54 -12.03
C ILE A 310 10.83 10.87 -10.98
N ALA A 311 11.93 11.52 -10.60
CA ALA A 311 12.99 10.89 -9.84
C ALA A 311 12.92 11.30 -8.37
N GLU A 312 13.02 10.32 -7.49
CA GLU A 312 13.10 10.54 -6.06
C GLU A 312 14.53 10.58 -5.55
N CYS A 313 15.41 9.75 -6.11
CA CYS A 313 16.78 9.64 -5.63
C CYS A 313 17.72 9.50 -6.83
N LEU A 314 18.43 10.58 -7.14
CA LEU A 314 19.46 10.55 -8.17
C LEU A 314 20.75 9.93 -7.64
N THR A 315 21.51 9.33 -8.54
CA THR A 315 22.84 8.83 -8.19
C THR A 315 23.66 8.74 -9.47
N TYR A 316 24.76 9.46 -9.51
CA TYR A 316 25.62 9.52 -10.69
C TYR A 316 26.62 8.38 -10.66
N LEU A 317 26.50 7.46 -11.61
CA LEU A 317 27.48 6.40 -11.76
C LEU A 317 28.64 6.90 -12.63
N ASP A 318 29.62 6.02 -12.79
CA ASP A 318 30.85 6.46 -13.47
C ASP A 318 30.56 6.76 -14.93
N ASN A 319 31.46 7.52 -15.53
CA ASN A 319 31.52 7.71 -16.98
C ASN A 319 30.14 8.09 -17.54
N GLY A 320 29.65 9.24 -17.09
CA GLY A 320 28.49 9.87 -17.69
C GLY A 320 27.22 9.04 -17.73
N VAL A 321 27.01 8.21 -16.70
CA VAL A 321 25.81 7.38 -16.59
C VAL A 321 25.13 7.71 -15.27
N VAL A 322 23.83 7.99 -15.33
CA VAL A 322 23.06 8.38 -14.15
C VAL A 322 21.96 7.37 -13.93
N PHE A 323 21.86 6.87 -12.71
CA PHE A 323 20.76 5.99 -12.32
C PHE A 323 19.65 6.83 -11.74
N VAL A 324 18.56 6.97 -12.49
CA VAL A 324 17.41 7.76 -12.06
C VAL A 324 16.50 6.84 -11.27
N GLY A 325 16.48 7.00 -9.94
CA GLY A 325 15.65 6.17 -9.10
C GLY A 325 14.26 6.75 -8.92
N SER A 326 13.29 6.20 -9.63
CA SER A 326 11.91 6.67 -9.54
C SER A 326 11.12 5.78 -8.61
N ARG A 327 10.12 6.37 -7.96
CA ARG A 327 9.22 5.63 -7.09
C ARG A 327 7.79 5.58 -7.62
N LEU A 328 7.31 6.66 -8.22
CA LEU A 328 6.01 6.68 -8.86
C LEU A 328 6.07 6.46 -10.36
N GLY A 329 7.25 6.21 -10.91
CA GLY A 329 7.39 5.94 -12.34
C GLY A 329 8.15 4.66 -12.61
N ASP A 330 9.20 4.75 -13.41
CA ASP A 330 10.08 3.61 -13.69
C ASP A 330 11.52 4.04 -13.50
N SER A 331 12.29 3.21 -12.80
CA SER A 331 13.71 3.49 -12.62
C SER A 331 14.42 3.43 -13.96
N GLN A 332 15.40 4.29 -14.15
CA GLN A 332 16.08 4.42 -15.43
C GLN A 332 17.58 4.41 -15.22
N LEU A 333 18.28 4.20 -16.33
CA LEU A 333 19.73 4.33 -16.40
C LEU A 333 20.01 5.08 -17.69
N VAL A 334 20.35 6.36 -17.56
CA VAL A 334 20.43 7.28 -18.68
C VAL A 334 21.86 7.76 -18.87
N LYS A 335 22.11 8.41 -20.00
CA LYS A 335 23.42 8.90 -20.39
C LYS A 335 23.45 10.42 -20.39
N LEU A 336 24.45 10.98 -19.72
CA LEU A 336 24.69 12.42 -19.72
C LEU A 336 25.81 12.79 -20.69
N ASN A 337 25.56 12.58 -21.98
CA ASN A 337 26.52 12.95 -23.00
C ASN A 337 26.38 14.43 -23.35
N VAL A 338 27.51 15.12 -23.51
CA VAL A 338 27.52 16.55 -23.75
C VAL A 338 27.69 16.89 -25.22
N ASP A 339 27.78 15.89 -26.10
CA ASP A 339 28.03 16.14 -27.51
C ASP A 339 26.88 15.73 -28.42
N SER A 340 25.87 15.03 -27.90
CA SER A 340 24.76 14.59 -28.74
C SER A 340 23.86 15.75 -29.12
N ASN A 341 23.19 16.34 -28.13
CA ASN A 341 22.38 17.54 -28.30
C ASN A 341 21.43 17.41 -29.50
N GLU A 342 20.65 16.33 -29.50
CA GLU A 342 19.83 16.02 -30.67
C GLU A 342 18.77 17.10 -30.92
N GLN A 343 18.10 17.56 -29.86
CA GLN A 343 17.08 18.59 -30.02
C GLN A 343 17.11 19.60 -28.87
N GLY A 344 18.22 19.68 -28.14
CA GLY A 344 18.30 20.49 -26.94
C GLY A 344 18.27 19.70 -25.65
N SER A 345 18.32 18.37 -25.72
CA SER A 345 18.30 17.50 -24.55
C SER A 345 19.64 16.79 -24.45
N TYR A 346 20.27 16.88 -23.28
CA TYR A 346 21.58 16.28 -23.05
C TYR A 346 21.49 14.81 -22.64
N VAL A 347 20.30 14.26 -22.53
CA VAL A 347 20.10 12.95 -21.91
C VAL A 347 19.50 11.99 -22.93
N VAL A 348 20.02 10.77 -22.95
CA VAL A 348 19.46 9.67 -23.73
C VAL A 348 19.41 8.44 -22.83
N ALA A 349 18.33 7.68 -22.95
CA ALA A 349 18.11 6.56 -22.04
C ALA A 349 18.86 5.32 -22.49
N MET A 350 19.38 4.58 -21.51
CA MET A 350 20.00 3.28 -21.74
C MET A 350 19.09 2.14 -21.33
N GLU A 351 18.64 2.12 -20.08
CA GLU A 351 17.85 1.02 -19.55
C GLU A 351 16.58 1.55 -18.88
N THR A 352 15.74 0.61 -18.47
CA THR A 352 14.50 0.93 -17.75
C THR A 352 14.10 -0.29 -16.95
N PHE A 353 14.09 -0.15 -15.63
CA PHE A 353 13.71 -1.23 -14.73
C PHE A 353 12.22 -1.18 -14.42
N THR A 354 11.61 -2.35 -14.32
CA THR A 354 10.18 -2.43 -14.07
C THR A 354 9.85 -1.88 -12.69
N ASN A 355 8.70 -1.21 -12.58
CA ASN A 355 8.26 -0.61 -11.32
C ASN A 355 6.74 -0.55 -11.35
N LEU A 356 6.09 -1.46 -10.62
CA LEU A 356 4.64 -1.57 -10.65
C LEU A 356 3.93 -0.55 -9.78
N GLY A 357 4.65 0.12 -8.88
CA GLY A 357 4.02 1.01 -7.94
C GLY A 357 3.99 2.44 -8.43
N PRO A 358 2.99 3.22 -7.98
CA PRO A 358 1.90 2.81 -7.09
C PRO A 358 0.79 2.06 -7.84
N ILE A 359 0.16 1.11 -7.17
CA ILE A 359 -0.90 0.30 -7.76
C ILE A 359 -2.22 0.86 -7.24
N VAL A 360 -2.81 1.79 -8.00
CA VAL A 360 -4.04 2.43 -7.55
C VAL A 360 -5.22 1.47 -7.62
N ASP A 361 -5.30 0.67 -8.68
CA ASP A 361 -6.37 -0.31 -8.82
C ASP A 361 -5.89 -1.46 -9.69
N MET A 362 -6.52 -2.61 -9.52
CA MET A 362 -6.19 -3.79 -10.32
C MET A 362 -7.44 -4.60 -10.59
N CYS A 363 -7.31 -5.54 -11.51
CA CYS A 363 -8.36 -6.51 -11.80
C CYS A 363 -7.72 -7.83 -12.20
N VAL A 364 -8.46 -8.91 -11.98
CA VAL A 364 -8.03 -10.26 -12.36
C VAL A 364 -8.90 -10.71 -13.51
N VAL A 365 -8.29 -10.98 -14.65
CA VAL A 365 -9.01 -11.33 -15.88
C VAL A 365 -8.30 -12.48 -16.56
N ASP A 366 -9.08 -13.40 -17.12
CA ASP A 366 -8.56 -14.52 -17.91
C ASP A 366 -8.40 -14.10 -19.39
N LEU A 367 -7.30 -13.40 -19.65
CA LEU A 367 -7.09 -12.81 -20.97
C LEU A 367 -6.84 -13.88 -22.04
N GLU A 368 -5.88 -14.77 -21.81
CA GLU A 368 -5.42 -15.68 -22.85
C GLU A 368 -5.86 -17.12 -22.60
N ARG A 369 -5.45 -17.70 -21.49
CA ARG A 369 -5.70 -19.11 -21.19
C ARG A 369 -6.79 -19.23 -20.14
N GLN A 370 -7.84 -19.97 -20.47
CA GLN A 370 -8.96 -20.13 -19.57
C GLN A 370 -8.55 -20.95 -18.35
N GLY A 371 -8.92 -20.48 -17.16
CA GLY A 371 -8.58 -21.13 -15.91
C GLY A 371 -7.46 -20.44 -15.15
N GLN A 372 -6.57 -19.74 -15.85
CA GLN A 372 -5.44 -19.04 -15.24
C GLN A 372 -5.71 -17.54 -15.27
N GLY A 373 -5.56 -16.91 -14.11
CA GLY A 373 -5.81 -15.48 -14.02
C GLY A 373 -4.61 -14.64 -14.43
N GLN A 374 -4.92 -13.40 -14.82
CA GLN A 374 -3.91 -12.42 -15.16
C GLN A 374 -4.24 -11.11 -14.47
N LEU A 375 -3.22 -10.42 -13.97
CA LEU A 375 -3.39 -9.20 -13.20
C LEU A 375 -3.17 -8.00 -14.09
N VAL A 376 -4.15 -7.10 -14.12
CA VAL A 376 -4.07 -5.85 -14.88
C VAL A 376 -4.18 -4.71 -13.87
N THR A 377 -3.11 -3.95 -13.70
CA THR A 377 -3.05 -2.91 -12.70
C THR A 377 -3.07 -1.53 -13.34
N CYS A 378 -3.24 -0.52 -12.50
CA CYS A 378 -3.17 0.89 -12.87
C CYS A 378 -1.96 1.48 -12.16
N SER A 379 -0.81 1.38 -12.80
CA SER A 379 0.47 1.77 -12.21
C SER A 379 0.84 3.19 -12.58
N GLY A 380 1.78 3.75 -11.82
CA GLY A 380 2.35 5.04 -12.14
C GLY A 380 1.44 6.20 -11.81
N ALA A 381 1.95 7.40 -12.09
CA ALA A 381 1.20 8.62 -11.90
C ALA A 381 1.80 9.71 -12.79
N PHE A 382 0.95 10.68 -13.14
CA PHE A 382 1.34 11.84 -13.96
C PHE A 382 1.76 11.32 -15.33
N LYS A 383 2.92 11.70 -15.86
CA LYS A 383 3.34 11.28 -17.20
C LYS A 383 3.78 9.83 -17.26
N GLU A 384 3.91 9.16 -16.11
CA GLU A 384 4.32 7.77 -16.07
C GLU A 384 3.15 6.81 -15.90
N GLY A 385 1.93 7.30 -15.95
CA GLY A 385 0.77 6.45 -15.83
C GLY A 385 0.71 5.40 -16.92
N SER A 386 0.47 4.15 -16.54
CA SER A 386 0.54 3.04 -17.48
C SER A 386 -0.22 1.85 -16.93
N LEU A 387 -0.51 0.91 -17.81
CA LEU A 387 -1.21 -0.33 -17.47
C LEU A 387 -0.20 -1.49 -17.50
N ARG A 388 0.05 -2.08 -16.34
CA ARG A 388 0.89 -3.27 -16.22
C ARG A 388 0.01 -4.50 -16.31
N ILE A 389 0.37 -5.44 -17.18
CA ILE A 389 -0.30 -6.72 -17.31
C ILE A 389 0.65 -7.77 -16.77
N ILE A 390 0.34 -8.33 -15.61
CA ILE A 390 1.17 -9.34 -14.96
C ILE A 390 0.62 -10.72 -15.31
N ARG A 391 1.52 -11.66 -15.53
CA ARG A 391 1.14 -13.04 -15.81
C ARG A 391 2.16 -13.97 -15.15
N ASN A 392 1.71 -15.20 -14.88
CA ASN A 392 2.55 -16.24 -14.29
C ASN A 392 2.80 -17.32 -15.32
N GLY A 393 4.07 -17.58 -15.60
CA GLY A 393 4.41 -18.63 -16.55
C GLY A 393 5.89 -18.60 -16.86
N ILE A 394 6.32 -19.62 -17.58
CA ILE A 394 7.72 -19.74 -18.00
C ILE A 394 7.87 -19.03 -19.34
N GLY A 395 8.78 -18.06 -19.40
CA GLY A 395 8.97 -17.28 -20.61
C GLY A 395 10.01 -17.85 -21.54
N ILE A 396 9.60 -18.21 -22.75
CA ILE A 396 10.51 -18.73 -23.76
C ILE A 396 11.02 -17.55 -24.59
N HIS A 397 12.31 -17.26 -24.46
CA HIS A 397 12.93 -16.16 -25.19
C HIS A 397 13.24 -16.61 -26.61
N GLU A 398 12.51 -16.06 -27.57
CA GLU A 398 12.69 -16.45 -28.96
C GLU A 398 14.07 -16.06 -29.47
N HIS A 399 14.63 -16.89 -30.35
CA HIS A 399 15.95 -16.63 -30.89
C HIS A 399 15.92 -16.61 -32.41
N ALA A 400 15.09 -17.45 -33.03
CA ALA A 400 14.97 -17.45 -34.47
C ALA A 400 13.63 -18.04 -34.87
N SER A 401 13.21 -17.76 -36.10
CA SER A 401 11.96 -18.26 -36.64
C SER A 401 12.15 -18.68 -38.09
N ILE A 402 11.37 -19.68 -38.51
CA ILE A 402 11.39 -20.17 -39.88
C ILE A 402 9.98 -20.62 -40.24
N ASP A 403 9.77 -20.85 -41.54
CA ASP A 403 8.45 -21.13 -42.08
C ASP A 403 8.34 -22.62 -42.40
N LEU A 404 7.26 -23.23 -41.92
CA LEU A 404 6.95 -24.63 -42.20
C LEU A 404 5.45 -24.84 -42.10
N PRO A 405 4.79 -25.24 -43.19
CA PRO A 405 3.32 -25.38 -43.19
C PRO A 405 2.84 -26.62 -42.44
N GLY A 406 2.81 -26.52 -41.12
CA GLY A 406 2.30 -27.58 -40.28
C GLY A 406 3.17 -28.82 -40.23
N ILE A 407 4.35 -28.71 -39.62
CA ILE A 407 5.22 -29.86 -39.45
C ILE A 407 4.57 -30.85 -38.49
N LYS A 408 4.86 -32.13 -38.68
CA LYS A 408 4.28 -33.21 -37.89
C LYS A 408 5.36 -34.02 -37.18
N GLY A 409 6.36 -33.32 -36.64
CA GLY A 409 7.43 -33.98 -35.90
C GLY A 409 8.81 -33.53 -36.30
N LEU A 410 9.61 -33.12 -35.31
CA LEU A 410 10.98 -32.68 -35.53
C LEU A 410 11.92 -33.60 -34.77
N TRP A 411 13.09 -33.87 -35.35
CA TRP A 411 14.04 -34.74 -34.68
C TRP A 411 15.46 -34.41 -35.11
N PRO A 412 16.36 -34.08 -34.20
CA PRO A 412 17.76 -33.87 -34.57
C PRO A 412 18.43 -35.18 -34.96
N LEU A 413 19.46 -35.07 -35.80
CA LEU A 413 20.22 -36.21 -36.28
C LEU A 413 21.71 -35.91 -36.19
N ARG A 414 22.51 -36.96 -36.02
CA ARG A 414 23.95 -36.84 -35.90
C ARG A 414 24.61 -37.60 -37.05
N SER A 415 25.19 -36.87 -37.99
CA SER A 415 25.91 -37.44 -39.12
C SER A 415 27.29 -36.82 -39.23
N ASP A 416 27.93 -36.61 -38.09
CA ASP A 416 29.22 -35.95 -37.99
C ASP A 416 30.09 -36.73 -37.01
N PRO A 417 31.41 -36.52 -37.06
CA PRO A 417 32.28 -37.13 -36.05
C PRO A 417 31.87 -36.71 -34.65
N ASN A 418 32.03 -37.64 -33.70
CA ASN A 418 31.54 -37.44 -32.34
C ASN A 418 32.12 -36.20 -31.69
N ARG A 419 31.26 -35.20 -31.44
CA ARG A 419 31.69 -33.97 -30.79
C ARG A 419 30.65 -33.44 -29.80
N GLU A 420 29.59 -34.21 -29.51
CA GLU A 420 28.50 -33.78 -28.64
C GLU A 420 27.89 -32.46 -29.10
N THR A 421 27.71 -32.34 -30.42
CA THR A 421 27.11 -31.15 -31.02
C THR A 421 26.07 -31.56 -32.05
N ASP A 422 25.09 -30.69 -32.26
CA ASP A 422 24.00 -30.94 -33.19
C ASP A 422 24.23 -30.16 -34.48
N ASP A 423 24.21 -30.86 -35.60
CA ASP A 423 24.46 -30.25 -36.91
C ASP A 423 23.22 -30.17 -37.79
N THR A 424 22.39 -31.21 -37.81
CA THR A 424 21.24 -31.27 -38.70
C THR A 424 20.00 -31.71 -37.93
N LEU A 425 18.85 -31.21 -38.37
CA LEU A 425 17.56 -31.61 -37.83
C LEU A 425 16.62 -31.96 -38.97
N VAL A 426 15.96 -33.11 -38.87
CA VAL A 426 15.01 -33.57 -39.87
C VAL A 426 13.61 -33.21 -39.39
N LEU A 427 12.86 -32.50 -40.23
CA LEU A 427 11.48 -32.14 -39.96
C LEU A 427 10.57 -33.01 -40.80
N SER A 428 9.67 -33.74 -40.14
CA SER A 428 8.76 -34.65 -40.82
C SER A 428 7.56 -33.85 -41.32
N PHE A 429 7.46 -33.72 -42.65
CA PHE A 429 6.38 -32.97 -43.26
C PHE A 429 5.12 -33.82 -43.29
N VAL A 430 4.11 -33.38 -44.04
CA VAL A 430 2.85 -34.11 -44.12
C VAL A 430 3.07 -35.49 -44.74
N GLY A 431 3.86 -35.57 -45.80
CA GLY A 431 4.14 -36.82 -46.45
C GLY A 431 5.61 -37.13 -46.62
N GLN A 432 6.46 -36.12 -46.48
CA GLN A 432 7.90 -36.24 -46.68
C GLN A 432 8.64 -35.93 -45.39
N THR A 433 9.97 -35.96 -45.48
CA THR A 433 10.85 -35.67 -44.34
C THR A 433 11.97 -34.76 -44.85
N ARG A 434 11.77 -33.46 -44.72
CA ARG A 434 12.71 -32.47 -45.23
C ARG A 434 13.75 -32.19 -44.15
N VAL A 435 14.94 -32.76 -44.32
CA VAL A 435 16.02 -32.56 -43.36
C VAL A 435 16.57 -31.16 -43.55
N LEU A 436 16.19 -30.24 -42.67
CA LEU A 436 16.63 -28.85 -42.76
C LEU A 436 17.97 -28.72 -42.04
N MET A 437 19.02 -29.20 -42.71
CA MET A 437 20.35 -29.15 -42.14
C MET A 437 20.80 -27.71 -41.99
N LEU A 438 21.37 -27.38 -40.83
CA LEU A 438 21.83 -26.02 -40.55
C LEU A 438 23.00 -26.12 -39.59
N ASN A 439 24.23 -26.08 -40.15
CA ASN A 439 25.41 -26.02 -39.30
C ASN A 439 25.45 -24.73 -38.51
N GLY A 440 25.11 -23.61 -39.14
CA GLY A 440 25.02 -22.34 -38.46
C GLY A 440 23.59 -21.83 -38.38
N GLU A 441 23.24 -20.89 -39.24
CA GLU A 441 21.89 -20.34 -39.33
C GLU A 441 21.28 -20.60 -40.69
N GLU A 442 21.49 -21.80 -41.22
CA GLU A 442 20.98 -22.16 -42.53
C GLU A 442 19.50 -22.51 -42.46
N VAL A 443 18.84 -22.47 -43.63
CA VAL A 443 17.44 -22.81 -43.74
C VAL A 443 17.16 -23.78 -44.89
N GLU A 444 18.18 -24.16 -45.66
CA GLU A 444 17.97 -25.04 -46.80
C GLU A 444 17.70 -26.47 -46.34
N GLU A 445 17.28 -27.31 -47.29
CA GLU A 445 16.98 -28.70 -47.04
C GLU A 445 18.03 -29.57 -47.72
N THR A 446 18.70 -30.42 -46.93
CA THR A 446 19.71 -31.34 -47.43
C THR A 446 19.35 -32.74 -46.96
N GLU A 447 18.86 -33.58 -47.86
CA GLU A 447 18.42 -34.91 -47.49
C GLU A 447 19.60 -35.77 -47.07
N LEU A 448 19.41 -36.55 -46.02
CA LEU A 448 20.44 -37.48 -45.57
C LEU A 448 20.64 -38.60 -46.57
N MET A 449 21.90 -39.04 -46.71
CA MET A 449 22.21 -40.09 -47.67
C MET A 449 21.53 -41.40 -47.30
N GLY A 450 21.52 -41.75 -46.02
CA GLY A 450 20.91 -42.97 -45.55
C GLY A 450 19.45 -42.89 -45.18
N PHE A 451 18.80 -41.76 -45.44
CA PHE A 451 17.40 -41.56 -45.08
C PHE A 451 16.57 -41.37 -46.33
N VAL A 452 15.33 -41.87 -46.29
CA VAL A 452 14.40 -41.77 -47.41
C VAL A 452 13.95 -40.32 -47.57
N ASP A 453 13.31 -40.02 -48.69
CA ASP A 453 12.87 -38.65 -48.99
C ASP A 453 11.42 -38.41 -48.62
N ASP A 454 10.50 -39.21 -49.17
CA ASP A 454 9.07 -39.05 -48.96
C ASP A 454 8.50 -40.36 -48.44
N GLN A 455 8.56 -40.54 -47.12
CA GLN A 455 8.02 -41.74 -46.50
C GLN A 455 7.30 -41.49 -45.18
N GLN A 456 7.16 -40.23 -44.76
CA GLN A 456 6.52 -39.87 -43.49
C GLN A 456 7.21 -40.60 -42.32
N THR A 457 8.46 -40.22 -42.10
CA THR A 457 9.28 -40.88 -41.08
C THR A 457 8.67 -40.70 -39.70
N PHE A 458 8.60 -41.80 -38.95
CA PHE A 458 8.06 -41.75 -37.59
C PHE A 458 9.11 -41.28 -36.59
N PHE A 459 10.30 -41.88 -36.64
CA PHE A 459 11.38 -41.49 -35.74
C PHE A 459 12.68 -41.39 -36.51
N CYS A 460 13.58 -40.52 -36.05
CA CYS A 460 14.87 -40.33 -36.72
C CYS A 460 15.87 -39.84 -35.67
N GLY A 461 16.74 -40.74 -35.21
CA GLY A 461 17.72 -40.38 -34.21
C GLY A 461 19.09 -41.00 -34.43
N ASN A 462 20.01 -40.73 -33.51
CA ASN A 462 21.36 -41.29 -33.58
C ASN A 462 21.42 -42.51 -32.66
N VAL A 463 21.51 -43.70 -33.26
CA VAL A 463 21.54 -44.95 -32.51
C VAL A 463 22.97 -45.23 -32.07
N ALA A 464 23.15 -46.24 -31.22
CA ALA A 464 24.46 -46.59 -30.71
C ALA A 464 25.27 -47.31 -31.79
N HIS A 465 26.49 -47.72 -31.42
CA HIS A 465 27.40 -48.43 -32.32
C HIS A 465 27.70 -47.62 -33.58
N GLN A 466 27.74 -46.29 -33.44
CA GLN A 466 28.12 -45.38 -34.53
C GLN A 466 27.22 -45.56 -35.75
N GLN A 467 25.94 -45.22 -35.56
CA GLN A 467 24.97 -45.28 -36.63
C GLN A 467 23.83 -44.33 -36.35
N LEU A 468 23.08 -44.00 -37.40
CA LEU A 468 21.87 -43.19 -37.30
C LEU A 468 20.69 -44.03 -37.78
N ILE A 469 19.64 -44.09 -36.99
CA ILE A 469 18.47 -44.91 -37.31
C ILE A 469 17.31 -44.00 -37.62
N GLN A 470 16.68 -44.21 -38.79
CA GLN A 470 15.57 -43.38 -39.26
C GLN A 470 14.42 -44.31 -39.60
N ILE A 471 13.61 -44.63 -38.59
CA ILE A 471 12.45 -45.51 -38.82
C ILE A 471 11.34 -44.71 -39.46
N THR A 472 10.89 -45.17 -40.63
CA THR A 472 9.83 -44.55 -41.40
C THR A 472 8.59 -45.42 -41.40
N SER A 473 7.55 -44.93 -42.08
CA SER A 473 6.29 -45.65 -42.13
C SER A 473 6.43 -47.00 -42.82
N ALA A 474 7.20 -47.04 -43.92
CA ALA A 474 7.32 -48.28 -44.68
C ALA A 474 8.15 -49.31 -43.92
N SER A 475 9.42 -48.99 -43.67
CA SER A 475 10.30 -49.90 -42.96
C SER A 475 11.38 -49.09 -42.26
N VAL A 476 11.95 -49.69 -41.22
CA VAL A 476 12.98 -49.02 -40.43
C VAL A 476 14.32 -49.12 -41.15
N ARG A 477 14.98 -47.99 -41.33
CA ARG A 477 16.25 -47.93 -42.06
C ARG A 477 17.35 -47.43 -41.14
N LEU A 478 18.58 -47.76 -41.51
CA LEU A 478 19.76 -47.34 -40.76
C LEU A 478 20.83 -46.82 -41.70
N VAL A 479 21.69 -45.97 -41.18
CA VAL A 479 22.78 -45.36 -41.94
C VAL A 479 24.03 -45.37 -41.08
N SER A 480 25.17 -45.64 -41.71
CA SER A 480 26.43 -45.67 -40.98
C SER A 480 26.85 -44.27 -40.59
N GLN A 481 27.73 -44.19 -39.59
CA GLN A 481 28.16 -42.89 -39.07
C GLN A 481 29.27 -42.30 -39.94
N GLU A 482 30.41 -42.98 -40.02
CA GLU A 482 31.55 -42.47 -40.79
C GLU A 482 31.35 -42.72 -42.30
N PRO A 483 30.97 -43.93 -42.73
CA PRO A 483 30.64 -44.09 -44.15
C PRO A 483 29.47 -43.22 -44.60
N LYS A 484 28.53 -42.93 -43.71
CA LYS A 484 27.36 -42.10 -44.02
C LYS A 484 26.55 -42.67 -45.18
N ALA A 485 26.44 -43.99 -45.23
CA ALA A 485 25.67 -44.68 -46.24
C ALA A 485 24.79 -45.75 -45.59
N LEU A 486 23.63 -46.00 -46.20
CA LEU A 486 22.70 -46.99 -45.69
C LEU A 486 23.32 -48.38 -45.75
N VAL A 487 23.60 -48.96 -44.58
CA VAL A 487 24.29 -50.24 -44.50
C VAL A 487 23.29 -51.34 -44.18
N SER A 488 22.27 -51.02 -43.40
CA SER A 488 21.28 -51.99 -42.99
C SER A 488 19.89 -51.40 -43.16
N GLU A 489 18.97 -52.21 -43.69
CA GLU A 489 17.57 -51.82 -43.86
C GLU A 489 16.71 -52.94 -43.27
N TRP A 490 16.17 -52.69 -42.07
CA TRP A 490 15.36 -53.68 -41.36
C TRP A 490 13.94 -53.62 -41.89
N LYS A 491 13.73 -54.27 -43.03
CA LYS A 491 12.40 -54.33 -43.63
C LYS A 491 11.47 -55.17 -42.77
N GLU A 492 10.21 -54.76 -42.70
CA GLU A 492 9.23 -55.49 -41.92
C GLU A 492 8.99 -56.87 -42.54
N PRO A 493 8.79 -57.91 -41.72
CA PRO A 493 8.50 -59.23 -42.29
C PRO A 493 7.25 -59.26 -43.14
N GLN A 494 6.22 -58.51 -42.76
CA GLN A 494 4.98 -58.41 -43.53
C GLN A 494 4.99 -57.23 -44.50
N ALA A 495 6.02 -56.38 -44.45
CA ALA A 495 6.12 -55.21 -45.33
C ALA A 495 4.89 -54.31 -45.21
N LYS A 496 4.40 -54.16 -43.99
CA LYS A 496 3.24 -53.32 -43.72
C LYS A 496 3.69 -51.90 -43.36
N ASN A 497 2.78 -51.08 -42.87
CA ASN A 497 3.09 -49.71 -42.47
C ASN A 497 3.30 -49.68 -40.95
N ILE A 498 4.41 -49.05 -40.53
CA ILE A 498 4.72 -48.95 -39.11
C ILE A 498 3.76 -47.94 -38.48
N SER A 499 2.87 -48.43 -37.62
CA SER A 499 1.87 -47.57 -37.01
C SER A 499 2.50 -46.67 -35.95
N VAL A 500 3.10 -47.27 -34.93
CA VAL A 500 3.75 -46.53 -33.85
C VAL A 500 5.17 -47.06 -33.73
N ALA A 501 6.13 -46.14 -33.65
CA ALA A 501 7.54 -46.50 -33.56
C ALA A 501 8.15 -45.87 -32.32
N SER A 502 8.96 -46.67 -31.60
CA SER A 502 9.68 -46.21 -30.43
C SER A 502 11.14 -46.57 -30.59
N CYS A 503 12.02 -45.58 -30.45
CA CYS A 503 13.45 -45.77 -30.63
C CYS A 503 14.19 -45.36 -29.37
N ASN A 504 15.24 -46.11 -29.05
CA ASN A 504 16.08 -45.80 -27.89
C ASN A 504 17.54 -45.70 -28.31
N SER A 505 18.45 -45.67 -27.35
CA SER A 505 19.87 -45.55 -27.68
C SER A 505 20.36 -46.77 -28.45
N SER A 506 19.94 -47.98 -28.04
CA SER A 506 20.44 -49.19 -28.66
C SER A 506 19.37 -50.25 -28.91
N GLN A 507 18.09 -49.94 -28.68
CA GLN A 507 17.01 -50.88 -28.93
C GLN A 507 15.85 -50.14 -29.60
N VAL A 508 15.21 -50.79 -30.57
CA VAL A 508 14.12 -50.18 -31.32
C VAL A 508 12.92 -51.13 -31.28
N VAL A 509 11.76 -50.59 -30.89
CA VAL A 509 10.53 -51.36 -30.83
C VAL A 509 9.58 -50.76 -31.87
N VAL A 510 9.10 -51.59 -32.79
CA VAL A 510 8.27 -51.15 -33.90
C VAL A 510 6.93 -51.87 -33.82
N ALA A 511 5.85 -51.09 -33.90
CA ALA A 511 4.50 -51.65 -33.91
C ALA A 511 3.97 -51.62 -35.33
N VAL A 512 3.59 -52.79 -35.84
CA VAL A 512 2.95 -52.92 -37.13
C VAL A 512 1.55 -53.46 -36.87
N GLY A 513 0.54 -52.64 -37.16
CA GLY A 513 -0.83 -53.04 -36.87
C GLY A 513 -1.00 -53.31 -35.39
N ARG A 514 -1.59 -54.46 -35.07
CA ARG A 514 -1.76 -54.90 -33.70
C ARG A 514 -0.59 -55.72 -33.18
N ALA A 515 0.46 -55.90 -33.99
CA ALA A 515 1.61 -56.70 -33.61
C ALA A 515 2.80 -55.80 -33.26
N LEU A 516 3.63 -56.29 -32.34
CA LEU A 516 4.84 -55.59 -31.91
C LEU A 516 6.07 -56.44 -32.20
N TYR A 517 7.13 -55.81 -32.68
CA TYR A 517 8.42 -56.46 -32.91
C TYR A 517 9.50 -55.66 -32.21
N TYR A 518 10.47 -56.35 -31.60
CA TYR A 518 11.58 -55.70 -30.91
C TYR A 518 12.88 -56.07 -31.62
N LEU A 519 13.74 -55.09 -31.86
CA LEU A 519 15.02 -55.30 -32.52
C LEU A 519 16.10 -54.60 -31.71
N GLN A 520 17.31 -55.15 -31.79
CA GLN A 520 18.45 -54.66 -31.05
C GLN A 520 19.46 -54.08 -32.02
N ILE A 521 19.98 -52.90 -31.70
CA ILE A 521 20.94 -52.23 -32.56
C ILE A 521 22.29 -52.94 -32.42
N HIS A 522 22.87 -53.31 -33.55
CA HIS A 522 24.17 -53.95 -33.59
C HIS A 522 25.08 -53.18 -34.53
N PRO A 523 26.40 -53.21 -34.29
CA PRO A 523 27.32 -52.51 -35.19
C PRO A 523 27.19 -52.98 -36.63
N GLN A 524 26.72 -52.07 -37.50
CA GLN A 524 26.53 -52.35 -38.92
C GLN A 524 25.62 -53.57 -39.15
N GLU A 525 24.64 -53.76 -38.27
CA GLU A 525 23.74 -54.89 -38.40
C GLU A 525 22.45 -54.57 -37.66
N LEU A 526 21.35 -55.14 -38.15
CA LEU A 526 20.03 -54.98 -37.54
C LEU A 526 19.53 -56.38 -37.17
N ARG A 527 19.90 -56.83 -35.97
CA ARG A 527 19.56 -58.17 -35.49
C ARG A 527 18.29 -58.09 -34.65
N GLN A 528 17.26 -58.83 -35.06
CA GLN A 528 16.00 -58.83 -34.33
C GLN A 528 16.19 -59.53 -32.97
N ILE A 529 15.60 -58.95 -31.94
CA ILE A 529 15.72 -59.49 -30.59
C ILE A 529 14.55 -60.40 -30.26
N SER A 530 13.31 -59.94 -30.50
CA SER A 530 12.15 -60.75 -30.17
C SER A 530 10.96 -60.33 -31.01
N HIS A 531 9.99 -61.24 -31.10
CA HIS A 531 8.73 -60.98 -31.76
C HIS A 531 7.59 -61.45 -30.85
N THR A 532 6.47 -60.74 -30.92
CA THR A 532 5.33 -61.04 -30.08
C THR A 532 4.07 -60.50 -30.76
N GLU A 533 2.94 -60.58 -30.06
CA GLU A 533 1.68 -60.09 -30.58
C GLU A 533 0.85 -59.56 -29.43
N MET A 534 -0.12 -58.71 -29.77
CA MET A 534 -1.01 -58.11 -28.80
C MET A 534 -2.46 -58.28 -29.24
N GLU A 535 -3.35 -58.39 -28.25
CA GLU A 535 -4.76 -58.56 -28.55
C GLU A 535 -5.34 -57.33 -29.25
N HIS A 536 -4.95 -56.14 -28.80
CA HIS A 536 -5.45 -54.89 -29.35
C HIS A 536 -4.31 -54.12 -30.00
N GLU A 537 -4.68 -53.18 -30.87
CA GLU A 537 -3.69 -52.37 -31.57
C GLU A 537 -2.92 -51.50 -30.59
N VAL A 538 -1.63 -51.32 -30.87
CA VAL A 538 -0.76 -50.53 -29.99
C VAL A 538 -0.94 -49.05 -30.35
N ALA A 539 -1.65 -48.32 -29.48
CA ALA A 539 -1.87 -46.90 -29.73
C ALA A 539 -0.60 -46.10 -29.51
N CYS A 540 0.13 -46.37 -28.43
CA CYS A 540 1.35 -45.64 -28.13
C CYS A 540 2.34 -46.59 -27.47
N LEU A 541 3.61 -46.44 -27.81
CA LEU A 541 4.68 -47.25 -27.24
C LEU A 541 5.92 -46.39 -27.04
N ASP A 542 6.60 -46.62 -25.92
CA ASP A 542 7.81 -45.86 -25.61
C ASP A 542 8.70 -46.72 -24.72
N ILE A 543 10.00 -46.75 -25.03
CA ILE A 543 10.99 -47.49 -24.26
C ILE A 543 12.11 -46.54 -23.91
N THR A 544 12.34 -46.34 -22.62
CA THR A 544 13.41 -45.47 -22.13
C THR A 544 14.10 -46.15 -20.97
N PRO A 545 15.40 -45.90 -20.77
CA PRO A 545 16.12 -46.51 -19.66
C PRO A 545 16.00 -45.70 -18.36
N GLY A 551 20.87 -48.30 -21.83
CA GLY A 551 21.28 -49.38 -22.70
C GLY A 551 20.17 -50.37 -23.01
N LEU A 552 19.58 -50.92 -21.95
CA LEU A 552 18.48 -51.87 -22.08
C LEU A 552 17.31 -51.42 -21.22
N SER A 553 16.12 -51.38 -21.80
CA SER A 553 14.94 -50.98 -21.05
C SER A 553 14.40 -52.17 -20.27
N PRO A 554 14.26 -52.08 -18.96
CA PRO A 554 13.67 -53.19 -18.19
C PRO A 554 12.25 -53.52 -18.63
N LEU A 555 11.48 -52.52 -19.05
CA LEU A 555 10.11 -52.74 -19.49
C LEU A 555 9.73 -51.67 -20.50
N CYS A 556 8.72 -51.98 -21.30
CA CYS A 556 8.19 -51.08 -22.32
C CYS A 556 6.72 -50.81 -22.02
N ALA A 557 6.34 -49.54 -22.07
CA ALA A 557 4.97 -49.12 -21.83
C ALA A 557 4.22 -49.05 -23.15
N ILE A 558 3.06 -49.71 -23.21
CA ILE A 558 2.25 -49.78 -24.41
C ILE A 558 0.82 -49.40 -24.06
N GLY A 559 0.21 -48.56 -24.90
CA GLY A 559 -1.21 -48.25 -24.80
C GLY A 559 -2.00 -49.10 -25.77
N LEU A 560 -3.26 -49.36 -25.40
CA LEU A 560 -4.15 -50.20 -26.21
C LEU A 560 -5.13 -49.31 -26.97
N TRP A 561 -5.14 -49.44 -28.28
CA TRP A 561 -6.05 -48.63 -29.10
C TRP A 561 -7.49 -49.11 -28.98
N THR A 562 -7.69 -50.42 -28.94
CA THR A 562 -9.03 -51.00 -28.88
C THR A 562 -9.52 -51.20 -27.45
N ASP A 563 -8.68 -50.99 -26.44
CA ASP A 563 -9.08 -51.18 -25.05
C ASP A 563 -8.97 -49.91 -24.21
N ILE A 564 -8.20 -48.91 -24.63
CA ILE A 564 -8.04 -47.66 -23.90
C ILE A 564 -7.51 -47.95 -22.50
N SER A 565 -6.43 -48.71 -22.41
CA SER A 565 -5.80 -49.03 -21.13
C SER A 565 -4.30 -49.02 -21.32
N ALA A 566 -3.58 -48.77 -20.23
CA ALA A 566 -2.13 -48.65 -20.26
C ALA A 566 -1.49 -49.87 -19.59
N ARG A 567 -0.55 -50.51 -20.29
CA ARG A 567 0.12 -51.68 -19.77
C ARG A 567 1.62 -51.50 -19.89
N ILE A 568 2.36 -52.19 -19.02
CA ILE A 568 3.82 -52.27 -19.09
C ILE A 568 4.18 -53.74 -19.21
N LEU A 569 5.00 -54.06 -20.22
CA LEU A 569 5.38 -55.43 -20.50
C LEU A 569 6.90 -55.52 -20.64
N LYS A 570 7.44 -56.69 -20.29
CA LYS A 570 8.88 -56.89 -20.34
C LYS A 570 9.35 -56.95 -21.78
N LEU A 571 10.24 -56.02 -22.15
CA LEU A 571 10.74 -55.98 -23.52
C LEU A 571 11.47 -57.25 -23.93
N PRO A 572 12.40 -57.80 -23.14
CA PRO A 572 13.01 -59.09 -23.53
C PRO A 572 12.07 -60.27 -23.48
N SER A 573 10.81 -60.07 -23.14
CA SER A 573 9.83 -61.15 -23.07
C SER A 573 8.53 -60.73 -23.73
N PHE A 574 7.46 -61.49 -23.50
CA PHE A 574 6.15 -61.17 -24.06
C PHE A 574 5.07 -60.98 -23.00
N GLU A 575 5.22 -61.54 -21.81
CA GLU A 575 4.20 -61.45 -20.79
C GLU A 575 4.22 -60.06 -20.17
N LEU A 576 3.04 -59.46 -20.00
CA LEU A 576 2.95 -58.12 -19.43
C LEU A 576 3.33 -58.15 -17.96
N LEU A 577 4.09 -57.14 -17.54
CA LEU A 577 4.47 -57.01 -16.14
C LEU A 577 3.35 -56.41 -15.30
N HIS A 578 2.65 -55.42 -15.84
CA HIS A 578 1.56 -54.78 -15.11
C HIS A 578 0.60 -54.15 -16.12
N LYS A 579 -0.59 -53.81 -15.63
CA LYS A 579 -1.60 -53.17 -16.48
C LYS A 579 -2.54 -52.37 -15.60
N GLU A 580 -3.22 -51.41 -16.22
CA GLU A 580 -4.20 -50.59 -15.53
C GLU A 580 -5.13 -49.96 -16.56
N MET A 581 -6.35 -49.66 -16.13
CA MET A 581 -7.36 -49.04 -16.98
C MET A 581 -7.19 -47.52 -16.88
N LEU A 582 -6.64 -46.92 -17.92
CA LEU A 582 -6.37 -45.48 -17.94
C LEU A 582 -7.62 -44.74 -18.39
N GLY A 583 -8.61 -44.72 -17.49
CA GLY A 583 -9.84 -44.00 -17.73
C GLY A 583 -10.78 -44.68 -18.69
N GLY A 584 -10.29 -44.98 -19.90
CA GLY A 584 -11.10 -45.61 -20.92
C GLY A 584 -11.98 -44.68 -21.71
N GLU A 585 -11.89 -43.36 -21.48
CA GLU A 585 -12.72 -42.42 -22.22
C GLU A 585 -12.30 -42.35 -23.69
N ILE A 586 -10.99 -42.25 -23.94
CA ILE A 586 -10.46 -42.15 -25.29
C ILE A 586 -9.13 -42.91 -25.34
N ILE A 587 -8.65 -43.14 -26.56
CA ILE A 587 -7.37 -43.84 -26.74
C ILE A 587 -6.24 -42.94 -26.26
N PRO A 588 -5.26 -43.47 -25.52
CA PRO A 588 -4.15 -42.63 -25.07
C PRO A 588 -3.36 -42.09 -26.25
N ARG A 589 -2.83 -40.88 -26.08
CA ARG A 589 -2.11 -40.19 -27.15
C ARG A 589 -0.60 -40.37 -27.08
N SER A 590 -0.01 -40.25 -25.89
CA SER A 590 1.44 -40.43 -25.77
C SER A 590 1.80 -40.75 -24.33
N ILE A 591 2.58 -41.81 -24.13
CA ILE A 591 2.96 -42.25 -22.80
C ILE A 591 4.48 -42.34 -22.73
N LEU A 592 5.06 -41.73 -21.70
CA LEU A 592 6.51 -41.69 -21.53
C LEU A 592 6.87 -42.04 -20.11
N MET A 593 8.10 -42.51 -19.92
CA MET A 593 8.65 -42.80 -18.61
C MET A 593 9.82 -41.84 -18.35
N THR A 594 9.79 -41.19 -17.19
CA THR A 594 10.77 -40.16 -16.87
C THR A 594 11.24 -40.31 -15.43
N THR A 595 12.42 -39.74 -15.16
CA THR A 595 13.02 -39.75 -13.83
C THR A 595 13.25 -38.32 -13.35
N PHE A 596 12.24 -37.46 -13.51
CA PHE A 596 12.40 -36.05 -13.20
C PHE A 596 12.74 -35.82 -11.73
N GLU A 597 12.04 -36.51 -10.83
CA GLU A 597 12.22 -36.35 -9.40
C GLU A 597 13.11 -37.43 -8.79
N SER A 598 14.11 -37.90 -9.55
CA SER A 598 15.00 -38.98 -9.12
C SER A 598 14.19 -40.23 -8.73
N SER A 599 13.16 -40.52 -9.50
CA SER A 599 12.29 -41.67 -9.26
C SER A 599 11.89 -42.26 -10.60
N HIS A 600 10.88 -43.11 -10.59
CA HIS A 600 10.34 -43.72 -11.81
C HIS A 600 8.89 -43.26 -11.96
N TYR A 601 8.64 -42.40 -12.95
CA TYR A 601 7.33 -41.80 -13.15
C TYR A 601 6.85 -42.13 -14.55
N LEU A 602 5.56 -42.48 -14.68
CA LEU A 602 4.94 -42.82 -15.95
C LEU A 602 3.92 -41.72 -16.26
N LEU A 603 4.30 -40.80 -17.13
CA LEU A 603 3.40 -39.74 -17.56
C LEU A 603 2.71 -40.19 -18.86
N CYS A 604 1.44 -40.54 -18.76
CA CYS A 604 0.63 -40.89 -19.92
C CYS A 604 -0.38 -39.79 -20.16
N ALA A 605 -0.45 -39.30 -21.40
CA ALA A 605 -1.41 -38.27 -21.79
C ALA A 605 -2.37 -38.85 -22.80
N LEU A 606 -3.67 -38.76 -22.49
CA LEU A 606 -4.71 -39.20 -23.40
C LEU A 606 -4.99 -38.12 -24.45
N GLY A 607 -5.81 -38.46 -25.44
CA GLY A 607 -6.11 -37.52 -26.50
C GLY A 607 -7.02 -36.39 -26.11
N ASP A 608 -7.72 -36.51 -24.98
CA ASP A 608 -8.67 -35.50 -24.54
C ASP A 608 -8.02 -34.33 -23.81
N GLY A 609 -6.71 -34.36 -23.60
CA GLY A 609 -6.02 -33.32 -22.88
C GLY A 609 -5.76 -33.61 -21.42
N ALA A 610 -5.97 -34.84 -20.97
CA ALA A 610 -5.78 -35.23 -19.58
C ALA A 610 -4.56 -36.12 -19.45
N LEU A 611 -3.70 -35.79 -18.49
CA LEU A 611 -2.54 -36.61 -18.16
C LEU A 611 -2.92 -37.50 -16.98
N PHE A 612 -3.02 -38.81 -17.25
CA PHE A 612 -3.19 -39.84 -16.22
C PHE A 612 -1.81 -40.20 -15.68
N TYR A 613 -1.27 -39.27 -14.90
CA TYR A 613 0.01 -39.44 -14.23
C TYR A 613 -0.01 -40.63 -13.28
N PHE A 614 1.06 -41.44 -13.34
CA PHE A 614 1.16 -42.64 -12.53
C PHE A 614 2.59 -42.82 -12.05
N GLY A 615 2.76 -43.61 -11.00
CA GLY A 615 4.09 -43.90 -10.48
C GLY A 615 4.45 -45.36 -10.68
N LEU A 616 5.63 -45.60 -11.24
CA LEU A 616 6.07 -46.96 -11.58
C LEU A 616 7.32 -47.31 -10.80
N ASN A 617 7.79 -48.55 -10.99
CA ASN A 617 8.97 -49.06 -10.32
C ASN A 617 10.01 -49.42 -11.36
N ILE A 618 11.24 -48.93 -11.15
CA ILE A 618 12.31 -49.18 -12.12
C ILE A 618 12.74 -50.63 -12.08
N GLU A 619 12.80 -51.23 -10.89
CA GLU A 619 13.30 -52.59 -10.76
C GLU A 619 12.33 -53.60 -11.37
N THR A 620 11.12 -53.68 -10.83
CA THR A 620 10.13 -54.63 -11.32
C THR A 620 8.74 -54.14 -10.91
N GLY A 621 7.77 -54.39 -11.79
CA GLY A 621 6.40 -53.99 -11.52
C GLY A 621 6.24 -52.48 -11.60
N LEU A 622 5.09 -52.03 -11.09
CA LEU A 622 4.78 -50.61 -11.06
C LEU A 622 3.79 -50.35 -9.94
N LEU A 623 3.94 -49.20 -9.30
CA LEU A 623 3.00 -48.77 -8.27
C LEU A 623 1.76 -48.18 -8.95
N SER A 624 0.90 -47.52 -8.18
CA SER A 624 -0.27 -46.86 -8.73
C SER A 624 -0.14 -45.35 -8.69
N ASP A 625 0.00 -44.77 -7.50
CA ASP A 625 0.14 -43.32 -7.31
C ASP A 625 -0.73 -42.54 -8.28
N ARG A 626 -2.01 -42.89 -8.28
CA ARG A 626 -2.93 -42.38 -9.31
C ARG A 626 -3.01 -40.86 -9.27
N LYS A 627 -3.00 -40.24 -10.45
CA LYS A 627 -3.15 -38.79 -10.53
C LYS A 627 -3.69 -38.39 -11.90
N LYS A 628 -4.66 -37.49 -11.94
CA LYS A 628 -5.19 -36.97 -13.20
C LYS A 628 -5.08 -35.46 -13.20
N VAL A 629 -4.46 -34.91 -14.24
CA VAL A 629 -4.27 -33.47 -14.37
C VAL A 629 -4.76 -33.03 -15.74
N THR A 630 -5.61 -32.01 -15.77
CA THR A 630 -6.10 -31.46 -17.03
C THR A 630 -5.02 -30.56 -17.62
N LEU A 631 -4.22 -31.11 -18.54
CA LEU A 631 -3.13 -30.36 -19.14
C LEU A 631 -3.57 -29.55 -20.36
N GLY A 632 -4.80 -29.69 -20.80
CA GLY A 632 -5.29 -28.93 -21.94
C GLY A 632 -6.52 -29.61 -22.54
N THR A 633 -6.76 -29.28 -23.81
CA THR A 633 -7.90 -29.83 -24.55
C THR A 633 -7.45 -30.46 -25.87
N GLN A 634 -6.17 -30.75 -26.02
CA GLN A 634 -5.60 -31.34 -27.23
C GLN A 634 -4.68 -32.49 -26.84
N PRO A 635 -4.48 -33.47 -27.74
CA PRO A 635 -3.57 -34.56 -27.43
C PRO A 635 -2.12 -34.09 -27.42
N THR A 636 -1.53 -33.99 -26.24
CA THR A 636 -0.19 -33.46 -26.10
C THR A 636 0.85 -34.46 -26.60
N VAL A 637 1.99 -33.93 -27.01
CA VAL A 637 3.14 -34.72 -27.41
C VAL A 637 4.21 -34.51 -26.35
N LEU A 638 4.32 -35.46 -25.43
CA LEU A 638 5.30 -35.36 -24.36
C LEU A 638 6.70 -35.55 -24.91
N ARG A 639 7.60 -34.63 -24.57
CA ARG A 639 8.96 -34.68 -25.08
C ARG A 639 9.86 -34.05 -24.03
N THR A 640 10.69 -34.86 -23.40
CA THR A 640 11.65 -34.36 -22.43
C THR A 640 12.78 -33.63 -23.14
N PHE A 641 13.11 -32.43 -22.67
CA PHE A 641 14.17 -31.63 -23.23
C PHE A 641 15.30 -31.48 -22.22
N ARG A 642 16.53 -31.79 -22.66
CA ARG A 642 17.67 -31.83 -21.76
C ARG A 642 18.09 -30.45 -21.24
N SER A 643 17.64 -29.37 -21.89
CA SER A 643 18.01 -28.02 -21.46
C SER A 643 17.21 -27.66 -20.20
N LEU A 644 17.58 -28.32 -19.11
CA LEU A 644 16.86 -28.20 -17.85
C LEU A 644 17.76 -28.76 -16.75
N SER A 645 17.20 -28.92 -15.55
CA SER A 645 17.97 -29.42 -14.41
C SER A 645 18.45 -30.84 -14.67
N THR A 646 17.54 -31.80 -14.74
CA THR A 646 17.91 -33.17 -15.08
C THR A 646 17.26 -33.65 -16.37
N THR A 647 15.93 -33.71 -16.44
CA THR A 647 15.29 -34.13 -17.68
C THR A 647 14.12 -33.24 -18.11
N ASN A 648 13.28 -32.80 -17.16
CA ASN A 648 12.07 -32.04 -17.47
C ASN A 648 11.15 -32.77 -18.43
N VAL A 649 10.07 -32.12 -18.84
CA VAL A 649 9.15 -32.68 -19.82
C VAL A 649 8.33 -31.54 -20.40
N PHE A 650 8.18 -31.55 -21.71
CA PHE A 650 7.38 -30.55 -22.42
C PHE A 650 6.14 -31.26 -22.97
N ALA A 651 4.98 -30.91 -22.42
CA ALA A 651 3.70 -31.45 -22.89
C ALA A 651 3.13 -30.47 -23.91
N CYS A 652 3.63 -30.57 -25.14
CA CYS A 652 3.18 -29.69 -26.21
C CYS A 652 1.73 -29.97 -26.56
N SER A 653 0.87 -28.97 -26.37
CA SER A 653 -0.56 -29.11 -26.63
C SER A 653 -1.13 -27.72 -26.86
N ASP A 654 -2.47 -27.62 -26.84
CA ASP A 654 -3.14 -26.33 -26.96
C ASP A 654 -2.83 -25.41 -25.80
N ARG A 655 -2.47 -25.96 -24.64
CA ARG A 655 -2.03 -25.20 -23.47
C ARG A 655 -0.68 -25.74 -23.05
N PRO A 656 0.41 -25.28 -23.68
CA PRO A 656 1.73 -25.85 -23.39
C PRO A 656 2.11 -25.67 -21.93
N THR A 657 2.79 -26.68 -21.38
CA THR A 657 3.22 -26.67 -19.99
C THR A 657 4.57 -27.35 -19.89
N VAL A 658 5.37 -26.93 -18.91
CA VAL A 658 6.66 -27.53 -18.64
C VAL A 658 6.56 -28.23 -17.28
N ILE A 659 6.75 -29.55 -17.28
CA ILE A 659 6.55 -30.38 -16.10
C ILE A 659 7.90 -30.57 -15.45
N TYR A 660 8.13 -29.89 -14.32
CA TYR A 660 9.41 -30.02 -13.62
C TYR A 660 9.19 -30.37 -12.15
N SER A 661 10.05 -31.23 -11.62
CA SER A 661 10.00 -31.61 -10.22
C SER A 661 10.84 -30.67 -9.38
N SER A 662 10.24 -30.08 -8.35
CA SER A 662 11.02 -29.21 -7.48
C SER A 662 11.47 -29.93 -6.21
N ASN A 663 10.54 -30.17 -5.29
CA ASN A 663 10.80 -30.97 -4.08
C ASN A 663 10.00 -32.27 -4.10
N HIS A 664 10.28 -33.12 -5.10
CA HIS A 664 9.56 -34.37 -5.33
C HIS A 664 8.08 -34.14 -5.62
N LYS A 665 7.70 -32.91 -5.97
CA LYS A 665 6.31 -32.58 -6.28
C LYS A 665 6.29 -31.85 -7.61
N LEU A 666 5.67 -32.46 -8.61
CA LEU A 666 5.77 -31.94 -9.98
C LEU A 666 4.96 -30.67 -10.13
N VAL A 667 5.64 -29.60 -10.50
CA VAL A 667 5.00 -28.35 -10.87
C VAL A 667 4.76 -28.35 -12.38
N PHE A 668 3.63 -27.78 -12.77
CA PHE A 668 3.17 -27.73 -14.16
C PHE A 668 2.94 -26.26 -14.48
N SER A 669 3.97 -25.59 -14.98
CA SER A 669 3.91 -24.16 -15.26
C SER A 669 3.65 -23.94 -16.75
N ASN A 670 2.74 -23.02 -17.06
CA ASN A 670 2.42 -22.73 -18.43
C ASN A 670 3.57 -22.00 -19.12
N VAL A 671 3.43 -21.81 -20.43
CA VAL A 671 4.43 -21.12 -21.23
C VAL A 671 3.76 -19.98 -21.97
N ASN A 672 4.57 -18.98 -22.34
CA ASN A 672 4.07 -17.79 -23.02
C ASN A 672 3.95 -18.03 -24.52
N LEU A 673 3.22 -19.07 -24.91
CA LEU A 673 2.97 -19.37 -26.31
C LEU A 673 1.49 -19.69 -26.50
N LYS A 674 0.95 -19.28 -27.65
CA LYS A 674 -0.48 -19.52 -27.90
C LYS A 674 -0.77 -21.02 -27.98
N GLU A 675 -0.01 -21.74 -28.81
CA GLU A 675 -0.19 -23.17 -28.99
C GLU A 675 1.03 -23.73 -29.70
N VAL A 676 1.46 -24.91 -29.29
CA VAL A 676 2.61 -25.58 -29.89
C VAL A 676 2.14 -26.92 -30.43
N ASN A 677 2.33 -27.13 -31.74
CA ASN A 677 1.95 -28.39 -32.35
C ASN A 677 2.91 -29.50 -31.93
N TYR A 678 4.22 -29.24 -31.97
CA TYR A 678 5.19 -30.25 -31.57
C TYR A 678 6.50 -29.56 -31.20
N MET A 679 7.20 -30.10 -30.22
CA MET A 679 8.42 -29.49 -29.73
C MET A 679 9.52 -30.54 -29.66
N CYS A 680 10.77 -30.09 -29.75
CA CYS A 680 11.92 -30.98 -29.68
C CYS A 680 13.15 -30.19 -29.28
N PRO A 681 14.02 -30.72 -28.42
CA PRO A 681 15.27 -30.03 -28.14
C PRO A 681 16.16 -29.97 -29.37
N LEU A 682 16.85 -28.85 -29.52
CA LEU A 682 17.77 -28.63 -30.64
C LEU A 682 18.95 -27.84 -30.11
N ASN A 683 19.98 -28.54 -29.63
CA ASN A 683 21.16 -27.91 -29.07
C ASN A 683 22.19 -27.69 -30.19
N SER A 684 21.84 -26.78 -31.09
CA SER A 684 22.70 -26.46 -32.22
C SER A 684 23.94 -25.71 -31.74
N ASP A 685 24.99 -25.77 -32.56
CA ASP A 685 26.22 -25.05 -32.24
C ASP A 685 25.97 -23.54 -32.20
N GLY A 686 25.19 -23.02 -33.14
CA GLY A 686 24.88 -21.61 -33.14
C GLY A 686 24.03 -21.18 -31.95
N TYR A 687 23.11 -22.04 -31.54
CA TYR A 687 22.20 -21.77 -30.42
C TYR A 687 22.28 -22.93 -29.44
N PRO A 688 23.28 -22.93 -28.56
CA PRO A 688 23.41 -24.03 -27.59
C PRO A 688 22.27 -24.04 -26.59
N ASP A 689 21.91 -25.24 -26.16
CA ASP A 689 20.88 -25.45 -25.13
C ASP A 689 19.56 -24.76 -25.52
N SER A 690 19.23 -24.81 -26.80
CA SER A 690 18.00 -24.19 -27.29
C SER A 690 16.88 -25.23 -27.32
N LEU A 691 15.77 -24.87 -27.96
CA LEU A 691 14.61 -25.75 -28.08
C LEU A 691 13.83 -25.31 -29.30
N ALA A 692 13.64 -26.22 -30.26
CA ALA A 692 12.85 -25.92 -31.45
C ALA A 692 11.40 -26.31 -31.20
N LEU A 693 10.52 -25.33 -31.16
CA LEU A 693 9.08 -25.55 -31.02
C LEU A 693 8.39 -25.13 -32.31
N ALA A 694 7.64 -26.05 -32.90
CA ALA A 694 6.93 -25.81 -34.15
C ALA A 694 5.43 -25.76 -33.88
N ASN A 695 4.81 -24.66 -34.29
CA ASN A 695 3.39 -24.42 -34.12
C ASN A 695 2.66 -24.81 -35.40
N ASN A 696 1.40 -24.40 -35.51
CA ASN A 696 0.59 -24.73 -36.68
C ASN A 696 0.96 -23.94 -37.92
N SER A 697 1.81 -22.92 -37.80
CA SER A 697 2.12 -22.07 -38.95
C SER A 697 3.62 -21.92 -39.17
N THR A 698 4.40 -21.78 -38.10
CA THR A 698 5.83 -21.52 -38.24
C THR A 698 6.57 -22.21 -37.11
N LEU A 699 7.86 -22.45 -37.32
CA LEU A 699 8.71 -23.15 -36.37
C LEU A 699 9.76 -22.20 -35.83
N THR A 700 9.81 -22.04 -34.50
CA THR A 700 10.74 -21.14 -33.87
C THR A 700 11.75 -21.92 -33.05
N ILE A 701 12.90 -21.30 -32.84
CA ILE A 701 13.97 -21.86 -32.02
C ILE A 701 14.29 -20.86 -30.92
N GLY A 702 14.31 -21.32 -29.68
CA GLY A 702 14.56 -20.44 -28.56
C GLY A 702 14.76 -21.20 -27.28
N THR A 703 15.26 -20.49 -26.27
CA THR A 703 15.51 -21.06 -24.96
C THR A 703 14.30 -20.85 -24.05
N ILE A 704 14.40 -21.34 -22.82
CA ILE A 704 13.33 -21.22 -21.84
C ILE A 704 13.91 -20.69 -20.54
N ASP A 705 13.01 -20.12 -19.72
CA ASP A 705 13.42 -19.59 -18.42
C ASP A 705 13.65 -20.74 -17.44
N GLU A 706 14.25 -20.40 -16.30
CA GLU A 706 14.57 -21.40 -15.29
C GLU A 706 13.32 -22.07 -14.74
N ILE A 707 12.49 -21.32 -14.01
CA ILE A 707 11.24 -21.86 -13.49
C ILE A 707 10.28 -20.75 -13.08
N GLN A 708 9.03 -20.85 -13.54
CA GLN A 708 7.86 -20.13 -13.01
C GLN A 708 8.18 -18.68 -12.61
N LYS A 709 8.55 -17.88 -13.61
CA LYS A 709 8.81 -16.47 -13.38
C LYS A 709 7.49 -15.71 -13.32
N LEU A 710 7.59 -14.38 -13.21
CA LEU A 710 6.43 -13.50 -13.28
C LEU A 710 6.73 -12.42 -14.30
N HIS A 711 5.92 -12.35 -15.36
CA HIS A 711 6.20 -11.48 -16.50
C HIS A 711 5.24 -10.29 -16.51
N ILE A 712 5.78 -9.13 -16.86
CA ILE A 712 5.06 -7.87 -16.80
C ILE A 712 5.11 -7.21 -18.17
N ARG A 713 3.96 -6.80 -18.68
CA ARG A 713 3.83 -6.11 -19.95
C ARG A 713 3.35 -4.69 -19.71
N THR A 714 4.00 -3.73 -20.36
CA THR A 714 3.75 -2.30 -20.14
C THR A 714 2.92 -1.70 -21.28
N VAL A 715 1.89 -0.95 -20.91
CA VAL A 715 1.10 -0.17 -21.84
C VAL A 715 1.09 1.29 -21.36
N PRO A 716 1.98 2.13 -21.85
CA PRO A 716 2.03 3.51 -21.35
C PRO A 716 0.88 4.35 -21.85
N LEU A 717 0.31 5.15 -20.94
CA LEU A 717 -0.79 6.05 -21.26
C LEU A 717 -0.42 7.52 -21.13
N TYR A 718 0.68 7.85 -20.47
CA TYR A 718 1.14 9.22 -20.28
C TYR A 718 0.13 10.07 -19.51
N GLU A 719 -0.72 9.43 -18.71
CA GLU A 719 -1.62 10.13 -17.81
C GLU A 719 -2.00 9.18 -16.69
N SER A 720 -2.39 9.75 -15.55
CA SER A 720 -2.60 8.96 -14.36
C SER A 720 -3.87 8.12 -14.47
N PRO A 721 -3.79 6.79 -14.37
CA PRO A 721 -5.01 5.98 -14.33
C PRO A 721 -5.50 5.77 -12.90
N ARG A 722 -6.81 5.94 -12.72
CA ARG A 722 -7.42 5.90 -11.39
C ARG A 722 -8.06 4.55 -11.09
N LYS A 723 -8.99 4.11 -11.93
CA LYS A 723 -9.70 2.86 -11.73
C LYS A 723 -9.72 2.07 -13.03
N ILE A 724 -9.82 0.75 -12.91
CA ILE A 724 -9.88 -0.12 -14.08
C ILE A 724 -10.92 -1.20 -13.86
N CYS A 725 -11.72 -1.48 -14.88
CA CYS A 725 -12.68 -2.57 -14.88
C CYS A 725 -12.66 -3.23 -16.25
N TYR A 726 -13.06 -4.49 -16.29
CA TYR A 726 -12.98 -5.31 -17.48
C TYR A 726 -14.37 -5.75 -17.91
N GLN A 727 -14.64 -5.69 -19.22
CA GLN A 727 -15.93 -6.09 -19.75
C GLN A 727 -15.73 -7.31 -20.65
N GLU A 728 -16.34 -8.43 -20.27
CA GLU A 728 -16.10 -9.68 -20.98
C GLU A 728 -16.70 -9.66 -22.38
N VAL A 729 -17.96 -9.23 -22.51
CA VAL A 729 -18.67 -9.33 -23.78
C VAL A 729 -18.07 -8.39 -24.81
N SER A 730 -17.64 -7.20 -24.38
CA SER A 730 -17.06 -6.23 -25.30
C SER A 730 -15.57 -6.44 -25.53
N GLN A 731 -14.93 -7.33 -24.77
CA GLN A 731 -13.50 -7.56 -24.89
C GLN A 731 -12.71 -6.26 -24.73
N CYS A 732 -13.09 -5.46 -23.75
CA CYS A 732 -12.50 -4.16 -23.56
C CYS A 732 -12.24 -3.89 -22.09
N PHE A 733 -11.33 -2.95 -21.85
CA PHE A 733 -10.98 -2.48 -20.53
C PHE A 733 -11.42 -1.02 -20.43
N GLY A 734 -12.18 -0.70 -19.39
CA GLY A 734 -12.57 0.66 -19.11
C GLY A 734 -11.74 1.20 -17.97
N VAL A 735 -10.97 2.24 -18.25
CA VAL A 735 -10.05 2.82 -17.27
C VAL A 735 -10.33 4.31 -17.13
N LEU A 736 -10.46 4.76 -15.89
CA LEU A 736 -10.53 6.20 -15.64
C LEU A 736 -9.13 6.79 -15.61
N SER A 737 -9.02 8.03 -16.05
CA SER A 737 -7.71 8.67 -16.13
C SER A 737 -7.87 10.17 -15.96
N SER A 738 -6.76 10.83 -15.69
CA SER A 738 -6.75 12.27 -15.47
C SER A 738 -5.47 12.86 -16.02
N ARG A 739 -5.58 14.04 -16.62
CA ARG A 739 -4.41 14.75 -17.11
C ARG A 739 -4.42 16.19 -16.61
N ILE A 740 -3.23 16.73 -16.41
CA ILE A 740 -3.04 18.10 -15.94
C ILE A 740 -2.99 19.03 -17.15
N GLU A 741 -3.85 20.05 -17.15
CA GLU A 741 -3.86 21.02 -18.24
C GLU A 741 -3.70 22.41 -17.64
N VAL A 742 -2.79 23.19 -18.20
CA VAL A 742 -2.56 24.54 -17.68
C VAL A 742 -3.65 25.48 -18.15
N GLN A 743 -3.97 26.46 -17.30
CA GLN A 743 -5.03 27.42 -17.58
C GLN A 743 -4.42 28.60 -18.32
N ASP A 744 -4.61 28.63 -19.64
CA ASP A 744 -4.08 29.72 -20.43
C ASP A 744 -5.01 30.93 -20.38
N THR A 745 -4.52 32.05 -20.89
CA THR A 745 -5.28 33.30 -20.88
C THR A 745 -6.15 33.46 -22.13
N SER A 746 -6.90 32.40 -22.44
CA SER A 746 -7.80 32.43 -23.58
C SER A 746 -9.15 31.77 -23.31
N GLY A 747 -9.41 31.35 -22.07
CA GLY A 747 -10.66 30.69 -21.74
C GLY A 747 -10.69 29.20 -21.98
N GLY A 748 -9.65 28.63 -22.61
CA GLY A 748 -9.55 27.21 -22.84
C GLY A 748 -8.59 26.56 -21.86
N THR A 749 -8.27 25.30 -22.16
CA THR A 749 -7.34 24.52 -21.34
C THR A 749 -6.41 23.76 -22.29
N THR A 750 -5.17 24.22 -22.39
CA THR A 750 -4.18 23.56 -23.24
C THR A 750 -3.50 22.44 -22.47
N ALA A 751 -3.26 21.34 -23.17
CA ALA A 751 -2.61 20.18 -22.56
C ALA A 751 -1.11 20.42 -22.43
N LEU A 752 -0.41 19.43 -21.89
CA LEU A 752 1.03 19.53 -21.70
C LEU A 752 1.84 18.54 -22.52
N ARG A 753 1.29 17.38 -22.84
CA ARG A 753 1.99 16.37 -23.63
C ARG A 753 0.95 15.47 -24.27
N PRO A 754 1.30 14.81 -25.38
CA PRO A 754 0.36 13.87 -26.00
C PRO A 754 0.03 12.73 -25.06
N SER A 755 -1.23 12.67 -24.64
CA SER A 755 -1.68 11.65 -23.70
C SER A 755 -2.42 10.56 -24.44
N ALA A 756 -2.85 9.53 -23.69
CA ALA A 756 -3.64 8.47 -24.29
C ALA A 756 -5.05 8.94 -24.64
N SER A 757 -5.58 9.92 -23.90
CA SER A 757 -6.92 10.42 -24.17
C SER A 757 -6.96 11.32 -25.39
N THR A 758 -5.86 12.00 -25.70
CA THR A 758 -5.77 12.86 -26.87
C THR A 758 -5.26 12.13 -28.11
N GLN A 759 -5.02 10.82 -28.01
CA GLN A 759 -4.52 10.02 -29.12
C GLN A 759 -5.44 8.84 -29.40
N ALA A 760 -6.71 8.96 -29.03
CA ALA A 760 -7.66 7.88 -29.23
C ALA A 760 -8.23 7.91 -30.65
N LEU A 761 -8.70 6.75 -31.10
CA LEU A 761 -9.29 6.64 -32.43
C LEU A 761 -10.53 7.52 -32.54
N SER A 762 -11.43 7.43 -31.58
CA SER A 762 -12.63 8.24 -31.52
C SER A 762 -12.72 8.89 -30.16
N SER A 763 -13.13 10.16 -30.13
CA SER A 763 -13.18 10.92 -28.89
C SER A 763 -14.56 11.51 -28.70
N SER A 764 -14.92 11.74 -27.44
CA SER A 764 -16.20 12.31 -27.09
C SER A 764 -16.01 13.27 -25.92
N VAL A 765 -16.94 14.22 -25.80
CA VAL A 765 -16.96 15.17 -24.69
C VAL A 765 -18.37 15.18 -24.12
N SER A 766 -18.47 15.06 -22.79
CA SER A 766 -19.78 15.04 -22.15
C SER A 766 -20.51 16.36 -22.34
N SER A 767 -21.82 16.27 -22.55
CA SER A 767 -22.66 17.45 -22.75
C SER A 767 -23.93 17.24 -21.92
N SER A 768 -23.95 17.81 -20.72
CA SER A 768 -25.09 17.68 -19.83
C SER A 768 -25.46 19.06 -19.27
N LYS A 769 -26.73 19.22 -18.95
CA LYS A 769 -27.29 20.48 -18.49
C LYS A 769 -28.25 20.27 -17.32
N LEU A 770 -27.82 19.50 -16.31
CA LEU A 770 -28.63 19.28 -15.12
C LEU A 770 -28.30 20.27 -14.01
N PHE A 771 -27.40 21.22 -14.23
CA PHE A 771 -27.07 22.21 -13.23
C PHE A 771 -27.06 23.62 -13.84
N THR A 780 -8.93 29.40 -13.55
CA THR A 780 -9.21 30.83 -13.53
C THR A 780 -7.94 31.63 -13.81
N SER A 781 -7.02 31.63 -12.84
CA SER A 781 -5.78 32.36 -13.00
C SER A 781 -4.91 31.73 -14.08
N PHE A 782 -4.15 32.57 -14.77
CA PHE A 782 -3.25 32.11 -15.81
C PHE A 782 -2.11 31.31 -15.19
N GLY A 783 -1.97 30.06 -15.60
CA GLY A 783 -0.93 29.18 -15.09
C GLY A 783 -1.43 28.11 -14.16
N GLU A 784 -2.67 28.19 -13.68
CA GLU A 784 -3.21 27.18 -12.80
C GLU A 784 -3.33 25.84 -13.54
N GLU A 785 -3.09 24.76 -12.80
CA GLU A 785 -3.22 23.41 -13.33
C GLU A 785 -4.59 22.86 -12.96
N VAL A 786 -5.34 22.43 -13.96
CA VAL A 786 -6.69 21.91 -13.77
C VAL A 786 -6.73 20.45 -14.20
N GLU A 787 -7.45 19.64 -13.44
CA GLU A 787 -7.63 18.23 -13.77
C GLU A 787 -8.67 18.07 -14.87
N VAL A 788 -8.32 17.28 -15.88
CA VAL A 788 -9.26 16.88 -16.92
C VAL A 788 -9.40 15.38 -16.84
N HIS A 789 -10.62 14.90 -16.61
CA HIS A 789 -10.89 13.49 -16.37
C HIS A 789 -11.44 12.84 -17.63
N ASN A 790 -11.04 11.59 -17.85
CA ASN A 790 -11.37 10.87 -19.06
C ASN A 790 -11.70 9.43 -18.72
N LEU A 791 -12.54 8.82 -19.55
CA LEU A 791 -12.82 7.39 -19.49
C LEU A 791 -12.32 6.78 -20.78
N LEU A 792 -11.31 5.92 -20.69
CA LEU A 792 -10.68 5.32 -21.85
C LEU A 792 -11.18 3.90 -22.02
N ILE A 793 -11.55 3.56 -23.24
CA ILE A 793 -11.90 2.19 -23.62
C ILE A 793 -10.74 1.64 -24.43
N ILE A 794 -10.13 0.57 -23.93
CA ILE A 794 -8.90 0.00 -24.48
C ILE A 794 -9.17 -1.44 -24.89
N ASP A 795 -8.78 -1.80 -26.11
CA ASP A 795 -8.93 -3.17 -26.56
C ASP A 795 -8.10 -4.12 -25.69
N GLN A 796 -8.62 -5.33 -25.49
CA GLN A 796 -7.95 -6.28 -24.61
C GLN A 796 -6.81 -7.03 -25.29
N HIS A 797 -6.73 -7.00 -26.62
CA HIS A 797 -5.70 -7.73 -27.35
C HIS A 797 -4.54 -6.83 -27.75
N THR A 798 -4.81 -5.78 -28.51
CA THR A 798 -3.78 -4.86 -28.96
C THR A 798 -3.47 -3.78 -27.94
N PHE A 799 -4.33 -3.60 -26.94
CA PHE A 799 -4.13 -2.60 -25.89
C PHE A 799 -3.95 -1.20 -26.48
N GLU A 800 -4.78 -0.89 -27.47
CA GLU A 800 -4.84 0.44 -28.07
C GLU A 800 -6.08 1.15 -27.56
N VAL A 801 -5.97 2.46 -27.37
CA VAL A 801 -7.09 3.24 -26.84
C VAL A 801 -8.16 3.36 -27.92
N LEU A 802 -9.21 2.55 -27.81
CA LEU A 802 -10.27 2.58 -28.80
C LEU A 802 -11.17 3.79 -28.63
N HIS A 803 -11.28 4.32 -27.41
CA HIS A 803 -12.14 5.47 -27.21
C HIS A 803 -11.68 6.25 -25.99
N ALA A 804 -12.07 7.52 -25.93
CA ALA A 804 -11.75 8.40 -24.81
C ALA A 804 -12.87 9.41 -24.65
N HIS A 805 -13.62 9.30 -23.57
CA HIS A 805 -14.72 10.21 -23.26
C HIS A 805 -14.29 11.21 -22.21
N GLN A 806 -14.42 12.50 -22.51
CA GLN A 806 -14.03 13.56 -21.60
C GLN A 806 -15.26 14.06 -20.83
N PHE A 807 -15.13 14.14 -19.50
CA PHE A 807 -16.24 14.56 -18.67
C PHE A 807 -16.34 16.09 -18.67
N LEU A 808 -17.34 16.60 -17.95
CA LEU A 808 -17.56 18.03 -17.89
C LEU A 808 -16.44 18.72 -17.12
N GLN A 809 -16.37 20.04 -17.26
CA GLN A 809 -15.43 20.82 -16.49
C GLN A 809 -15.79 20.77 -15.01
N ASN A 810 -14.76 20.74 -14.16
CA ASN A 810 -14.94 20.68 -12.70
C ASN A 810 -15.70 19.43 -12.26
N GLU A 811 -15.50 18.33 -12.97
CA GLU A 811 -16.12 17.06 -12.63
C GLU A 811 -15.04 16.03 -12.33
N TYR A 812 -15.12 15.39 -11.17
CA TYR A 812 -14.13 14.41 -10.73
C TYR A 812 -14.83 13.06 -10.67
N ALA A 813 -14.30 12.09 -11.42
CA ALA A 813 -14.88 10.75 -11.46
C ALA A 813 -14.20 9.86 -10.43
N LEU A 814 -15.00 9.25 -9.55
CA LEU A 814 -14.48 8.49 -8.42
C LEU A 814 -14.46 6.99 -8.67
N SER A 815 -15.60 6.41 -9.03
CA SER A 815 -15.77 4.96 -9.09
C SER A 815 -16.13 4.50 -10.49
N LEU A 816 -16.08 3.18 -10.67
CA LEU A 816 -16.28 2.57 -11.99
C LEU A 816 -16.60 1.10 -11.80
N VAL A 817 -17.75 0.66 -12.30
CA VAL A 817 -18.14 -0.74 -12.27
C VAL A 817 -18.66 -1.13 -13.64
N SER A 818 -18.27 -2.32 -14.10
CA SER A 818 -18.75 -2.88 -15.35
C SER A 818 -19.61 -4.09 -15.02
N CYS A 819 -20.92 -3.94 -15.15
CA CYS A 819 -21.84 -5.00 -14.76
C CYS A 819 -23.16 -4.81 -15.48
N LYS A 820 -23.97 -5.85 -15.46
CA LYS A 820 -25.29 -5.85 -16.07
C LYS A 820 -26.35 -5.72 -14.99
N LEU A 821 -27.28 -4.79 -15.17
CA LEU A 821 -28.28 -4.45 -14.18
C LEU A 821 -29.64 -5.00 -14.57
N GLY A 822 -30.34 -5.59 -13.60
CA GLY A 822 -31.69 -6.06 -13.82
C GLY A 822 -31.76 -7.16 -14.85
N LYS A 823 -32.84 -7.14 -15.63
CA LYS A 823 -33.07 -8.14 -16.67
C LYS A 823 -32.48 -7.75 -18.01
N ASP A 824 -31.81 -6.62 -18.09
CA ASP A 824 -31.24 -6.16 -19.36
C ASP A 824 -30.05 -7.02 -19.75
N PRO A 825 -30.06 -7.65 -20.93
CA PRO A 825 -28.90 -8.44 -21.35
C PRO A 825 -27.63 -7.63 -21.54
N ASN A 826 -27.75 -6.34 -21.82
CA ASN A 826 -26.60 -5.51 -22.08
C ASN A 826 -25.76 -5.32 -20.83
N THR A 827 -24.45 -5.16 -21.02
CA THR A 827 -23.53 -4.82 -19.95
C THR A 827 -23.04 -3.39 -20.14
N TYR A 828 -22.98 -2.65 -19.04
CA TYR A 828 -22.77 -1.21 -19.07
C TYR A 828 -21.57 -0.81 -18.24
N PHE A 829 -21.04 0.38 -18.52
CA PHE A 829 -20.04 1.02 -17.67
C PHE A 829 -20.75 2.06 -16.82
N ILE A 830 -20.77 1.86 -15.50
CA ILE A 830 -21.38 2.81 -14.59
C ILE A 830 -20.28 3.60 -13.91
N VAL A 831 -20.35 4.92 -14.02
CA VAL A 831 -19.35 5.83 -13.47
C VAL A 831 -20.04 6.80 -12.51
N GLY A 832 -19.48 6.97 -11.32
CA GLY A 832 -19.96 7.95 -10.37
C GLY A 832 -19.02 9.12 -10.25
N THR A 833 -19.50 10.32 -10.55
CA THR A 833 -18.70 11.53 -10.54
C THR A 833 -19.28 12.52 -9.54
N ALA A 834 -18.50 13.58 -9.27
CA ALA A 834 -18.85 14.60 -8.30
C ALA A 834 -18.31 15.92 -8.79
N MET A 835 -19.15 16.95 -8.82
CA MET A 835 -18.71 18.27 -9.26
C MET A 835 -18.02 18.97 -8.09
N VAL A 836 -16.72 19.19 -8.23
CA VAL A 836 -15.91 19.79 -7.17
C VAL A 836 -15.44 21.17 -7.61
N TYR A 837 -15.54 22.13 -6.70
CA TYR A 837 -15.14 23.50 -6.95
C TYR A 837 -14.17 23.95 -5.88
N PRO A 838 -13.19 24.80 -6.22
CA PRO A 838 -12.25 25.28 -5.21
C PRO A 838 -12.91 26.06 -4.08
N GLU A 839 -14.01 26.75 -4.37
CA GLU A 839 -14.65 27.59 -3.36
C GLU A 839 -15.18 26.76 -2.20
N GLU A 840 -15.77 25.60 -2.48
CA GLU A 840 -16.38 24.76 -1.46
C GLU A 840 -15.45 23.61 -1.07
N ALA A 841 -15.66 23.09 0.13
CA ALA A 841 -14.87 21.98 0.63
C ALA A 841 -15.56 20.63 0.43
N GLU A 842 -16.85 20.54 0.74
CA GLU A 842 -17.59 19.31 0.58
C GLU A 842 -18.48 19.40 -0.65
N PRO A 843 -18.32 18.52 -1.63
CA PRO A 843 -19.15 18.61 -2.84
C PRO A 843 -20.64 18.48 -2.52
N LYS A 844 -21.45 19.21 -3.27
CA LYS A 844 -22.89 19.23 -3.07
C LYS A 844 -23.67 18.50 -4.15
N GLN A 845 -23.06 18.21 -5.30
CA GLN A 845 -23.77 17.58 -6.40
C GLN A 845 -22.85 16.62 -7.14
N GLY A 846 -23.41 15.49 -7.55
CA GLY A 846 -22.67 14.49 -8.31
C GLY A 846 -23.43 14.03 -9.53
N ARG A 847 -23.08 12.85 -10.05
CA ARG A 847 -23.72 12.34 -11.25
C ARG A 847 -23.40 10.87 -11.43
N ILE A 848 -24.41 10.07 -11.71
CA ILE A 848 -24.26 8.66 -12.03
C ILE A 848 -24.52 8.51 -13.52
N VAL A 849 -23.50 8.13 -14.28
CA VAL A 849 -23.62 8.05 -15.72
C VAL A 849 -23.38 6.61 -16.16
N VAL A 850 -24.29 6.10 -17.00
CA VAL A 850 -24.27 4.72 -17.45
C VAL A 850 -24.03 4.74 -18.95
N PHE A 851 -22.87 4.25 -19.36
CA PHE A 851 -22.43 4.17 -20.74
C PHE A 851 -22.60 2.75 -21.25
N GLN A 852 -22.53 2.61 -22.58
CA GLN A 852 -22.63 1.29 -23.20
C GLN A 852 -21.78 1.30 -24.46
N TYR A 853 -20.68 0.55 -24.44
CA TYR A 853 -19.75 0.48 -25.56
C TYR A 853 -20.25 -0.55 -26.56
N SER A 854 -20.63 -0.09 -27.75
CA SER A 854 -21.09 -0.98 -28.81
C SER A 854 -20.63 -0.43 -30.15
N ASP A 855 -20.15 -1.34 -31.01
CA ASP A 855 -19.72 -1.01 -32.37
C ASP A 855 -18.64 0.08 -32.38
N GLY A 856 -17.75 0.01 -31.40
CA GLY A 856 -16.67 0.99 -31.33
C GLY A 856 -17.12 2.40 -31.05
N LYS A 857 -18.34 2.58 -30.56
CA LYS A 857 -18.88 3.89 -30.23
C LYS A 857 -19.45 3.87 -28.82
N LEU A 858 -19.17 4.92 -28.07
CA LEU A 858 -19.56 5.00 -26.67
C LEU A 858 -20.76 5.94 -26.55
N GLN A 859 -21.84 5.45 -25.94
CA GLN A 859 -23.07 6.21 -25.82
C GLN A 859 -23.50 6.26 -24.37
N THR A 860 -24.17 7.35 -24.01
CA THR A 860 -24.64 7.56 -22.63
C THR A 860 -26.06 7.01 -22.52
N VAL A 861 -26.19 5.81 -21.97
CA VAL A 861 -27.50 5.20 -21.83
C VAL A 861 -28.31 5.92 -20.75
N ALA A 862 -27.70 6.20 -19.61
CA ALA A 862 -28.44 6.77 -18.50
C ALA A 862 -27.62 7.84 -17.80
N GLU A 863 -28.32 8.74 -17.11
CA GLU A 863 -27.67 9.85 -16.43
C GLU A 863 -28.57 10.33 -15.30
N LYS A 864 -28.07 10.22 -14.08
CA LYS A 864 -28.79 10.57 -12.85
C LYS A 864 -28.01 11.65 -12.12
N GLU A 865 -28.71 12.62 -11.54
CA GLU A 865 -28.08 13.67 -10.77
C GLU A 865 -28.30 13.39 -9.29
N VAL A 866 -27.21 13.32 -8.53
CA VAL A 866 -27.27 13.06 -7.09
C VAL A 866 -26.65 14.24 -6.35
N LYS A 867 -27.10 14.43 -5.11
CA LYS A 867 -26.68 15.55 -4.29
C LYS A 867 -25.58 15.08 -3.35
N GLY A 868 -24.37 15.02 -3.87
CA GLY A 868 -23.21 14.60 -3.11
C GLY A 868 -22.17 14.01 -4.01
N ALA A 869 -21.21 13.33 -3.41
CA ALA A 869 -20.12 12.68 -4.13
C ALA A 869 -20.30 11.17 -4.06
N VAL A 870 -20.27 10.51 -5.22
CA VAL A 870 -20.45 9.06 -5.30
C VAL A 870 -19.08 8.45 -5.01
N TYR A 871 -18.83 8.15 -3.75
CA TYR A 871 -17.50 7.69 -3.36
C TYR A 871 -17.23 6.28 -3.87
N SER A 872 -18.25 5.42 -3.91
CA SER A 872 -18.05 4.06 -4.40
C SER A 872 -19.38 3.49 -4.87
N MET A 873 -19.30 2.51 -5.77
CA MET A 873 -20.46 1.79 -6.25
C MET A 873 -20.12 0.31 -6.41
N VAL A 874 -21.11 -0.54 -6.20
CA VAL A 874 -20.97 -1.99 -6.39
C VAL A 874 -22.24 -2.55 -7.01
N GLU A 875 -22.15 -3.82 -7.40
CA GLU A 875 -23.26 -4.57 -8.00
C GLU A 875 -23.79 -5.54 -6.96
N PHE A 876 -25.02 -5.30 -6.51
CA PHE A 876 -25.69 -6.05 -5.45
C PHE A 876 -26.87 -6.78 -6.06
N ASN A 877 -26.64 -8.01 -6.55
CA ASN A 877 -27.69 -8.89 -7.04
C ASN A 877 -28.54 -8.19 -8.12
N GLY A 878 -27.86 -7.63 -9.11
CA GLY A 878 -28.54 -6.94 -10.17
C GLY A 878 -29.06 -5.56 -9.82
N LYS A 879 -28.64 -5.01 -8.68
CA LYS A 879 -29.08 -3.69 -8.23
C LYS A 879 -27.84 -2.85 -7.97
N LEU A 880 -27.84 -1.61 -8.46
CA LEU A 880 -26.64 -0.79 -8.27
C LEU A 880 -26.63 -0.18 -6.88
N LEU A 881 -25.57 -0.42 -6.12
CA LEU A 881 -25.47 0.06 -4.74
C LEU A 881 -24.47 1.20 -4.71
N ALA A 882 -24.93 2.38 -4.31
CA ALA A 882 -24.13 3.60 -4.39
C ALA A 882 -23.95 4.17 -2.99
N SER A 883 -22.89 4.96 -2.83
CA SER A 883 -22.55 5.62 -1.57
C SER A 883 -22.43 7.11 -1.81
N ILE A 884 -23.53 7.84 -1.65
CA ILE A 884 -23.55 9.28 -1.84
C ILE A 884 -23.25 9.94 -0.49
N ASN A 885 -22.10 10.60 -0.40
CA ASN A 885 -21.63 11.18 0.86
C ASN A 885 -21.59 10.13 1.96
N SER A 886 -22.47 10.29 2.96
CA SER A 886 -22.54 9.38 4.10
C SER A 886 -23.75 8.46 4.03
N THR A 887 -24.44 8.41 2.90
CA THR A 887 -25.67 7.65 2.74
C THR A 887 -25.46 6.51 1.75
N VAL A 888 -26.00 5.34 2.07
CA VAL A 888 -25.93 4.18 1.18
C VAL A 888 -27.28 4.01 0.54
N ARG A 889 -27.33 4.08 -0.79
CA ARG A 889 -28.57 4.03 -1.55
C ARG A 889 -28.56 2.83 -2.49
N LEU A 890 -29.75 2.29 -2.75
CA LEU A 890 -29.91 1.17 -3.66
C LEU A 890 -30.74 1.62 -4.86
N TYR A 891 -30.26 1.28 -6.06
CA TYR A 891 -30.86 1.71 -7.31
C TYR A 891 -31.30 0.49 -8.11
N GLU A 892 -32.51 0.58 -8.67
CA GLU A 892 -33.12 -0.50 -9.43
C GLU A 892 -33.16 -0.10 -10.90
N TRP A 893 -32.74 -1.02 -11.76
CA TRP A 893 -32.68 -0.77 -13.20
C TRP A 893 -34.07 -0.98 -13.79
N THR A 894 -34.72 0.10 -14.18
CA THR A 894 -36.07 0.03 -14.72
C THR A 894 -36.05 -0.48 -16.16
N THR A 895 -37.24 -0.85 -16.64
CA THR A 895 -37.37 -1.38 -18.00
C THR A 895 -37.11 -0.32 -19.06
N GLU A 896 -37.22 0.97 -18.70
CA GLU A 896 -36.96 2.05 -19.64
C GLU A 896 -35.54 2.59 -19.52
N LYS A 897 -34.63 1.81 -18.95
CA LYS A 897 -33.21 2.15 -18.84
C LYS A 897 -33.02 3.47 -18.09
N GLU A 898 -33.52 3.50 -16.86
CA GLU A 898 -33.41 4.65 -15.97
C GLU A 898 -33.28 4.14 -14.55
N LEU A 899 -32.28 4.64 -13.83
CA LEU A 899 -32.06 4.19 -12.46
C LEU A 899 -33.15 4.76 -11.54
N ARG A 900 -33.74 3.88 -10.73
CA ARG A 900 -34.76 4.28 -9.78
C ARG A 900 -34.32 3.90 -8.37
N THR A 901 -34.52 4.81 -7.42
CA THR A 901 -34.15 4.54 -6.04
C THR A 901 -35.11 3.54 -5.43
N GLU A 902 -34.57 2.67 -4.58
CA GLU A 902 -35.37 1.67 -3.87
C GLU A 902 -35.30 1.83 -2.36
N CYS A 903 -34.11 1.86 -1.78
CA CYS A 903 -33.98 2.00 -0.35
C CYS A 903 -32.78 2.89 -0.03
N ASN A 904 -32.83 3.49 1.15
CA ASN A 904 -31.78 4.37 1.64
C ASN A 904 -31.39 3.94 3.05
N HIS A 905 -30.16 4.24 3.42
CA HIS A 905 -29.69 3.97 4.77
C HIS A 905 -28.70 5.05 5.13
N TYR A 906 -29.03 5.85 6.14
CA TYR A 906 -28.26 7.04 6.50
C TYR A 906 -27.27 6.68 7.60
N ASN A 907 -25.99 6.90 7.33
CA ASN A 907 -24.92 6.69 8.30
C ASN A 907 -24.38 8.03 8.79
N ASN A 908 -23.63 7.95 9.88
CA ASN A 908 -22.87 9.10 10.37
C ASN A 908 -21.42 9.09 9.90
N ILE A 909 -21.07 8.17 9.00
CA ILE A 909 -19.74 8.09 8.42
C ILE A 909 -19.87 8.08 6.91
N MET A 910 -18.86 8.61 6.22
CA MET A 910 -18.87 8.64 4.75
C MET A 910 -18.46 7.27 4.23
N ALA A 911 -19.32 6.67 3.40
CA ALA A 911 -19.13 5.30 2.94
C ALA A 911 -18.10 5.29 1.81
N LEU A 912 -16.83 5.41 2.20
CA LEU A 912 -15.77 5.35 1.20
C LEU A 912 -15.64 3.95 0.61
N TYR A 913 -15.69 2.92 1.45
CA TYR A 913 -15.50 1.54 0.98
C TYR A 913 -16.80 0.76 1.07
N LEU A 914 -17.10 0.01 0.01
CA LEU A 914 -18.29 -0.81 -0.09
C LEU A 914 -17.91 -2.17 -0.63
N LYS A 915 -18.13 -3.22 0.15
CA LYS A 915 -17.84 -4.58 -0.32
C LYS A 915 -19.01 -5.49 0.00
N THR A 916 -19.46 -6.25 -0.99
CA THR A 916 -20.62 -7.14 -0.81
C THR A 916 -20.21 -8.59 -1.02
N LYS A 917 -20.82 -9.48 -0.24
CA LYS A 917 -20.69 -10.92 -0.39
C LYS A 917 -22.03 -11.53 -0.03
N GLY A 918 -22.81 -11.88 -1.05
CA GLY A 918 -24.16 -12.38 -0.82
C GLY A 918 -25.12 -11.26 -0.50
N ASP A 919 -25.53 -11.17 0.76
CA ASP A 919 -26.40 -10.10 1.24
C ASP A 919 -25.79 -9.42 2.44
N PHE A 920 -24.46 -9.32 2.47
CA PHE A 920 -23.73 -8.72 3.58
C PHE A 920 -22.90 -7.56 3.02
N ILE A 921 -23.32 -6.34 3.31
CA ILE A 921 -22.63 -5.16 2.83
C ILE A 921 -21.67 -4.68 3.91
N LEU A 922 -20.44 -4.38 3.53
CA LEU A 922 -19.43 -3.86 4.43
C LEU A 922 -19.16 -2.43 4.02
N VAL A 923 -19.34 -1.50 4.96
CA VAL A 923 -19.24 -0.07 4.73
C VAL A 923 -18.08 0.43 5.57
N GLY A 924 -17.14 1.15 4.94
CA GLY A 924 -15.99 1.64 5.65
C GLY A 924 -15.69 3.08 5.29
N ASP A 925 -14.85 3.70 6.11
CA ASP A 925 -14.46 5.09 5.91
C ASP A 925 -12.98 5.22 6.22
N LEU A 926 -12.50 6.47 6.22
CA LEU A 926 -11.09 6.73 6.46
C LEU A 926 -10.74 6.76 7.93
N MET A 927 -11.73 6.72 8.82
CA MET A 927 -11.52 6.68 10.26
C MET A 927 -11.53 5.27 10.83
N ARG A 928 -11.34 4.25 9.99
CA ARG A 928 -11.33 2.85 10.40
C ARG A 928 -12.66 2.43 11.01
N SER A 929 -13.70 3.25 10.85
CA SER A 929 -15.02 2.97 11.41
C SER A 929 -15.71 1.92 10.55
N VAL A 930 -15.37 0.65 10.82
CA VAL A 930 -15.96 -0.45 10.10
C VAL A 930 -17.41 -0.62 10.50
N LEU A 931 -18.30 -0.71 9.51
CA LEU A 931 -19.72 -0.90 9.76
C LEU A 931 -20.21 -2.04 8.87
N LEU A 932 -21.16 -2.82 9.37
CA LEU A 932 -21.69 -3.97 8.66
C LEU A 932 -23.19 -3.79 8.48
N LEU A 933 -23.72 -4.23 7.34
CA LEU A 933 -25.12 -4.09 7.00
C LEU A 933 -25.62 -5.38 6.36
N ALA A 934 -26.91 -5.62 6.47
CA ALA A 934 -27.55 -6.72 5.78
C ALA A 934 -28.79 -6.18 5.08
N TYR A 935 -29.10 -6.78 3.94
CA TYR A 935 -30.23 -6.37 3.12
C TYR A 935 -31.31 -7.44 3.23
N LYS A 936 -32.37 -7.15 3.97
CA LYS A 936 -33.49 -8.06 4.07
C LYS A 936 -34.35 -7.94 2.82
N PRO A 937 -34.46 -8.97 2.01
CA PRO A 937 -35.21 -8.84 0.75
C PRO A 937 -36.71 -9.03 0.92
N MET A 938 -37.14 -9.72 1.98
CA MET A 938 -38.57 -9.77 2.29
C MET A 938 -39.12 -8.44 2.76
N GLU A 939 -38.29 -7.54 3.26
CA GLU A 939 -38.74 -6.22 3.68
C GLU A 939 -38.19 -5.09 2.83
N GLY A 940 -36.96 -5.23 2.34
CA GLY A 940 -36.42 -4.28 1.38
C GLY A 940 -35.64 -3.12 1.96
N ASN A 941 -35.27 -3.17 3.23
CA ASN A 941 -34.51 -2.10 3.85
C ASN A 941 -33.28 -2.69 4.53
N PHE A 942 -32.26 -1.85 4.66
CA PHE A 942 -31.02 -2.26 5.29
C PHE A 942 -31.18 -2.31 6.81
N GLU A 943 -30.40 -3.17 7.43
CA GLU A 943 -30.35 -3.22 8.89
C GLU A 943 -28.95 -3.61 9.33
N GLU A 944 -28.48 -2.96 10.38
CA GLU A 944 -27.10 -3.11 10.83
C GLU A 944 -26.96 -4.35 11.69
N ILE A 945 -25.96 -5.18 11.38
CA ILE A 945 -25.68 -6.37 12.17
C ILE A 945 -24.67 -6.07 13.27
N ALA A 946 -23.55 -5.44 12.91
CA ALA A 946 -22.48 -5.20 13.86
C ALA A 946 -21.80 -3.88 13.51
N ARG A 947 -20.82 -3.51 14.34
CA ARG A 947 -20.15 -2.22 14.24
C ARG A 947 -18.87 -2.29 15.06
N ASP A 948 -17.79 -1.75 14.52
CA ASP A 948 -16.51 -1.73 15.22
C ASP A 948 -15.81 -0.42 14.89
N PHE A 949 -15.76 0.48 15.87
CA PHE A 949 -15.18 1.80 15.70
C PHE A 949 -13.90 1.90 16.52
N ASN A 950 -12.85 2.43 15.90
CA ASN A 950 -11.58 2.65 16.58
C ASN A 950 -10.83 3.75 15.81
N PRO A 951 -10.47 4.85 16.47
CA PRO A 951 -9.82 5.94 15.74
C PRO A 951 -8.48 5.55 15.17
N ASN A 952 -8.41 5.43 13.84
CA ASN A 952 -7.17 5.13 13.14
C ASN A 952 -7.43 5.32 11.65
N TRP A 953 -6.34 5.29 10.87
CA TRP A 953 -6.43 5.50 9.43
C TRP A 953 -6.55 4.16 8.73
N MET A 954 -7.58 4.01 7.90
CA MET A 954 -7.81 2.78 7.16
C MET A 954 -7.61 3.03 5.67
N SER A 955 -6.83 2.16 5.03
CA SER A 955 -6.52 2.29 3.61
C SER A 955 -7.43 1.46 2.73
N ALA A 956 -7.77 0.23 3.12
CA ALA A 956 -8.60 -0.64 2.32
C ALA A 956 -9.26 -1.67 3.22
N VAL A 957 -10.29 -2.33 2.70
CA VAL A 957 -11.02 -3.35 3.45
C VAL A 957 -11.57 -4.37 2.46
N GLU A 958 -11.68 -5.62 2.91
CA GLU A 958 -12.10 -6.73 2.06
C GLU A 958 -12.87 -7.73 2.91
N ILE A 959 -13.81 -8.43 2.26
CA ILE A 959 -14.62 -9.46 2.91
C ILE A 959 -13.95 -10.80 2.63
N LEU A 960 -13.24 -11.33 3.62
CA LEU A 960 -12.60 -12.64 3.47
C LEU A 960 -13.64 -13.74 3.31
N ASP A 961 -14.68 -13.72 4.13
CA ASP A 961 -15.81 -14.64 4.02
C ASP A 961 -16.98 -14.03 4.79
N ASP A 962 -18.04 -14.81 4.96
CA ASP A 962 -19.24 -14.30 5.63
C ASP A 962 -19.02 -14.00 7.10
N ASP A 963 -17.90 -14.44 7.69
CA ASP A 963 -17.64 -14.27 9.11
C ASP A 963 -16.46 -13.36 9.41
N ASN A 964 -15.42 -13.39 8.59
CA ASN A 964 -14.21 -12.62 8.82
C ASN A 964 -14.05 -11.52 7.78
N PHE A 965 -13.38 -10.43 8.18
CA PHE A 965 -13.11 -9.31 7.30
C PHE A 965 -11.68 -8.83 7.54
N LEU A 966 -11.01 -8.50 6.44
CA LEU A 966 -9.62 -8.05 6.45
C LEU A 966 -9.59 -6.55 6.19
N GLY A 967 -8.63 -5.86 6.79
CA GLY A 967 -8.48 -4.44 6.52
C GLY A 967 -7.06 -4.00 6.71
N ALA A 968 -6.71 -2.89 6.06
CA ALA A 968 -5.41 -2.26 6.21
C ALA A 968 -5.57 -1.01 7.05
N GLU A 969 -4.72 -0.87 8.06
CA GLU A 969 -4.84 0.18 9.06
C GLU A 969 -3.58 1.06 8.99
N ASN A 970 -3.48 1.99 9.93
CA ASN A 970 -2.38 2.93 9.93
C ASN A 970 -1.06 2.24 10.28
N ALA A 971 0.04 2.89 9.89
CA ALA A 971 1.39 2.37 10.12
C ALA A 971 1.60 1.01 9.45
N PHE A 972 1.03 0.84 8.26
CA PHE A 972 1.27 -0.33 7.41
C PHE A 972 0.89 -1.62 8.11
N ASN A 973 -0.30 -1.66 8.67
CA ASN A 973 -0.77 -2.81 9.42
C ASN A 973 -1.95 -3.47 8.71
N LEU A 974 -2.15 -4.74 9.02
CA LEU A 974 -3.31 -5.51 8.61
C LEU A 974 -4.03 -6.00 9.86
N PHE A 975 -5.35 -5.98 9.82
CA PHE A 975 -6.16 -6.46 10.93
C PHE A 975 -7.29 -7.32 10.39
N VAL A 976 -7.72 -8.27 11.22
CA VAL A 976 -8.81 -9.17 10.89
C VAL A 976 -9.85 -9.09 11.99
N CYS A 977 -11.09 -8.79 11.61
CA CYS A 977 -12.21 -8.66 12.54
C CYS A 977 -13.28 -9.68 12.16
N GLN A 978 -13.86 -10.32 13.17
CA GLN A 978 -14.96 -11.26 12.92
C GLN A 978 -16.09 -10.99 13.90
N LYS A 979 -17.29 -11.40 13.51
CA LYS A 979 -18.48 -11.26 14.35
C LYS A 979 -18.86 -12.62 14.90
N ASP A 980 -19.15 -12.68 16.19
CA ASP A 980 -19.57 -13.93 16.83
C ASP A 980 -21.09 -14.02 16.72
N SER A 981 -21.55 -14.61 15.61
CA SER A 981 -22.98 -14.76 15.39
C SER A 981 -23.63 -15.74 16.36
N ALA A 982 -22.83 -16.56 17.04
CA ALA A 982 -23.35 -17.53 17.99
C ALA A 982 -23.43 -16.98 19.41
N ALA A 983 -23.04 -15.73 19.63
CA ALA A 983 -23.13 -15.13 20.95
C ALA A 983 -24.58 -14.98 21.39
N THR A 984 -24.84 -15.28 22.66
CA THR A 984 -26.18 -15.22 23.20
C THR A 984 -26.57 -13.84 23.72
N THR A 985 -25.63 -12.90 23.75
CA THR A 985 -25.89 -11.55 24.23
C THR A 985 -25.90 -10.57 23.08
N ASP A 986 -26.82 -9.60 23.13
CA ASP A 986 -26.97 -8.66 22.03
C ASP A 986 -25.76 -7.74 21.90
N GLU A 987 -25.19 -7.32 23.03
CA GLU A 987 -24.05 -6.40 22.99
C GLU A 987 -22.84 -7.05 22.33
N GLU A 988 -22.67 -8.36 22.48
CA GLU A 988 -21.60 -9.05 21.78
C GLU A 988 -21.94 -9.29 20.31
N ARG A 989 -23.21 -9.53 20.00
CA ARG A 989 -23.60 -9.74 18.60
C ARG A 989 -23.45 -8.46 17.79
N GLN A 990 -23.63 -7.30 18.41
CA GLN A 990 -23.57 -6.02 17.71
C GLN A 990 -22.15 -5.48 17.61
N HIS A 991 -21.15 -6.21 18.09
CA HIS A 991 -19.76 -5.78 18.06
C HIS A 991 -18.93 -6.78 17.28
N LEU A 992 -17.94 -6.27 16.54
CA LEU A 992 -17.05 -7.10 15.73
C LEU A 992 -15.77 -7.32 16.50
N GLN A 993 -15.58 -8.54 17.02
CA GLN A 993 -14.37 -8.86 17.74
C GLN A 993 -13.18 -8.89 16.79
N GLU A 994 -12.07 -8.32 17.25
CA GLU A 994 -10.85 -8.21 16.44
C GLU A 994 -9.89 -9.31 16.87
N VAL A 995 -9.59 -10.23 15.94
CA VAL A 995 -8.83 -11.42 16.29
C VAL A 995 -7.71 -11.61 15.28
N GLY A 996 -7.25 -10.52 14.67
CA GLY A 996 -6.04 -10.65 13.90
C GLY A 996 -5.25 -9.37 13.71
N LEU A 997 -3.94 -9.42 13.93
CA LEU A 997 -3.07 -8.28 13.77
C LEU A 997 -1.78 -8.70 13.09
N PHE A 998 -1.22 -7.80 12.28
CA PHE A 998 -0.01 -8.11 11.53
C PHE A 998 0.60 -6.81 11.05
N HIS A 999 1.92 -6.73 11.06
CA HIS A 999 2.62 -5.55 10.54
C HIS A 999 3.17 -5.90 9.16
N LEU A 1000 2.44 -5.52 8.12
CA LEU A 1000 2.84 -5.86 6.76
C LEU A 1000 4.02 -5.04 6.29
N GLY A 1001 4.08 -3.77 6.68
CA GLY A 1001 5.12 -2.88 6.19
C GLY A 1001 4.83 -2.22 4.87
N GLU A 1002 3.60 -2.32 4.36
CA GLU A 1002 3.23 -1.75 3.08
C GLU A 1002 1.87 -1.06 3.20
N PHE A 1003 1.64 -0.09 2.32
CA PHE A 1003 0.40 0.67 2.28
C PHE A 1003 -0.51 0.06 1.22
N VAL A 1004 -1.49 -0.72 1.65
CA VAL A 1004 -2.35 -1.46 0.72
C VAL A 1004 -3.45 -0.54 0.21
N ASN A 1005 -3.56 -0.43 -1.11
CA ASN A 1005 -4.58 0.41 -1.73
C ASN A 1005 -5.84 -0.36 -2.12
N VAL A 1006 -5.69 -1.54 -2.69
CA VAL A 1006 -6.82 -2.26 -3.27
C VAL A 1006 -6.75 -3.73 -2.86
N PHE A 1007 -7.90 -4.31 -2.55
CA PHE A 1007 -8.05 -5.73 -2.32
C PHE A 1007 -8.89 -6.33 -3.44
N CYS A 1008 -8.53 -7.52 -3.88
CA CYS A 1008 -9.29 -8.18 -4.93
C CYS A 1008 -9.19 -9.68 -4.77
N HIS A 1009 -10.30 -10.37 -5.06
CA HIS A 1009 -10.36 -11.82 -5.00
C HIS A 1009 -9.83 -12.41 -6.30
N GLY A 1010 -9.08 -13.49 -6.19
CA GLY A 1010 -8.55 -14.16 -7.36
C GLY A 1010 -7.28 -14.90 -7.03
N SER A 1011 -6.65 -15.43 -8.07
CA SER A 1011 -5.37 -16.10 -7.94
C SER A 1011 -4.70 -16.13 -9.30
N LEU A 1012 -3.37 -16.20 -9.30
CA LEU A 1012 -2.58 -16.22 -10.52
C LEU A 1012 -2.07 -17.61 -10.88
N VAL A 1013 -2.57 -18.65 -10.22
CA VAL A 1013 -2.19 -20.02 -10.52
C VAL A 1013 -3.39 -20.76 -11.10
N MET A 1014 -3.12 -21.90 -11.73
CA MET A 1014 -4.18 -22.69 -12.33
C MET A 1014 -5.13 -23.20 -11.25
N GLN A 1015 -6.43 -23.03 -11.49
CA GLN A 1015 -7.47 -23.46 -10.56
C GLN A 1015 -7.77 -24.93 -10.83
N ASN A 1016 -7.26 -25.81 -9.98
CA ASN A 1016 -7.53 -27.24 -10.07
C ASN A 1016 -8.16 -27.69 -8.76
N LEU A 1017 -9.29 -28.40 -8.87
CA LEU A 1017 -9.97 -28.89 -7.67
C LEU A 1017 -9.09 -29.90 -6.94
N GLY A 1018 -8.47 -30.82 -7.67
CA GLY A 1018 -7.57 -31.79 -7.07
C GLY A 1018 -8.21 -32.75 -6.11
N GLU A 1019 -9.53 -32.88 -6.13
CA GLU A 1019 -10.28 -33.80 -5.28
C GLU A 1019 -10.08 -33.47 -3.80
N THR A 1020 -8.85 -33.63 -3.31
CA THR A 1020 -8.53 -33.37 -1.91
C THR A 1020 -8.37 -31.87 -1.62
N SER A 1021 -8.46 -31.02 -2.63
CA SER A 1021 -8.36 -29.56 -2.47
C SER A 1021 -7.00 -29.16 -1.91
N THR A 1022 -6.96 -28.00 -1.27
CA THR A 1022 -5.72 -27.42 -0.75
C THR A 1022 -5.88 -27.11 0.73
N PRO A 1023 -4.76 -27.08 1.48
CA PRO A 1023 -4.84 -26.70 2.89
C PRO A 1023 -5.25 -25.25 3.11
N THR A 1024 -5.26 -24.43 2.07
CA THR A 1024 -5.67 -23.03 2.17
C THR A 1024 -7.03 -22.85 1.52
N GLN A 1025 -7.90 -22.09 2.17
CA GLN A 1025 -9.25 -21.81 1.68
C GLN A 1025 -9.34 -20.34 1.28
N GLY A 1026 -9.78 -20.09 0.05
CA GLY A 1026 -9.89 -18.74 -0.45
C GLY A 1026 -8.56 -18.19 -0.91
N SER A 1027 -8.61 -16.98 -1.48
CA SER A 1027 -7.42 -16.31 -1.97
C SER A 1027 -7.74 -14.86 -2.22
N VAL A 1028 -6.94 -13.96 -1.64
CA VAL A 1028 -7.12 -12.52 -1.79
C VAL A 1028 -5.76 -11.91 -2.10
N LEU A 1029 -5.72 -11.08 -3.15
CA LEU A 1029 -4.52 -10.36 -3.53
C LEU A 1029 -4.69 -8.88 -3.25
N PHE A 1030 -3.62 -8.24 -2.77
CA PHE A 1030 -3.64 -6.81 -2.52
C PHE A 1030 -2.40 -6.16 -3.13
N GLY A 1031 -2.58 -4.93 -3.58
CA GLY A 1031 -1.49 -4.16 -4.17
C GLY A 1031 -1.20 -2.94 -3.31
N THR A 1032 0.09 -2.62 -3.22
CA THR A 1032 0.56 -1.57 -2.33
C THR A 1032 1.13 -0.41 -3.14
N VAL A 1033 1.44 0.67 -2.42
CA VAL A 1033 2.03 1.83 -3.07
C VAL A 1033 3.41 1.51 -3.62
N ASN A 1034 4.20 0.75 -2.88
CA ASN A 1034 5.54 0.39 -3.34
C ASN A 1034 5.51 -0.55 -4.53
N GLY A 1035 4.36 -1.16 -4.83
CA GLY A 1035 4.27 -2.03 -5.98
C GLY A 1035 4.49 -3.49 -5.63
N MET A 1036 3.97 -3.91 -4.49
CA MET A 1036 4.11 -5.28 -4.00
C MET A 1036 2.75 -5.96 -4.04
N ILE A 1037 2.72 -7.17 -4.58
CA ILE A 1037 1.49 -7.94 -4.68
C ILE A 1037 1.52 -9.00 -3.58
N GLY A 1038 0.51 -9.01 -2.73
CA GLY A 1038 0.40 -9.98 -1.66
C GLY A 1038 -0.64 -11.04 -1.96
N LEU A 1039 -0.78 -11.96 -1.01
CA LEU A 1039 -1.73 -13.06 -1.14
C LEU A 1039 -2.03 -13.59 0.26
N VAL A 1040 -3.29 -13.55 0.66
CA VAL A 1040 -3.70 -13.98 2.00
C VAL A 1040 -4.78 -15.05 1.86
N THR A 1041 -4.62 -16.13 2.61
CA THR A 1041 -5.52 -17.27 2.56
C THR A 1041 -5.87 -17.70 3.98
N SER A 1042 -6.95 -18.47 4.10
CA SER A 1042 -7.36 -18.99 5.40
C SER A 1042 -6.75 -20.37 5.64
N LEU A 1043 -6.61 -20.73 6.91
CA LEU A 1043 -6.04 -22.00 7.31
C LEU A 1043 -6.91 -22.66 8.37
N SER A 1044 -6.68 -23.96 8.56
CA SER A 1044 -7.35 -24.71 9.60
C SER A 1044 -6.64 -24.53 10.94
N GLU A 1045 -7.32 -24.95 12.01
CA GLU A 1045 -6.79 -24.76 13.36
C GLU A 1045 -5.50 -25.55 13.57
N SER A 1046 -5.50 -26.84 13.25
CA SER A 1046 -4.32 -27.66 13.44
C SER A 1046 -3.18 -27.18 12.56
N TRP A 1047 -3.50 -26.79 11.32
CA TRP A 1047 -2.49 -26.31 10.40
C TRP A 1047 -1.87 -25.01 10.89
N TYR A 1048 -2.71 -24.11 11.43
CA TYR A 1048 -2.21 -22.87 12.00
C TYR A 1048 -1.30 -23.14 13.20
N ASN A 1049 -1.69 -24.06 14.07
CA ASN A 1049 -0.87 -24.36 15.24
C ASN A 1049 0.48 -24.95 14.83
N LEU A 1050 0.48 -25.88 13.88
CA LEU A 1050 1.74 -26.46 13.42
C LEU A 1050 2.63 -25.41 12.78
N LEU A 1051 2.06 -24.54 11.95
CA LEU A 1051 2.86 -23.51 11.30
C LEU A 1051 3.39 -22.52 12.32
N LEU A 1052 2.60 -22.17 13.34
CA LEU A 1052 3.07 -21.26 14.37
C LEU A 1052 4.22 -21.86 15.16
N ASP A 1053 4.12 -23.13 15.54
CA ASP A 1053 5.23 -23.77 16.25
C ASP A 1053 6.48 -23.83 15.38
N MET A 1054 6.32 -24.15 14.09
CA MET A 1054 7.48 -24.21 13.21
C MET A 1054 8.08 -22.82 12.99
N GLN A 1055 7.24 -21.79 12.97
CA GLN A 1055 7.74 -20.41 12.87
C GLN A 1055 8.53 -20.03 14.11
N ASN A 1056 8.04 -20.41 15.28
CA ASN A 1056 8.77 -20.12 16.52
C ASN A 1056 10.13 -20.81 16.52
N ARG A 1057 10.18 -22.07 16.08
CA ARG A 1057 11.48 -22.74 16.02
C ARG A 1057 12.36 -22.20 14.91
N LEU A 1058 11.77 -21.69 13.83
CA LEU A 1058 12.56 -21.05 12.78
C LEU A 1058 13.19 -19.75 13.27
N ASN A 1059 12.52 -19.05 14.19
CA ASN A 1059 13.08 -17.80 14.70
C ASN A 1059 14.40 -18.00 15.41
N LYS A 1060 14.61 -19.16 16.02
CA LYS A 1060 15.83 -19.41 16.78
C LYS A 1060 16.98 -19.92 15.93
N VAL A 1061 16.72 -20.30 14.68
CA VAL A 1061 17.75 -20.88 13.82
C VAL A 1061 18.21 -19.88 12.76
N ILE A 1062 17.27 -19.23 12.09
CA ILE A 1062 17.61 -18.27 11.04
C ILE A 1062 18.21 -17.03 11.67
N LYS A 1063 19.35 -16.57 11.15
CA LYS A 1063 20.00 -15.35 11.61
C LYS A 1063 19.62 -14.22 10.67
N SER A 1064 18.85 -13.26 11.17
CA SER A 1064 18.42 -12.12 10.38
C SER A 1064 19.50 -11.05 10.34
N VAL A 1065 19.47 -10.26 9.27
CA VAL A 1065 20.42 -9.16 9.14
C VAL A 1065 20.02 -8.04 10.09
N GLY A 1066 20.97 -7.59 10.90
CA GLY A 1066 20.70 -6.61 11.92
C GLY A 1066 20.12 -7.16 13.20
N LYS A 1067 19.90 -8.48 13.28
CA LYS A 1067 19.39 -9.13 14.47
C LYS A 1067 18.09 -8.52 14.96
N ILE A 1068 17.20 -8.16 14.03
CA ILE A 1068 15.87 -7.68 14.39
C ILE A 1068 14.99 -8.90 14.65
N GLU A 1069 14.37 -8.94 15.83
CA GLU A 1069 13.49 -10.04 16.16
C GLU A 1069 12.25 -10.03 15.27
N HIS A 1070 11.85 -11.22 14.82
CA HIS A 1070 10.69 -11.32 13.93
C HIS A 1070 9.41 -10.87 14.63
N SER A 1071 9.25 -11.23 15.90
CA SER A 1071 8.03 -10.86 16.63
C SER A 1071 7.90 -9.35 16.74
N PHE A 1072 9.00 -8.65 17.03
CA PHE A 1072 8.96 -7.19 17.11
C PHE A 1072 8.65 -6.58 15.75
N TRP A 1073 9.26 -7.11 14.68
CA TRP A 1073 9.00 -6.58 13.35
C TRP A 1073 7.55 -6.76 12.93
N ARG A 1074 6.98 -7.93 13.22
CA ARG A 1074 5.60 -8.21 12.83
C ARG A 1074 4.58 -7.74 13.86
N SER A 1075 5.02 -7.16 14.97
CA SER A 1075 4.08 -6.66 15.97
C SER A 1075 3.28 -5.50 15.40
N PHE A 1076 1.97 -5.52 15.67
CA PHE A 1076 1.08 -4.47 15.19
C PHE A 1076 1.53 -3.12 15.73
N HIS A 1077 1.98 -2.23 14.85
CA HIS A 1077 2.61 -0.98 15.25
C HIS A 1077 1.69 0.20 15.02
N THR A 1078 1.71 1.14 15.96
CA THR A 1078 0.98 2.39 15.87
C THR A 1078 1.71 3.42 16.70
N GLU A 1079 1.53 4.70 16.35
CA GLU A 1079 2.12 5.78 17.13
C GLU A 1079 1.66 5.74 18.58
N ARG A 1080 0.48 5.19 18.83
CA ARG A 1080 -0.10 5.21 20.17
C ARG A 1080 0.16 3.93 20.96
N LYS A 1081 0.06 2.76 20.31
CA LYS A 1081 0.05 1.50 21.03
C LYS A 1081 0.44 0.37 20.09
N THR A 1082 1.32 -0.51 20.58
CA THR A 1082 1.80 -1.65 19.80
C THR A 1082 1.45 -2.96 20.52
N GLU A 1083 1.11 -3.98 19.75
CA GLU A 1083 0.73 -5.29 20.27
C GLU A 1083 1.41 -6.38 19.45
N PRO A 1084 1.63 -7.55 20.04
CA PRO A 1084 2.17 -8.67 19.26
C PRO A 1084 1.19 -9.16 18.21
N ALA A 1085 1.74 -9.75 17.15
CA ALA A 1085 0.92 -10.23 16.04
C ALA A 1085 0.17 -11.49 16.45
N THR A 1086 -1.12 -11.54 16.11
CA THR A 1086 -1.96 -12.69 16.42
C THR A 1086 -2.82 -13.03 15.20
N GLY A 1087 -3.04 -14.34 15.00
CA GLY A 1087 -3.92 -14.80 13.94
C GLY A 1087 -3.36 -14.74 12.55
N PHE A 1088 -2.09 -14.41 12.39
CA PHE A 1088 -1.46 -14.29 11.08
C PHE A 1088 -0.18 -15.11 11.04
N ILE A 1089 0.05 -15.77 9.92
CA ILE A 1089 1.26 -16.58 9.71
C ILE A 1089 2.09 -15.88 8.64
N ASP A 1090 3.36 -15.63 8.97
CA ASP A 1090 4.28 -15.00 8.02
C ASP A 1090 4.71 -16.03 7.00
N GLY A 1091 4.19 -15.92 5.78
CA GLY A 1091 4.51 -16.89 4.75
C GLY A 1091 5.94 -16.82 4.27
N ASP A 1092 6.55 -15.63 4.34
CA ASP A 1092 7.94 -15.48 3.93
C ASP A 1092 8.86 -16.32 4.82
N LEU A 1093 8.63 -16.28 6.13
CA LEU A 1093 9.46 -17.06 7.04
C LEU A 1093 9.28 -18.56 6.82
N ILE A 1094 8.04 -18.99 6.58
CA ILE A 1094 7.79 -20.41 6.35
C ILE A 1094 8.46 -20.87 5.06
N GLU A 1095 8.33 -20.08 3.98
CA GLU A 1095 9.00 -20.43 2.74
C GLU A 1095 10.51 -20.33 2.83
N SER A 1096 11.04 -19.58 3.80
CA SER A 1096 12.48 -19.53 4.00
C SER A 1096 13.02 -20.84 4.58
N PHE A 1097 12.15 -21.76 4.99
CA PHE A 1097 12.61 -23.02 5.55
C PHE A 1097 13.31 -23.89 4.53
N LEU A 1098 12.98 -23.73 3.25
CA LEU A 1098 13.58 -24.55 2.19
C LEU A 1098 15.00 -24.11 1.84
N ASP A 1099 15.39 -22.89 2.20
CA ASP A 1099 16.67 -22.33 1.77
C ASP A 1099 17.80 -22.59 2.76
N ILE A 1100 17.53 -23.27 3.87
CA ILE A 1100 18.56 -23.55 4.86
C ILE A 1100 19.04 -24.98 4.67
N SER A 1101 20.20 -25.27 5.26
CA SER A 1101 20.91 -26.52 5.02
C SER A 1101 20.27 -27.68 5.79
N ARG A 1102 20.81 -28.87 5.55
CA ARG A 1102 20.28 -30.07 6.22
C ARG A 1102 20.40 -30.01 7.73
N PRO A 1103 21.55 -29.67 8.34
CA PRO A 1103 21.59 -29.60 9.81
C PRO A 1103 20.65 -28.56 10.39
N LYS A 1104 20.46 -27.42 9.71
CA LYS A 1104 19.53 -26.41 10.21
C LYS A 1104 18.10 -26.93 10.21
N MET A 1105 17.69 -27.61 9.14
CA MET A 1105 16.35 -28.18 9.11
C MET A 1105 16.19 -29.28 10.15
N GLN A 1106 17.27 -30.03 10.43
CA GLN A 1106 17.20 -31.01 11.52
C GLN A 1106 17.01 -30.31 12.85
N GLU A 1107 17.67 -29.17 13.04
CA GLU A 1107 17.52 -28.41 14.29
C GLU A 1107 16.13 -27.82 14.44
N VAL A 1108 15.53 -27.38 13.33
CA VAL A 1108 14.22 -26.73 13.41
C VAL A 1108 13.16 -27.70 13.92
N VAL A 1109 13.16 -28.93 13.40
CA VAL A 1109 12.14 -29.91 13.72
C VAL A 1109 12.73 -30.95 14.66
N ALA A 1110 12.18 -31.01 15.88
CA ALA A 1110 12.55 -32.06 16.82
C ALA A 1110 11.32 -32.69 17.47
N ASN A 1111 10.26 -31.91 17.69
CA ASN A 1111 9.11 -32.41 18.44
C ASN A 1111 7.79 -31.80 17.94
N LEU A 1112 7.67 -31.52 16.65
CA LEU A 1112 6.49 -30.80 16.16
C LEU A 1112 5.20 -31.60 16.25
N GLN A 1113 5.26 -32.92 16.44
CA GLN A 1113 4.07 -33.77 16.41
C GLN A 1113 3.34 -33.61 15.07
N TYR A 1114 4.03 -34.00 14.00
CA TYR A 1114 3.59 -33.65 12.65
C TYR A 1114 2.22 -34.25 12.34
N ASP A 1115 2.06 -35.55 12.54
CA ASP A 1115 0.83 -36.23 12.13
C ASP A 1115 -0.36 -35.75 12.96
N ASP A 1116 -1.45 -35.42 12.26
CA ASP A 1116 -2.72 -35.11 12.90
C ASP A 1116 -3.83 -36.10 12.56
N GLY A 1117 -3.72 -36.81 11.45
CA GLY A 1117 -4.68 -37.84 11.10
C GLY A 1117 -4.36 -39.16 11.76
N SER A 1118 -4.67 -39.27 13.06
CA SER A 1118 -4.40 -40.44 13.89
C SER A 1118 -2.92 -40.59 14.17
N GLY A 1119 -2.55 -40.68 15.44
CA GLY A 1119 -1.17 -40.76 15.85
C GLY A 1119 -0.52 -39.40 15.92
N MET A 1120 0.71 -39.38 16.43
CA MET A 1120 1.47 -38.16 16.59
C MET A 1120 2.78 -38.15 15.80
N LYS A 1121 3.54 -39.24 15.84
CA LYS A 1121 4.83 -39.33 15.16
C LYS A 1121 5.75 -38.19 15.59
N ARG A 1122 6.12 -38.23 16.87
CA ARG A 1122 6.90 -37.16 17.48
C ARG A 1122 8.23 -36.92 16.77
N GLU A 1123 8.75 -37.92 16.05
CA GLU A 1123 9.96 -37.71 15.27
C GLU A 1123 9.74 -36.64 14.21
N ALA A 1124 8.61 -36.69 13.51
CA ALA A 1124 8.14 -35.72 12.53
C ALA A 1124 9.03 -35.66 11.28
N THR A 1125 10.14 -36.40 11.25
CA THR A 1125 11.06 -36.42 10.12
C THR A 1125 11.50 -35.02 9.73
N ALA A 1126 11.99 -34.87 8.50
CA ALA A 1126 12.35 -33.56 7.97
C ALA A 1126 11.67 -33.31 6.64
N ASP A 1127 11.49 -34.36 5.84
CA ASP A 1127 10.85 -34.23 4.54
C ASP A 1127 9.34 -34.05 4.64
N ASP A 1128 8.73 -34.36 5.79
CA ASP A 1128 7.32 -34.04 5.97
C ASP A 1128 7.10 -32.53 5.97
N LEU A 1129 7.99 -31.78 6.61
CA LEU A 1129 7.91 -30.33 6.51
C LEU A 1129 8.17 -29.86 5.09
N ILE A 1130 8.96 -30.61 4.32
CA ILE A 1130 9.13 -30.27 2.91
C ILE A 1130 7.82 -30.47 2.16
N LYS A 1131 7.14 -31.59 2.41
CA LYS A 1131 5.83 -31.83 1.79
C LYS A 1131 4.80 -30.82 2.26
N VAL A 1132 5.03 -30.17 3.40
CA VAL A 1132 4.16 -29.10 3.88
C VAL A 1132 4.45 -27.78 3.17
N VAL A 1133 5.71 -27.37 3.18
CA VAL A 1133 6.08 -26.06 2.65
C VAL A 1133 5.90 -26.04 1.14
N GLU A 1134 6.19 -27.16 0.47
CA GLU A 1134 5.99 -27.21 -0.97
C GLU A 1134 4.53 -27.08 -1.35
N GLU A 1135 3.63 -27.68 -0.58
CA GLU A 1135 2.20 -27.47 -0.82
C GLU A 1135 1.77 -26.05 -0.50
N LEU A 1136 2.45 -25.40 0.45
CA LEU A 1136 2.15 -24.00 0.72
C LEU A 1136 2.76 -23.06 -0.31
N THR A 1137 3.72 -23.51 -1.10
CA THR A 1137 4.34 -22.65 -2.11
C THR A 1137 3.53 -22.61 -3.39
N ARG A 1138 2.72 -23.63 -3.65
CA ARG A 1138 1.95 -23.70 -4.90
C ARG A 1138 0.81 -22.71 -4.96
N ILE A 1139 0.48 -22.02 -3.86
CA ILE A 1139 -0.63 -21.08 -3.88
C ILE A 1139 -0.30 -19.79 -4.59
N HIS A 1140 0.97 -19.54 -4.87
CA HIS A 1140 1.38 -18.32 -5.56
C HIS A 1140 2.56 -18.57 -6.50
N LYS B 42 -26.50 44.38 16.75
CA LYS B 42 -25.56 44.64 15.66
C LYS B 42 -24.72 45.87 15.97
N LYS B 43 -23.81 45.73 16.93
CA LYS B 43 -22.92 46.83 17.32
C LYS B 43 -21.49 46.48 16.90
N PRO B 44 -20.99 47.01 15.78
CA PRO B 44 -19.62 46.73 15.37
C PRO B 44 -18.64 47.73 15.96
N ASN B 45 -17.37 47.62 15.55
CA ASN B 45 -16.34 48.59 15.93
C ASN B 45 -16.16 48.63 17.45
N ILE B 46 -16.85 49.57 18.11
CA ILE B 46 -16.66 49.79 19.53
C ILE B 46 -17.19 48.58 20.29
N ILE B 47 -16.28 47.76 20.81
CA ILE B 47 -16.62 46.60 21.63
C ILE B 47 -15.87 46.74 22.94
N ASN B 48 -15.66 47.98 23.38
CA ASN B 48 -14.76 48.27 24.50
C ASN B 48 -15.35 47.71 25.80
N PHE B 49 -14.78 46.59 26.24
CA PHE B 49 -15.17 45.98 27.51
C PHE B 49 -14.01 45.44 28.32
N ASP B 50 -12.81 45.31 27.74
CA ASP B 50 -11.70 44.59 28.36
C ASP B 50 -12.12 43.16 28.70
N THR B 51 -12.36 42.39 27.65
CA THR B 51 -13.01 41.09 27.77
C THR B 51 -12.08 40.05 28.39
N SER B 52 -11.69 40.28 29.65
CA SER B 52 -10.99 39.29 30.45
C SER B 52 -11.51 39.17 31.86
N LEU B 53 -12.20 40.19 32.38
CA LEU B 53 -12.78 40.10 33.72
C LEU B 53 -13.80 38.98 33.86
N PRO B 54 -14.72 38.76 32.91
CA PRO B 54 -15.65 37.63 33.06
C PRO B 54 -14.94 36.29 33.21
N THR B 55 -13.75 36.14 32.65
CA THR B 55 -12.98 34.91 32.82
C THR B 55 -12.32 34.82 34.19
N SER B 56 -12.38 35.89 34.99
CA SER B 56 -11.79 35.88 36.32
C SER B 56 -12.82 35.71 37.44
N HIS B 57 -14.09 35.97 37.15
CA HIS B 57 -15.17 35.83 38.12
C HIS B 57 -14.90 36.67 39.37
N THR B 58 -14.84 37.99 39.16
CA THR B 58 -14.64 38.91 40.27
C THR B 58 -15.84 39.00 41.18
N TYR B 59 -17.02 38.59 40.70
CA TYR B 59 -18.22 38.57 41.55
C TYR B 59 -18.09 37.58 42.70
N LEU B 60 -17.23 36.56 42.55
CA LEU B 60 -17.07 35.51 43.54
C LEU B 60 -15.97 35.81 44.54
N GLY B 61 -15.70 37.07 44.81
CA GLY B 61 -14.63 37.45 45.70
C GLY B 61 -13.37 37.82 44.93
N ALA B 62 -12.53 38.64 45.57
CA ALA B 62 -11.30 39.13 44.96
C ALA B 62 -10.06 38.40 45.48
N ASP B 63 -9.87 38.37 46.79
CA ASP B 63 -8.69 37.75 47.40
C ASP B 63 -8.90 36.24 47.54
N MET B 64 -9.07 35.58 46.39
CA MET B 64 -9.31 34.15 46.35
C MET B 64 -7.97 33.42 46.29
N GLU B 65 -7.76 32.50 47.23
CA GLU B 65 -6.51 31.75 47.27
C GLU B 65 -6.40 30.83 46.06
N GLU B 66 -5.22 30.81 45.45
CA GLU B 66 -4.96 30.01 44.26
C GLU B 66 -4.04 28.84 44.58
N PHE B 67 -3.81 27.99 43.57
CA PHE B 67 -2.95 26.83 43.70
C PHE B 67 -1.91 26.84 42.59
N HIS B 68 -0.78 26.19 42.87
CA HIS B 68 0.43 26.36 42.07
C HIS B 68 0.23 25.92 40.62
N GLY B 69 -0.28 24.70 40.41
CA GLY B 69 -0.32 24.18 39.06
C GLY B 69 -1.32 23.08 38.79
N ARG B 70 -0.92 22.10 37.98
CA ARG B 70 -1.76 21.04 37.47
C ARG B 70 -1.40 19.71 38.12
N THR B 71 -2.11 18.66 37.69
CA THR B 71 -1.84 17.30 38.14
C THR B 71 -2.06 16.35 36.96
N LEU B 72 -1.52 15.14 37.08
CA LEU B 72 -1.60 14.14 36.03
C LEU B 72 -2.15 12.85 36.58
N HIS B 73 -3.03 12.21 35.82
CA HIS B 73 -3.51 10.87 36.10
C HIS B 73 -3.09 9.93 34.99
N ASP B 74 -2.47 8.81 35.36
CA ASP B 74 -1.98 7.85 34.37
C ASP B 74 -3.13 7.29 33.54
N ASP B 75 -2.90 7.17 32.23
CA ASP B 75 -3.95 6.81 31.30
C ASP B 75 -4.34 5.35 31.44
N ASP B 76 -5.60 5.07 31.12
CA ASP B 76 -6.17 3.72 31.21
C ASP B 76 -5.95 3.12 32.59
N SER B 77 -6.13 3.93 33.62
CA SER B 77 -5.96 3.49 34.99
C SER B 77 -7.23 3.74 35.77
N CYS B 78 -7.48 2.88 36.75
CA CYS B 78 -8.73 2.86 37.50
C CYS B 78 -8.55 3.61 38.80
N GLN B 79 -9.40 4.60 39.05
CA GLN B 79 -9.24 5.51 40.18
C GLN B 79 -10.53 5.62 40.97
N VAL B 80 -10.39 6.05 42.22
CA VAL B 80 -11.50 6.44 43.07
C VAL B 80 -11.47 7.96 43.23
N ILE B 81 -12.57 8.62 42.85
CA ILE B 81 -12.66 10.07 42.87
C ILE B 81 -14.00 10.48 43.46
N PRO B 82 -14.03 11.40 44.43
CA PRO B 82 -15.31 11.81 45.02
C PRO B 82 -16.13 12.65 44.05
N VAL B 83 -17.45 12.56 44.20
CA VAL B 83 -18.40 13.25 43.34
C VAL B 83 -19.21 14.22 44.21
N LEU B 84 -19.04 15.52 43.97
CA LEU B 84 -19.86 16.52 44.64
C LEU B 84 -21.25 16.54 44.03
N PRO B 85 -22.31 16.48 44.84
CA PRO B 85 -23.67 16.49 44.28
C PRO B 85 -24.16 17.90 43.98
N GLN B 86 -25.44 18.02 43.63
CA GLN B 86 -26.10 19.30 43.35
C GLN B 86 -25.54 20.01 42.13
N VAL B 87 -24.87 19.27 41.24
CA VAL B 87 -24.41 19.81 39.96
C VAL B 87 -24.95 18.92 38.85
N MET B 88 -25.67 19.52 37.91
CA MET B 88 -26.25 18.79 36.78
C MET B 88 -25.91 19.57 35.51
N MET B 89 -24.72 19.29 34.97
CA MET B 89 -24.28 19.95 33.74
C MET B 89 -23.12 19.17 33.15
N ILE B 90 -23.06 19.12 31.83
CA ILE B 90 -21.97 18.45 31.12
C ILE B 90 -20.81 19.44 31.01
N LEU B 91 -19.71 19.15 31.69
CA LEU B 91 -18.55 20.03 31.71
C LEU B 91 -17.52 19.51 30.73
N ILE B 92 -17.35 20.23 29.63
CA ILE B 92 -16.33 19.88 28.63
C ILE B 92 -14.96 20.25 29.18
N PRO B 93 -13.92 19.45 28.93
CA PRO B 93 -12.58 19.79 29.44
C PRO B 93 -12.13 21.17 28.97
N GLY B 94 -11.41 21.85 29.86
CA GLY B 94 -10.94 23.19 29.60
C GLY B 94 -11.92 24.29 29.94
N GLN B 95 -13.07 23.96 30.52
CA GLN B 95 -14.11 24.93 30.81
C GLN B 95 -14.12 25.23 32.31
N THR B 96 -14.11 26.51 32.65
CA THR B 96 -14.12 26.92 34.05
C THR B 96 -15.51 26.76 34.66
N LEU B 97 -15.56 26.36 35.92
CA LEU B 97 -16.80 26.13 36.65
C LEU B 97 -16.69 26.82 38.00
N PRO B 98 -17.48 27.87 38.19
CA PRO B 98 -17.60 28.48 39.51
C PRO B 98 -18.51 27.62 40.39
N LEU B 99 -18.29 27.66 41.71
CA LEU B 99 -19.07 26.87 42.63
C LEU B 99 -19.14 27.55 43.98
N GLN B 100 -20.35 27.58 44.55
CA GLN B 100 -20.58 28.00 45.93
C GLN B 100 -21.22 26.84 46.67
N LEU B 101 -20.69 26.50 47.84
CA LEU B 101 -21.17 25.37 48.61
C LEU B 101 -21.49 25.82 50.03
N PHE B 102 -22.63 25.36 50.54
CA PHE B 102 -23.18 25.77 51.82
C PHE B 102 -23.33 24.63 52.80
N HIS B 103 -23.72 23.45 52.32
CA HIS B 103 -24.00 22.33 53.22
C HIS B 103 -22.70 21.85 53.89
N PRO B 104 -22.75 21.49 55.17
CA PRO B 104 -21.52 21.07 55.86
C PRO B 104 -20.86 19.86 55.23
N GLN B 105 -21.63 18.91 54.69
CA GLN B 105 -21.04 17.72 54.10
C GLN B 105 -20.17 18.07 52.89
N GLU B 106 -20.69 18.94 52.02
CA GLU B 106 -19.93 19.34 50.83
C GLU B 106 -18.70 20.16 51.21
N VAL B 107 -18.84 21.04 52.20
CA VAL B 107 -17.71 21.86 52.64
C VAL B 107 -16.62 20.98 53.23
N SER B 108 -17.01 19.99 54.04
CA SER B 108 -16.04 19.05 54.59
C SER B 108 -15.38 18.23 53.51
N MET B 109 -16.16 17.80 52.51
CA MET B 109 -15.60 17.05 51.39
C MET B 109 -14.57 17.88 50.65
N VAL B 110 -14.87 19.16 50.41
CA VAL B 110 -13.91 20.03 49.75
C VAL B 110 -12.66 20.22 50.61
N ARG B 111 -12.83 20.42 51.92
CA ARG B 111 -11.67 20.66 52.77
C ARG B 111 -10.74 19.46 52.77
N ASN B 112 -11.27 18.27 53.07
CA ASN B 112 -10.37 17.12 53.11
C ASN B 112 -10.00 16.64 51.72
N LEU B 113 -10.66 17.17 50.68
CA LEU B 113 -10.20 16.92 49.31
C LEU B 113 -8.96 17.73 48.99
N ILE B 114 -8.92 19.00 49.43
CA ILE B 114 -7.77 19.83 49.13
C ILE B 114 -6.53 19.34 49.88
N GLN B 115 -6.71 18.86 51.12
CA GLN B 115 -5.57 18.36 51.87
C GLN B 115 -5.02 17.06 51.31
N LYS B 116 -5.72 16.43 50.37
CA LYS B 116 -5.22 15.23 49.69
C LYS B 116 -5.66 15.30 48.24
N ASP B 117 -4.73 15.71 47.36
CA ASP B 117 -5.00 16.02 45.96
C ASP B 117 -5.90 17.26 45.88
N ARG B 118 -6.38 17.58 44.67
CA ARG B 118 -7.41 18.60 44.51
C ARG B 118 -8.40 18.26 43.40
N THR B 119 -8.68 16.97 43.19
CA THR B 119 -9.48 16.51 42.07
C THR B 119 -10.80 15.93 42.56
N PHE B 120 -11.90 16.36 41.96
CA PHE B 120 -13.17 15.68 42.12
C PHE B 120 -13.75 15.38 40.74
N ALA B 121 -14.93 14.76 40.72
CA ALA B 121 -15.54 14.28 39.49
C ALA B 121 -16.88 14.94 39.26
N VAL B 122 -17.17 15.26 38.00
CA VAL B 122 -18.48 15.75 37.57
C VAL B 122 -19.01 14.74 36.55
N LEU B 123 -20.20 14.23 36.81
CA LEU B 123 -20.81 13.23 35.93
C LEU B 123 -21.65 13.94 34.88
N ALA B 124 -21.48 13.52 33.63
CA ALA B 124 -22.28 14.06 32.53
C ALA B 124 -23.61 13.34 32.52
N TYR B 125 -24.56 13.86 33.31
CA TYR B 125 -25.88 13.23 33.39
C TYR B 125 -26.57 13.26 32.04
N SER B 126 -27.24 12.17 31.71
CA SER B 126 -27.97 12.08 30.45
C SER B 126 -29.31 12.81 30.61
N ASN B 127 -30.21 12.63 29.65
CA ASN B 127 -31.53 13.23 29.75
C ASN B 127 -32.29 12.71 30.97
N VAL B 128 -32.03 11.47 31.36
CA VAL B 128 -32.64 10.91 32.56
C VAL B 128 -31.86 11.38 33.79
N GLN B 129 -32.57 11.91 34.78
CA GLN B 129 -31.95 12.39 36.00
C GLN B 129 -31.72 11.23 36.96
N GLU B 130 -31.42 11.54 38.22
CA GLU B 130 -31.20 10.56 39.28
C GLU B 130 -30.01 9.65 38.96
N ARG B 131 -28.84 10.27 38.80
CA ARG B 131 -27.57 9.57 38.63
C ARG B 131 -27.60 8.61 37.45
N GLU B 132 -28.26 9.02 36.37
CA GLU B 132 -28.28 8.22 35.14
C GLU B 132 -27.17 8.70 34.21
N ALA B 133 -25.94 8.46 34.65
CA ALA B 133 -24.75 8.93 33.95
C ALA B 133 -23.78 7.79 33.75
N GLN B 134 -23.17 7.75 32.56
CA GLN B 134 -22.14 6.78 32.23
C GLN B 134 -20.82 7.42 31.83
N PHE B 135 -20.79 8.73 31.59
CA PHE B 135 -19.56 9.44 31.23
C PHE B 135 -19.43 10.66 32.12
N GLY B 136 -18.23 11.19 32.21
CA GLY B 136 -17.99 12.35 33.05
C GLY B 136 -16.59 12.87 32.88
N THR B 137 -16.29 13.93 33.64
CA THR B 137 -15.00 14.58 33.60
C THR B 137 -14.55 14.93 35.01
N THR B 138 -13.24 15.07 35.17
CA THR B 138 -12.63 15.39 36.46
C THR B 138 -12.26 16.86 36.50
N ALA B 139 -12.84 17.60 37.45
CA ALA B 139 -12.52 19.00 37.62
C ALA B 139 -11.35 19.16 38.58
N GLU B 140 -10.48 20.11 38.26
CA GLU B 140 -9.28 20.42 39.01
C GLU B 140 -9.47 21.75 39.72
N ILE B 141 -9.28 21.75 41.05
CA ILE B 141 -9.37 22.98 41.83
C ILE B 141 -8.17 23.86 41.56
N TYR B 142 -8.43 25.17 41.38
CA TYR B 142 -7.35 26.13 41.29
C TYR B 142 -7.63 27.42 42.05
N ALA B 143 -8.82 27.59 42.63
CA ALA B 143 -9.17 28.79 43.37
C ALA B 143 -10.12 28.42 44.49
N TYR B 144 -9.76 28.79 45.72
CA TYR B 144 -10.45 28.34 46.92
C TYR B 144 -10.52 29.44 47.95
N ARG B 145 -11.67 29.54 48.62
CA ARG B 145 -11.75 30.39 49.80
C ARG B 145 -12.96 29.99 50.63
N GLU B 146 -12.74 29.83 51.94
CA GLU B 146 -13.80 29.45 52.88
C GLU B 146 -14.08 30.60 53.83
N GLU B 147 -15.37 30.91 53.99
CA GLU B 147 -15.80 32.19 54.54
C GLU B 147 -16.84 31.94 55.63
N GLN B 148 -16.86 32.81 56.65
CA GLN B 148 -17.53 32.54 57.91
C GLN B 148 -18.83 33.31 58.14
N ASP B 149 -19.23 34.19 57.24
CA ASP B 149 -20.42 35.00 57.50
C ASP B 149 -21.69 34.14 57.43
N PHE B 150 -22.75 34.65 58.07
CA PHE B 150 -24.05 33.98 58.25
C PHE B 150 -23.95 32.79 59.21
N GLY B 151 -22.85 32.69 59.97
CA GLY B 151 -22.70 31.56 60.87
C GLY B 151 -22.49 30.24 60.19
N ILE B 152 -22.10 30.25 58.92
CA ILE B 152 -21.91 29.03 58.15
C ILE B 152 -20.47 29.01 57.66
N GLU B 153 -20.07 27.92 57.02
CA GLU B 153 -18.71 27.77 56.51
C GLU B 153 -18.76 27.73 54.98
N ILE B 154 -19.53 28.66 54.40
CA ILE B 154 -19.72 28.71 52.96
C ILE B 154 -18.37 28.76 52.26
N VAL B 155 -18.21 27.96 51.21
CA VAL B 155 -16.95 27.88 50.49
C VAL B 155 -17.18 28.23 49.02
N LYS B 156 -16.36 29.14 48.49
CA LYS B 156 -16.40 29.52 47.09
C LYS B 156 -15.15 28.95 46.41
N VAL B 157 -15.35 28.17 45.35
CA VAL B 157 -14.28 27.45 44.69
C VAL B 157 -14.50 27.48 43.18
N LYS B 158 -13.42 27.65 42.42
CA LYS B 158 -13.48 27.61 40.97
C LYS B 158 -12.58 26.49 40.46
N ALA B 159 -13.09 25.72 39.49
CA ALA B 159 -12.37 24.53 39.05
C ALA B 159 -12.55 24.35 37.55
N ILE B 160 -11.53 23.79 36.90
CA ILE B 160 -11.59 23.61 35.45
C ILE B 160 -11.37 22.15 35.10
N GLY B 161 -12.05 21.69 34.05
CA GLY B 161 -11.96 20.30 33.68
C GLY B 161 -10.59 19.93 33.17
N ARG B 162 -10.17 18.69 33.46
CA ARG B 162 -8.84 18.24 33.09
C ARG B 162 -8.86 17.00 32.22
N GLN B 163 -9.56 15.94 32.61
CA GLN B 163 -9.56 14.69 31.88
C GLN B 163 -10.99 14.27 31.60
N ARG B 164 -11.12 13.09 31.00
CA ARG B 164 -12.41 12.50 30.68
C ARG B 164 -12.40 11.04 31.11
N PHE B 165 -13.53 10.57 31.61
CA PHE B 165 -13.60 9.21 32.13
C PHE B 165 -14.98 8.62 31.85
N LYS B 166 -15.04 7.28 31.92
CA LYS B 166 -16.29 6.55 31.89
C LYS B 166 -16.43 5.81 33.21
N VAL B 167 -17.54 6.04 33.91
CA VAL B 167 -17.73 5.49 35.24
C VAL B 167 -18.04 4.00 35.14
N LEU B 168 -17.35 3.21 35.96
CA LEU B 168 -17.63 1.77 36.03
C LEU B 168 -18.80 1.49 36.98
N GLU B 169 -18.65 1.87 38.24
CA GLU B 169 -19.73 1.67 39.21
C GLU B 169 -19.82 2.86 40.15
N LEU B 170 -21.05 3.24 40.47
CA LEU B 170 -21.33 4.41 41.31
C LEU B 170 -21.65 3.92 42.71
N ARG B 171 -20.59 3.70 43.50
CA ARG B 171 -20.76 3.26 44.88
C ARG B 171 -21.04 4.49 45.75
N THR B 172 -22.05 4.39 46.60
CA THR B 172 -22.50 5.51 47.42
C THR B 172 -22.01 5.32 48.85
N GLN B 173 -21.43 6.37 49.41
CA GLN B 173 -20.92 6.35 50.78
C GLN B 173 -21.96 6.93 51.72
N SER B 174 -22.02 6.38 52.94
CA SER B 174 -23.03 6.80 53.90
C SER B 174 -22.85 8.25 54.35
N ASP B 175 -21.66 8.82 54.17
CA ASP B 175 -21.43 10.20 54.59
C ASP B 175 -22.26 11.18 53.77
N GLY B 176 -22.48 10.88 52.49
CA GLY B 176 -23.21 11.76 51.60
C GLY B 176 -22.43 12.15 50.36
N ILE B 177 -21.11 11.99 50.37
CA ILE B 177 -20.26 12.31 49.23
C ILE B 177 -19.81 10.99 48.62
N GLN B 178 -20.53 10.52 47.61
CA GLN B 178 -20.20 9.25 46.99
C GLN B 178 -18.93 9.38 46.15
N GLN B 179 -18.12 8.33 46.16
CA GLN B 179 -16.93 8.25 45.33
C GLN B 179 -17.19 7.26 44.21
N ALA B 180 -16.89 7.66 42.99
CA ALA B 180 -17.22 6.87 41.80
C ALA B 180 -16.02 6.10 41.31
N LYS B 181 -16.24 4.85 40.92
CA LYS B 181 -15.16 3.99 40.42
C LYS B 181 -14.94 4.34 38.95
N VAL B 182 -13.89 5.09 38.65
CA VAL B 182 -13.75 5.74 37.35
C VAL B 182 -12.59 5.11 36.58
N GLN B 183 -12.75 5.02 35.26
CA GLN B 183 -11.70 4.60 34.35
C GLN B 183 -11.33 5.77 33.44
N ILE B 184 -10.05 6.12 33.43
CA ILE B 184 -9.56 7.27 32.66
C ILE B 184 -9.71 6.97 31.18
N LEU B 185 -10.57 7.71 30.50
CA LEU B 185 -10.68 7.59 29.05
C LEU B 185 -9.47 8.23 28.39
N PRO B 186 -8.77 7.51 27.51
CA PRO B 186 -7.58 8.09 26.88
C PRO B 186 -7.94 9.08 25.78
N GLU B 187 -7.00 9.99 25.52
CA GLU B 187 -7.12 10.96 24.45
C GLU B 187 -6.33 10.48 23.25
N CYS B 188 -7.02 10.33 22.11
CA CYS B 188 -6.41 9.79 20.91
C CYS B 188 -6.07 10.93 19.95
N VAL B 189 -4.81 10.99 19.53
CA VAL B 189 -4.34 11.98 18.58
C VAL B 189 -3.81 11.23 17.35
N LEU B 190 -4.26 11.64 16.19
CA LEU B 190 -3.88 10.90 15.01
C LEU B 190 -2.81 11.65 14.22
N PRO B 191 -1.88 10.93 13.60
CA PRO B 191 -0.90 11.60 12.75
C PRO B 191 -1.49 12.07 11.43
N SER B 192 -0.69 12.70 10.59
CA SER B 192 -1.17 13.18 9.30
C SER B 192 -1.63 12.00 8.45
N THR B 193 -2.75 12.20 7.74
CA THR B 193 -3.27 11.17 6.86
C THR B 193 -2.30 10.83 5.74
N MET B 194 -1.37 11.73 5.41
CA MET B 194 -0.36 11.48 4.40
C MET B 194 0.88 10.79 4.93
N SER B 195 1.02 10.64 6.24
CA SER B 195 2.24 10.06 6.80
C SER B 195 2.45 8.62 6.33
N ALA B 196 1.36 7.86 6.19
CA ALA B 196 1.48 6.48 5.73
C ALA B 196 1.92 6.42 4.27
N VAL B 197 1.34 7.26 3.41
CA VAL B 197 1.59 7.21 1.98
C VAL B 197 2.58 8.29 1.54
N GLN B 198 3.32 8.86 2.48
CA GLN B 198 4.16 10.02 2.18
C GLN B 198 5.32 9.63 1.26
N LEU B 199 5.67 10.56 0.36
CA LEU B 199 6.88 10.42 -0.43
C LEU B 199 8.07 10.89 0.40
N GLU B 200 9.12 10.08 0.44
CA GLU B 200 10.29 10.41 1.24
C GLU B 200 10.96 11.68 0.73
N SER B 201 11.05 11.85 -0.59
CA SER B 201 11.73 12.99 -1.16
C SER B 201 11.05 14.29 -0.74
N LEU B 202 9.74 14.39 -0.96
CA LEU B 202 9.02 15.63 -0.64
C LEU B 202 8.52 15.64 0.80
N ASN B 203 9.44 15.36 1.73
CA ASN B 203 9.21 15.61 3.14
C ASN B 203 9.59 17.04 3.52
N LYS B 204 10.70 17.52 2.99
CA LYS B 204 11.21 18.85 3.32
C LYS B 204 10.25 19.96 2.92
N CYS B 205 9.39 19.72 1.94
CA CYS B 205 8.37 20.70 1.57
C CYS B 205 7.05 20.48 2.31
N GLN B 206 7.10 19.88 3.50
CA GLN B 206 5.91 19.72 4.32
C GLN B 206 5.84 20.75 5.45
N ILE B 207 6.82 21.64 5.54
CA ILE B 207 6.84 22.70 6.55
C ILE B 207 6.42 23.97 5.83
N PHE B 208 5.13 24.29 5.92
CA PHE B 208 4.60 25.44 5.20
C PHE B 208 5.05 26.75 5.88
N PRO B 209 5.22 27.81 5.11
CA PRO B 209 5.49 29.13 5.71
C PRO B 209 4.28 29.61 6.48
N SER B 210 4.53 30.60 7.35
CA SER B 210 3.46 31.17 8.15
C SER B 210 2.42 31.83 7.26
N LYS B 211 1.19 31.88 7.75
CA LYS B 211 0.11 32.46 6.97
C LYS B 211 0.39 33.94 6.71
N PRO B 212 0.03 34.45 5.53
CA PRO B 212 0.38 35.85 5.20
C PRO B 212 -0.52 36.82 5.96
N VAL B 213 0.12 37.79 6.63
CA VAL B 213 -0.53 38.80 7.45
C VAL B 213 -1.43 38.03 8.42
N SER B 214 -2.72 38.36 8.48
CA SER B 214 -3.67 37.66 9.35
C SER B 214 -5.10 38.07 9.02
N ARG B 215 -5.97 37.09 8.80
CA ARG B 215 -7.40 37.32 8.57
C ARG B 215 -7.63 38.36 7.47
N GLU B 216 -7.06 38.09 6.30
CA GLU B 216 -7.16 38.98 5.15
C GLU B 216 -7.58 38.19 3.92
N ASP B 217 -8.51 38.76 3.15
CA ASP B 217 -8.96 38.13 1.93
C ASP B 217 -7.85 38.15 0.87
N GLN B 218 -7.87 37.14 0.00
CA GLN B 218 -6.90 36.88 -1.06
C GLN B 218 -5.54 36.47 -0.49
N CYS B 219 -5.35 36.51 0.82
CA CYS B 219 -4.18 35.94 1.47
C CYS B 219 -4.50 34.60 2.13
N SER B 220 -5.75 34.15 2.05
CA SER B 220 -6.18 32.87 2.59
C SER B 220 -6.62 31.91 1.52
N TYR B 221 -7.58 32.31 0.67
CA TYR B 221 -8.06 31.44 -0.40
C TYR B 221 -6.92 31.01 -1.31
N LYS B 222 -6.11 31.96 -1.77
CA LYS B 222 -4.96 31.61 -2.61
C LYS B 222 -3.92 30.84 -1.81
N TRP B 223 -3.75 31.17 -0.52
CA TRP B 223 -2.82 30.42 0.30
C TRP B 223 -3.35 29.01 0.60
N TRP B 224 -4.65 28.91 0.91
CA TRP B 224 -5.22 27.60 1.22
C TRP B 224 -5.20 26.67 0.00
N GLN B 225 -5.41 27.21 -1.19
CA GLN B 225 -5.37 26.37 -2.38
C GLN B 225 -3.99 25.74 -2.57
N LYS B 226 -2.93 26.55 -2.49
CA LYS B 226 -1.60 25.97 -2.64
C LYS B 226 -1.21 25.11 -1.45
N TYR B 227 -1.74 25.42 -0.26
CA TYR B 227 -1.49 24.56 0.90
C TYR B 227 -2.06 23.17 0.67
N GLN B 228 -3.30 23.10 0.18
CA GLN B 228 -3.91 21.82 -0.14
C GLN B 228 -3.16 21.12 -1.26
N LYS B 229 -2.73 21.86 -2.28
CA LYS B 229 -2.05 21.25 -3.41
C LYS B 229 -0.69 20.68 -2.99
N ARG B 230 0.03 21.38 -2.12
CA ARG B 230 1.37 20.93 -1.76
C ARG B 230 1.36 19.92 -0.62
N LYS B 231 0.35 19.95 0.24
CA LYS B 231 0.33 19.02 1.37
C LYS B 231 -0.12 17.63 0.95
N PHE B 232 -1.21 17.55 0.19
CA PHE B 232 -1.78 16.26 -0.22
C PHE B 232 -1.31 15.86 -1.61
N HIS B 233 -0.07 16.17 -1.96
CA HIS B 233 0.45 15.78 -3.26
C HIS B 233 0.61 14.28 -3.41
N CYS B 234 0.67 13.55 -2.29
CA CYS B 234 0.76 12.10 -2.32
C CYS B 234 -0.60 11.42 -2.46
N ALA B 235 -1.68 12.18 -2.54
CA ALA B 235 -3.00 11.60 -2.74
C ALA B 235 -3.13 10.92 -4.10
N ASN B 236 -2.20 11.16 -5.02
CA ASN B 236 -2.19 10.44 -6.28
C ASN B 236 -1.73 8.99 -6.10
N LEU B 237 -0.92 8.72 -5.08
CA LEU B 237 -0.51 7.34 -4.80
C LEU B 237 -1.69 6.52 -4.31
N THR B 238 -2.58 7.12 -3.54
CA THR B 238 -3.75 6.41 -3.04
C THR B 238 -4.84 6.40 -4.11
N SER B 239 -6.04 5.96 -3.73
CA SER B 239 -7.16 5.86 -4.66
C SER B 239 -8.20 6.94 -4.43
N TRP B 240 -7.85 8.01 -3.72
CA TRP B 240 -8.79 9.05 -3.37
C TRP B 240 -8.24 10.41 -3.76
N PRO B 241 -9.11 11.37 -4.08
CA PRO B 241 -8.64 12.70 -4.48
C PRO B 241 -8.11 13.50 -3.31
N ARG B 242 -7.62 14.72 -3.58
CA ARG B 242 -7.02 15.52 -2.53
C ARG B 242 -8.07 16.13 -1.61
N TRP B 243 -9.20 16.56 -2.17
CA TRP B 243 -10.22 17.19 -1.32
C TRP B 243 -10.78 16.21 -0.30
N LEU B 244 -10.83 14.92 -0.64
CA LEU B 244 -11.30 13.92 0.32
C LEU B 244 -10.38 13.88 1.53
N TYR B 245 -9.07 13.96 1.31
CA TYR B 245 -8.13 13.99 2.42
C TYR B 245 -8.12 15.34 3.13
N SER B 246 -8.51 16.42 2.44
CA SER B 246 -8.66 17.70 3.12
C SER B 246 -9.87 17.69 4.03
N LEU B 247 -10.88 16.88 3.71
CA LEU B 247 -12.03 16.72 4.60
C LEU B 247 -11.67 16.07 5.92
N TYR B 248 -10.51 15.44 6.03
CA TYR B 248 -10.06 14.81 7.26
C TYR B 248 -8.78 15.45 7.81
N ASP B 249 -8.51 16.70 7.45
CA ASP B 249 -7.32 17.40 7.91
C ASP B 249 -7.66 18.29 9.10
N ALA B 250 -6.81 18.26 10.13
CA ALA B 250 -7.07 19.07 11.31
C ALA B 250 -7.01 20.56 10.98
N GLU B 251 -5.99 20.96 10.22
CA GLU B 251 -5.81 22.38 9.91
C GLU B 251 -6.98 22.95 9.12
N THR B 252 -7.44 22.22 8.11
CA THR B 252 -8.49 22.75 7.24
C THR B 252 -9.82 22.88 7.99
N LEU B 253 -10.18 21.87 8.78
CA LEU B 253 -11.42 21.97 9.55
C LEU B 253 -11.33 23.06 10.61
N MET B 254 -10.17 23.20 11.25
CA MET B 254 -10.02 24.29 12.22
C MET B 254 -10.16 25.63 11.53
N ASP B 255 -9.61 25.77 10.33
CA ASP B 255 -9.77 27.01 9.57
C ASP B 255 -11.22 27.28 9.21
N ARG B 256 -11.95 26.25 8.79
CA ARG B 256 -13.35 26.44 8.44
C ARG B 256 -14.18 26.85 9.64
N ILE B 257 -13.94 26.21 10.79
CA ILE B 257 -14.65 26.58 12.02
C ILE B 257 -14.30 28.01 12.41
N LYS B 258 -13.03 28.39 12.32
CA LYS B 258 -12.65 29.76 12.64
C LYS B 258 -13.31 30.75 11.69
N LYS B 259 -13.38 30.41 10.40
CA LYS B 259 -14.01 31.31 9.44
C LYS B 259 -15.48 31.51 9.76
N GLN B 260 -16.19 30.44 10.09
CA GLN B 260 -17.61 30.58 10.41
C GLN B 260 -17.82 31.31 11.74
N LEU B 261 -16.95 31.07 12.72
CA LEU B 261 -17.03 31.81 13.97
C LEU B 261 -16.80 33.30 13.74
N ARG B 262 -15.76 33.64 12.96
CA ARG B 262 -15.50 35.04 12.63
C ARG B 262 -16.66 35.64 11.85
N GLU B 263 -17.34 34.82 11.05
CA GLU B 263 -18.58 35.26 10.42
C GLU B 263 -19.63 35.61 11.48
N TRP B 264 -19.69 34.83 12.56
CA TRP B 264 -20.64 35.15 13.63
C TRP B 264 -20.21 36.38 14.40
N ASP B 265 -19.05 36.34 15.04
CA ASP B 265 -18.54 37.45 15.83
C ASP B 265 -17.09 37.73 15.47
N GLU B 266 -16.67 38.97 15.69
CA GLU B 266 -15.34 39.40 15.27
C GLU B 266 -14.31 38.82 16.25
N ASN B 267 -13.66 37.76 15.81
CA ASN B 267 -12.58 37.17 16.59
C ASN B 267 -11.28 37.97 16.39
N LEU B 268 -10.47 38.01 17.44
CA LEU B 268 -9.19 38.72 17.38
C LEU B 268 -8.08 37.71 17.05
N LYS B 269 -8.09 37.30 15.78
CA LYS B 269 -7.13 36.36 15.22
C LYS B 269 -6.89 35.17 16.15
N ASP B 270 -5.76 35.17 16.84
CA ASP B 270 -5.43 34.13 17.82
C ASP B 270 -5.94 34.50 19.21
N ASP B 271 -7.22 34.86 19.30
CA ASP B 271 -7.83 35.32 20.55
C ASP B 271 -8.01 34.11 21.48
N SER B 272 -6.90 33.69 22.07
CA SER B 272 -6.83 32.56 23.00
C SER B 272 -7.21 31.22 22.36
N LEU B 273 -7.49 31.21 21.07
CA LEU B 273 -7.83 29.96 20.39
C LEU B 273 -6.57 29.14 20.18
N PRO B 274 -6.47 27.96 20.78
CA PRO B 274 -5.20 27.22 20.71
C PRO B 274 -4.96 26.64 19.33
N SER B 275 -3.68 26.43 19.02
CA SER B 275 -3.32 25.72 17.81
C SER B 275 -3.45 24.21 17.95
N ASN B 276 -3.53 23.71 19.17
CA ASN B 276 -3.67 22.28 19.37
C ASN B 276 -5.09 21.86 19.01
N PRO B 277 -5.27 20.88 18.11
CA PRO B 277 -6.63 20.49 17.71
C PRO B 277 -7.49 19.99 18.86
N ILE B 278 -6.90 19.31 19.85
CA ILE B 278 -7.67 18.86 21.00
C ILE B 278 -8.26 20.06 21.74
N ASP B 279 -7.43 21.05 22.05
CA ASP B 279 -7.87 22.20 22.81
C ASP B 279 -8.87 23.03 22.03
N PHE B 280 -8.62 23.24 20.73
CA PHE B 280 -9.56 23.99 19.92
C PHE B 280 -10.91 23.28 19.82
N SER B 281 -10.89 21.96 19.65
CA SER B 281 -12.14 21.21 19.58
C SER B 281 -12.91 21.33 20.88
N TYR B 282 -12.22 21.22 22.02
CA TYR B 282 -12.90 21.34 23.30
C TYR B 282 -13.47 22.74 23.50
N ARG B 283 -12.71 23.77 23.12
CA ARG B 283 -13.21 25.14 23.25
C ARG B 283 -14.44 25.36 22.38
N VAL B 284 -14.42 24.89 21.14
CA VAL B 284 -15.56 25.06 20.26
C VAL B 284 -16.77 24.31 20.79
N ALA B 285 -16.56 23.09 21.29
CA ALA B 285 -17.67 22.33 21.86
C ALA B 285 -18.26 23.04 23.06
N ALA B 286 -17.41 23.65 23.89
CA ALA B 286 -17.91 24.42 25.02
C ALA B 286 -18.71 25.63 24.57
N CYS B 287 -18.24 26.34 23.53
CA CYS B 287 -18.88 27.58 23.11
C CYS B 287 -20.05 27.36 22.16
N LEU B 288 -20.28 26.15 21.68
CA LEU B 288 -21.37 25.91 20.76
C LEU B 288 -22.72 26.01 21.48
N PRO B 289 -23.72 26.63 20.87
CA PRO B 289 -25.08 26.70 21.46
C PRO B 289 -25.93 25.48 21.13
N ILE B 290 -25.64 24.38 21.82
CA ILE B 290 -26.26 23.09 21.57
C ILE B 290 -26.85 22.56 22.86
N ASP B 291 -27.60 21.46 22.75
CA ASP B 291 -28.30 20.88 23.88
C ASP B 291 -27.43 19.82 24.57
N ASP B 292 -28.01 19.11 25.53
CA ASP B 292 -27.23 18.20 26.36
C ASP B 292 -26.86 16.93 25.62
N VAL B 293 -27.77 16.37 24.83
CA VAL B 293 -27.50 15.11 24.15
C VAL B 293 -26.36 15.27 23.17
N LEU B 294 -26.32 16.39 22.44
CA LEU B 294 -25.23 16.63 21.51
C LEU B 294 -23.92 16.86 22.26
N ARG B 295 -23.97 17.49 23.44
CA ARG B 295 -22.76 17.62 24.24
C ARG B 295 -22.24 16.26 24.67
N ILE B 296 -23.13 15.36 25.09
CA ILE B 296 -22.68 14.02 25.46
C ILE B 296 -22.09 13.30 24.26
N GLN B 297 -22.71 13.46 23.10
CA GLN B 297 -22.17 12.84 21.89
C GLN B 297 -20.78 13.37 21.56
N LEU B 298 -20.59 14.68 21.68
CA LEU B 298 -19.27 15.26 21.46
C LEU B 298 -18.26 14.80 22.50
N LEU B 299 -18.72 14.57 23.73
CA LEU B 299 -17.82 14.10 24.78
C LEU B 299 -17.40 12.66 24.55
N LYS B 300 -18.29 11.83 24.01
CA LYS B 300 -17.98 10.42 23.79
C LYS B 300 -16.86 10.25 22.78
N ILE B 301 -16.73 11.18 21.83
CA ILE B 301 -15.75 11.05 20.77
C ILE B 301 -14.35 11.18 21.35
N GLY B 302 -13.47 10.26 20.97
CA GLY B 302 -12.12 10.22 21.49
C GLY B 302 -11.04 10.79 20.61
N SER B 303 -11.37 11.25 19.40
CA SER B 303 -10.39 11.79 18.48
C SER B 303 -10.78 13.22 18.12
N ALA B 304 -9.77 14.07 17.94
CA ALA B 304 -10.01 15.47 17.63
C ALA B 304 -10.70 15.65 16.28
N ILE B 305 -10.30 14.86 15.29
CA ILE B 305 -10.80 15.06 13.93
C ILE B 305 -12.28 14.73 13.86
N GLN B 306 -12.70 13.62 14.48
CA GLN B 306 -14.12 13.28 14.50
C GLN B 306 -14.92 14.35 15.22
N ARG B 307 -14.39 14.88 16.32
CA ARG B 307 -15.07 15.94 17.05
C ARG B 307 -15.21 17.19 16.19
N LEU B 308 -14.17 17.55 15.44
CA LEU B 308 -14.24 18.72 14.56
C LEU B 308 -15.27 18.50 13.46
N ARG B 309 -15.31 17.30 12.87
CA ARG B 309 -16.30 17.03 11.84
C ARG B 309 -17.71 17.13 12.41
N CYS B 310 -17.94 16.55 13.59
CA CYS B 310 -19.26 16.64 14.21
C CYS B 310 -19.63 18.08 14.54
N GLU B 311 -18.66 18.86 15.03
CA GLU B 311 -18.93 20.25 15.34
C GLU B 311 -19.30 21.03 14.09
N LEU B 312 -18.57 20.81 12.99
CA LEU B 312 -18.89 21.48 11.74
C LEU B 312 -20.30 21.12 11.29
N ASP B 313 -20.64 19.83 11.34
CA ASP B 313 -21.97 19.41 10.93
C ASP B 313 -23.04 20.06 11.79
N ILE B 314 -22.83 20.10 13.11
CA ILE B 314 -23.83 20.65 14.02
C ILE B 314 -24.02 22.14 13.77
N MET B 315 -22.93 22.91 13.73
CA MET B 315 -23.12 24.35 13.62
C MET B 315 -23.43 24.78 12.19
N ASN B 316 -23.29 23.88 11.22
CA ASN B 316 -23.87 24.14 9.89
C ASN B 316 -25.36 23.83 9.87
N LYS B 317 -25.80 22.85 10.66
CA LYS B 317 -27.21 22.46 10.69
C LYS B 317 -28.02 23.21 11.74
N CYS B 318 -27.38 24.04 12.56
CA CYS B 318 -28.07 24.78 13.61
C CYS B 318 -28.17 26.25 13.21
N THR B 319 -29.39 26.79 13.27
CA THR B 319 -29.61 28.17 12.86
C THR B 319 -30.36 28.98 13.91
N SER B 320 -31.21 28.33 14.71
CA SER B 320 -32.06 29.02 15.66
C SER B 320 -32.06 28.30 17.00
N LEU B 321 -32.34 29.06 18.06
CA LEU B 321 -32.50 28.55 19.40
C LEU B 321 -33.86 28.97 19.93
N CYS B 322 -34.59 28.04 20.53
CA CYS B 322 -35.97 28.25 20.91
C CYS B 322 -36.17 28.04 22.40
N CYS B 323 -37.39 28.33 22.87
CA CYS B 323 -37.75 28.18 24.27
C CYS B 323 -38.14 26.73 24.53
N LYS B 324 -37.45 26.09 25.48
CA LYS B 324 -37.70 24.68 25.77
C LYS B 324 -39.12 24.48 26.30
N GLN B 325 -39.57 25.38 27.18
CA GLN B 325 -40.93 25.29 27.70
C GLN B 325 -41.98 25.59 26.64
N CYS B 326 -41.60 26.12 25.49
CA CYS B 326 -42.53 26.45 24.42
C CYS B 326 -42.31 25.61 23.18
N GLN B 327 -41.08 25.51 22.69
CA GLN B 327 -40.77 24.89 21.40
C GLN B 327 -41.54 25.55 20.26
N GLU B 328 -41.96 26.81 20.46
CA GLU B 328 -42.78 27.51 19.50
C GLU B 328 -42.39 28.98 19.31
N THR B 329 -41.40 29.48 20.04
CA THR B 329 -41.10 30.91 20.06
C THR B 329 -39.66 31.15 19.62
N GLU B 330 -39.46 32.21 18.82
CA GLU B 330 -38.13 32.56 18.35
C GLU B 330 -37.54 33.62 19.29
N ILE B 331 -36.37 33.31 19.86
CA ILE B 331 -35.70 34.22 20.76
C ILE B 331 -34.36 34.70 20.21
N THR B 332 -33.66 33.90 19.42
CA THR B 332 -32.30 34.20 18.99
C THR B 332 -32.17 33.85 17.51
N THR B 333 -30.93 33.80 17.03
CA THR B 333 -30.60 33.31 15.69
C THR B 333 -29.14 32.90 15.70
N LYS B 334 -28.62 32.55 14.53
CA LYS B 334 -27.25 32.06 14.43
C LYS B 334 -26.22 33.17 14.33
N ASN B 335 -26.60 34.33 13.78
CA ASN B 335 -25.65 35.40 13.54
C ASN B 335 -25.62 36.46 14.64
N GLU B 336 -26.66 36.55 15.46
CA GLU B 336 -26.75 37.59 16.49
C GLU B 336 -26.13 37.10 17.79
N ILE B 337 -24.88 36.63 17.68
CA ILE B 337 -24.17 35.98 18.79
C ILE B 337 -22.73 36.47 18.81
N PHE B 338 -22.27 36.90 19.99
CA PHE B 338 -20.92 37.44 20.13
C PHE B 338 -20.35 36.98 21.45
N SER B 339 -19.21 37.56 21.84
CA SER B 339 -18.49 37.11 23.02
C SER B 339 -17.83 38.30 23.70
N LEU B 340 -18.18 38.55 24.96
CA LEU B 340 -17.42 39.44 25.82
C LEU B 340 -16.54 38.67 26.80
N SER B 341 -16.37 37.37 26.60
CA SER B 341 -15.52 36.54 27.44
C SER B 341 -14.54 35.79 26.56
N LEU B 342 -13.34 35.57 27.09
CA LEU B 342 -12.33 34.83 26.34
C LEU B 342 -12.72 33.38 26.11
N CYS B 343 -13.70 32.87 26.86
CA CYS B 343 -14.18 31.50 26.68
C CYS B 343 -15.18 31.38 25.53
N GLY B 344 -15.54 32.48 24.89
CA GLY B 344 -16.46 32.43 23.78
C GLY B 344 -17.82 32.99 24.13
N PRO B 345 -18.82 32.72 23.29
CA PRO B 345 -20.17 33.23 23.57
C PRO B 345 -20.83 32.61 24.78
N MET B 346 -20.29 31.54 25.33
CA MET B 346 -20.97 30.78 26.38
C MET B 346 -19.99 30.46 27.50
N ALA B 347 -20.44 30.63 28.75
CA ALA B 347 -19.60 30.37 29.90
C ALA B 347 -20.47 30.08 31.11
N ALA B 348 -19.84 29.51 32.14
CA ALA B 348 -20.53 29.08 33.35
C ALA B 348 -20.37 30.13 34.45
N TYR B 349 -21.49 30.49 35.07
CA TYR B 349 -21.50 31.44 36.18
C TYR B 349 -22.38 30.87 37.28
N VAL B 350 -22.31 31.48 38.46
CA VAL B 350 -23.10 31.05 39.61
C VAL B 350 -23.89 32.23 40.15
N ASN B 351 -25.18 32.00 40.38
CA ASN B 351 -25.99 32.92 41.15
C ASN B 351 -25.62 32.83 42.63
N PRO B 352 -25.97 33.83 43.44
CA PRO B 352 -25.58 33.80 44.86
C PRO B 352 -26.14 32.62 45.63
N HIS B 353 -27.06 31.85 45.04
CA HIS B 353 -27.60 30.65 45.68
C HIS B 353 -26.83 29.39 45.31
N GLY B 354 -25.79 29.50 44.50
CA GLY B 354 -24.93 28.37 44.18
C GLY B 354 -25.28 27.65 42.89
N TYR B 355 -26.45 27.89 42.32
CA TYR B 355 -26.83 27.23 41.07
C TYR B 355 -25.96 27.72 39.92
N VAL B 356 -25.58 26.80 39.04
CA VAL B 356 -24.69 27.09 37.93
C VAL B 356 -25.51 27.27 36.65
N HIS B 357 -25.23 28.36 35.94
CA HIS B 357 -25.92 28.69 34.70
C HIS B 357 -24.90 28.86 33.58
N GLU B 358 -25.20 28.29 32.42
CA GLU B 358 -24.39 28.49 31.22
C GLU B 358 -25.09 29.54 30.37
N THR B 359 -24.43 30.68 30.20
CA THR B 359 -25.05 31.85 29.60
C THR B 359 -24.48 32.14 28.23
N LEU B 360 -25.37 32.51 27.31
CA LEU B 360 -25.04 32.88 25.94
C LEU B 360 -25.35 34.35 25.72
N THR B 361 -24.41 35.07 25.11
CA THR B 361 -24.51 36.51 24.90
C THR B 361 -25.06 36.80 23.51
N VAL B 362 -25.99 37.75 23.44
CA VAL B 362 -26.67 38.07 22.19
C VAL B 362 -26.83 39.59 22.07
N TYR B 363 -26.59 40.09 20.86
CA TYR B 363 -26.88 41.50 20.55
C TYR B 363 -28.34 41.85 20.84
N LYS B 364 -29.27 41.15 20.19
CA LYS B 364 -30.70 41.46 20.30
C LYS B 364 -31.49 40.17 20.40
N ALA B 365 -32.24 40.02 21.48
CA ALA B 365 -33.16 38.91 21.66
C ALA B 365 -34.55 39.28 21.16
N CYS B 366 -35.40 38.28 21.02
CA CYS B 366 -36.76 38.47 20.55
C CYS B 366 -37.73 37.72 21.44
N ASN B 367 -38.93 38.27 21.57
CA ASN B 367 -40.01 37.64 22.33
C ASN B 367 -39.57 37.46 23.79
N LEU B 368 -39.15 38.56 24.41
CA LEU B 368 -38.75 38.59 25.80
C LEU B 368 -39.37 39.81 26.48
N ASN B 369 -39.66 39.67 27.77
CA ASN B 369 -40.15 40.76 28.59
C ASN B 369 -39.31 40.88 29.86
N LEU B 370 -39.25 42.08 30.42
CA LEU B 370 -38.44 42.37 31.59
C LEU B 370 -39.31 42.76 32.77
N ILE B 371 -38.90 42.33 33.97
CA ILE B 371 -39.57 42.69 35.21
C ILE B 371 -38.52 43.14 36.22
N GLY B 372 -38.79 44.24 36.89
CA GLY B 372 -37.89 44.69 37.95
C GLY B 372 -36.85 45.67 37.44
N ARG B 373 -36.42 46.55 38.34
CA ARG B 373 -35.45 47.57 37.99
C ARG B 373 -34.07 46.94 37.78
N PRO B 374 -33.27 47.45 36.84
CA PRO B 374 -31.94 46.87 36.60
C PRO B 374 -31.01 47.03 37.79
N SER B 375 -30.64 45.93 38.42
CA SER B 375 -29.80 45.93 39.60
C SER B 375 -28.48 45.23 39.31
N THR B 376 -27.47 45.56 40.10
CA THR B 376 -26.11 45.08 39.85
C THR B 376 -25.43 44.64 41.15
N GLU B 377 -26.16 43.93 42.01
CA GLU B 377 -25.57 43.47 43.27
C GLU B 377 -24.50 42.41 43.03
N HIS B 378 -24.81 41.43 42.18
CA HIS B 378 -23.93 40.28 41.96
C HIS B 378 -23.78 40.01 40.48
N SER B 379 -23.55 41.06 39.69
CA SER B 379 -23.41 40.90 38.25
C SER B 379 -22.07 40.25 37.93
N TRP B 380 -22.11 39.24 37.06
CA TRP B 380 -20.89 38.59 36.59
C TRP B 380 -20.08 39.46 35.64
N PHE B 381 -20.69 40.52 35.10
CA PHE B 381 -20.04 41.42 34.16
C PHE B 381 -19.76 42.75 34.85
N PRO B 382 -18.49 43.14 35.00
CA PRO B 382 -18.17 44.33 35.79
C PRO B 382 -18.52 45.64 35.10
N GLY B 383 -19.76 46.09 35.27
CA GLY B 383 -20.16 47.36 34.69
C GLY B 383 -21.58 47.40 34.19
N TYR B 384 -22.27 46.26 34.23
CA TYR B 384 -23.64 46.16 33.75
C TYR B 384 -24.59 45.89 34.91
N ALA B 385 -25.86 46.23 34.69
CA ALA B 385 -26.92 46.02 35.68
C ALA B 385 -27.93 45.05 35.08
N TRP B 386 -27.95 43.83 35.60
CA TRP B 386 -28.77 42.79 35.01
C TRP B 386 -30.26 43.04 35.27
N THR B 387 -31.08 42.70 34.28
CA THR B 387 -32.53 42.71 34.42
C THR B 387 -33.05 41.35 34.00
N VAL B 388 -33.83 40.71 34.89
CA VAL B 388 -34.30 39.36 34.62
C VAL B 388 -35.23 39.37 33.41
N ALA B 389 -35.06 38.39 32.53
CA ALA B 389 -35.83 38.28 31.30
C ALA B 389 -36.72 37.04 31.35
N GLN B 390 -37.91 37.16 30.80
CA GLN B 390 -38.89 36.08 30.82
C GLN B 390 -39.50 35.93 29.44
N CYS B 391 -39.97 34.71 29.15
CA CYS B 391 -40.70 34.46 27.92
C CYS B 391 -42.02 35.23 27.95
N LYS B 392 -42.38 35.81 26.80
CA LYS B 392 -43.63 36.56 26.73
C LYS B 392 -44.86 35.66 26.68
N ILE B 393 -44.68 34.35 26.58
CA ILE B 393 -45.81 33.43 26.47
C ILE B 393 -45.90 32.60 27.74
N CYS B 394 -44.88 31.79 28.02
CA CYS B 394 -44.90 30.92 29.18
C CYS B 394 -44.30 31.56 30.43
N ALA B 395 -43.61 32.69 30.29
CA ALA B 395 -42.93 33.35 31.41
C ALA B 395 -41.94 32.41 32.10
N SER B 396 -41.04 31.85 31.29
CA SER B 396 -39.96 31.02 31.79
C SER B 396 -38.67 31.84 31.83
N HIS B 397 -37.79 31.48 32.76
CA HIS B 397 -36.56 32.22 32.95
C HIS B 397 -35.58 31.89 31.83
N ILE B 398 -35.70 32.58 30.70
CA ILE B 398 -34.80 32.33 29.58
C ILE B 398 -33.45 32.97 29.83
N GLY B 399 -33.39 34.09 30.56
CA GLY B 399 -32.12 34.73 30.81
C GLY B 399 -32.28 36.10 31.42
N TRP B 400 -31.27 36.95 31.19
CA TRP B 400 -31.26 38.30 31.71
C TRP B 400 -30.90 39.29 30.62
N LYS B 401 -31.34 40.54 30.80
CA LYS B 401 -30.91 41.66 29.98
C LYS B 401 -29.98 42.53 30.81
N PHE B 402 -28.82 42.86 30.24
CA PHE B 402 -27.76 43.56 30.97
C PHE B 402 -27.68 44.99 30.44
N THR B 403 -28.36 45.90 31.13
CA THR B 403 -28.27 47.32 30.80
C THR B 403 -26.91 47.86 31.23
N ALA B 404 -26.38 48.79 30.44
CA ALA B 404 -25.10 49.39 30.76
C ALA B 404 -25.26 50.51 31.77
N THR B 405 -24.15 50.87 32.41
CA THR B 405 -24.13 51.95 33.39
C THR B 405 -23.36 53.16 32.90
N LYS B 406 -22.09 52.99 32.54
CA LYS B 406 -21.32 54.09 31.96
C LYS B 406 -21.63 54.21 30.47
N LYS B 407 -21.37 55.40 29.92
CA LYS B 407 -21.75 55.72 28.56
C LYS B 407 -20.77 55.20 27.51
N ASP B 408 -19.53 54.92 27.89
CA ASP B 408 -18.51 54.48 26.94
C ASP B 408 -18.43 52.95 26.89
N MET B 409 -19.61 52.33 26.76
CA MET B 409 -19.75 50.88 26.63
C MET B 409 -21.04 50.61 25.87
N SER B 410 -21.22 49.34 25.47
CA SER B 410 -22.36 48.89 24.69
C SER B 410 -23.67 49.31 25.34
N PRO B 411 -24.44 50.22 24.73
CA PRO B 411 -25.62 50.77 25.41
C PRO B 411 -26.76 49.78 25.55
N GLN B 412 -26.94 49.24 26.76
CA GLN B 412 -28.01 48.34 27.16
C GLN B 412 -28.42 47.35 26.05
N LYS B 413 -27.44 46.80 25.33
CA LYS B 413 -27.71 45.77 24.34
C LYS B 413 -26.81 44.57 24.67
N PHE B 414 -27.27 43.74 25.59
CA PHE B 414 -26.51 42.56 25.98
C PHE B 414 -27.48 41.57 26.62
N TRP B 415 -27.86 40.54 25.88
CA TRP B 415 -28.78 39.51 26.37
C TRP B 415 -27.99 38.28 26.81
N GLY B 416 -27.96 38.03 28.12
CA GLY B 416 -27.35 36.85 28.70
C GLY B 416 -28.38 35.75 28.94
N LEU B 417 -28.74 35.02 27.90
CA LEU B 417 -29.72 33.96 28.04
C LEU B 417 -29.06 32.65 28.46
N THR B 418 -29.61 32.02 29.49
CA THR B 418 -29.08 30.76 29.97
C THR B 418 -29.65 29.60 29.16
N ARG B 419 -29.25 28.37 29.52
CA ARG B 419 -29.67 27.18 28.81
C ARG B 419 -30.76 26.41 29.55
N SER B 420 -31.38 27.00 30.57
CA SER B 420 -32.45 26.30 31.27
C SER B 420 -33.61 26.02 30.33
N ALA B 421 -33.98 26.99 29.49
CA ALA B 421 -34.98 26.80 28.45
C ALA B 421 -34.39 27.33 27.14
N LEU B 422 -33.62 26.48 26.46
CA LEU B 422 -32.99 26.87 25.20
C LEU B 422 -32.59 25.60 24.46
N LEU B 423 -33.23 25.35 23.32
CA LEU B 423 -32.92 24.17 22.52
C LEU B 423 -32.71 24.57 21.07
N PRO B 424 -31.85 23.85 20.36
CA PRO B 424 -31.72 24.09 18.92
C PRO B 424 -32.99 23.71 18.17
N THR B 425 -33.29 24.47 17.13
CA THR B 425 -34.45 24.21 16.28
C THR B 425 -34.12 24.45 14.80
ZN ZN C . -41.59 30.13 26.56
N1 QFC D . -27.61 35.76 49.87
N3 QFC D . -25.27 37.67 38.26
C4 QFC D . -26.76 31.48 52.81
C5 QFC D . -27.42 31.94 51.68
C6 QFC D . -28.58 34.06 51.33
C7 QFC D . -28.30 35.54 51.14
C8 QFC D . -27.41 37.19 49.62
C10 QFC D . -29.41 37.30 48.10
C13 QFC D . -30.07 38.98 44.76
C15 QFC D . -30.95 36.50 43.72
C17 QFC D . -30.95 34.95 41.87
C20 QFC D . -28.44 37.50 40.98
C21 QFC D . -29.46 36.86 41.86
C22 QFC D . -27.51 36.74 38.69
C24 QFC D . -27.01 37.87 36.55
C26 QFC D . -26.09 37.01 39.14
C28 QFC D . -27.45 38.49 47.46
N QFC D . -27.35 33.29 51.27
C QFC D . -28.16 31.01 50.94
O QFC D . -29.41 38.37 43.64
C1 QFC D . -28.26 29.68 51.28
C11 QFC D . -30.03 37.72 46.94
C12 QFC D . -29.38 38.54 46.02
C14 QFC D . -29.97 37.24 43.10
C16 QFC D . -31.44 35.35 43.10
C18 QFC D . -29.95 35.71 41.26
C19 QFC D . -29.24 35.52 39.97
C2 QFC D . -27.58 29.24 52.42
C23 QFC D . -28.00 37.78 37.70
C25 QFC D . -25.60 38.13 37.01
C27 QFC D . -28.07 38.92 46.30
C29 QFC D . -26.34 35.04 49.89
C3 QFC D . -26.84 30.14 53.18
C30 QFC D . -26.58 33.55 50.05
C31 QFC D . -27.64 27.86 52.80
C9 QFC D . -28.10 37.68 48.38
F QFC D . -28.83 31.42 49.84
N2 QFC D . -28.38 36.57 39.85
N4 QFC D . -27.71 26.75 53.07
O1 QFC D . -29.37 34.63 39.16
O2 QFC D . -24.77 38.69 36.32
O3 QFC D . -25.67 36.62 40.23
#